data_7S3P
#
_entry.id   7S3P
#
_cell.length_a   101.448
_cell.length_b   158.535
_cell.length_c   293.233
_cell.angle_alpha   90.000
_cell.angle_beta   90.000
_cell.angle_gamma   90.000
#
_symmetry.space_group_name_H-M   'C 2 2 21'
#
loop_
_entity.id
_entity.type
_entity.pdbx_description
1 polymer 'Bromodomain-containing protein 3'
2 non-polymer 'Physachenolide C'
3 non-polymer 'CHLORIDE ION'
4 water water
#
_entity_poly.entity_id   1
_entity_poly.type   'polypeptide(L)'
_entity_poly.pdbx_seq_one_letter_code
;GGKLSEHLRYCDSILREMLSKKHAAYAWPFYKPVDAEALELHDYHDIIKHPMDLSTVKRKMDGREYPDAQGFAADVRLMF
SNCYKYNPPDHEVVAMARKLQDVFEMRFAKMP
;
_entity_poly.pdbx_strand_id   K,A,B,C,D,E,F,G,H,I,J
#
loop_
_chem_comp.id
_chem_comp.type
_chem_comp.name
_chem_comp.formula
8L6 non-polymer 'Physachenolide C' 'C30 H42 O9'
CL non-polymer 'CHLORIDE ION' 'Cl -1'
#
# COMPACT_ATOMS: atom_id res chain seq x y z
N SER A 5 12.00 10.31 -38.97
CA SER A 5 12.49 11.10 -37.82
C SER A 5 11.70 10.75 -36.57
N GLU A 6 12.13 11.27 -35.44
CA GLU A 6 11.41 11.01 -34.17
C GLU A 6 10.02 11.65 -34.28
N HIS A 7 9.98 12.90 -34.70
CA HIS A 7 8.75 13.68 -34.81
C HIS A 7 7.78 13.05 -35.81
N LEU A 8 8.32 12.52 -36.91
CA LEU A 8 7.45 11.92 -37.92
C LEU A 8 6.81 10.63 -37.44
N ARG A 9 7.47 9.86 -36.56
CA ARG A 9 6.81 8.68 -36.00
C ARG A 9 5.65 9.10 -35.09
N TYR A 10 5.85 10.16 -34.30
CA TYR A 10 4.70 10.63 -33.54
C TYR A 10 3.59 11.09 -34.47
N CYS A 11 3.95 11.73 -35.58
CA CYS A 11 2.92 12.12 -36.54
C CYS A 11 2.19 10.90 -37.06
N ASP A 12 2.93 9.83 -37.35
CA ASP A 12 2.32 8.58 -37.79
C ASP A 12 1.27 8.14 -36.78
N SER A 13 1.61 8.20 -35.48
CA SER A 13 0.64 7.81 -34.44
C SER A 13 -0.60 8.71 -34.45
N ILE A 14 -0.42 10.03 -34.63
CA ILE A 14 -1.57 10.93 -34.78
C ILE A 14 -2.45 10.47 -35.92
N LEU A 15 -1.83 10.14 -37.05
CA LEU A 15 -2.56 9.67 -38.20
C LEU A 15 -3.37 8.43 -37.86
N ARG A 16 -2.73 7.48 -37.17
CA ARG A 16 -3.45 6.30 -36.72
C ARG A 16 -4.70 6.69 -35.95
N GLU A 17 -4.54 7.56 -34.96
CA GLU A 17 -5.70 7.93 -34.15
C GLU A 17 -6.79 8.57 -35.01
N MET A 18 -6.41 9.47 -35.91
CA MET A 18 -7.44 10.09 -36.73
C MET A 18 -8.18 9.05 -37.58
N LEU A 19 -7.52 7.97 -37.97
CA LEU A 19 -8.19 6.96 -38.80
C LEU A 19 -8.93 5.90 -37.99
N SER A 20 -8.89 5.95 -36.66
CA SER A 20 -9.46 4.91 -35.81
C SER A 20 -10.98 5.06 -35.70
N LYS A 21 -11.64 3.97 -35.25
CA LYS A 21 -13.09 4.01 -35.01
C LYS A 21 -13.45 5.09 -34.00
N LYS A 22 -12.55 5.38 -33.06
CA LYS A 22 -12.84 6.30 -31.98
C LYS A 22 -13.46 7.60 -32.49
N HIS A 23 -13.02 8.07 -33.65
CA HIS A 23 -13.47 9.34 -34.20
C HIS A 23 -14.27 9.18 -35.48
N ALA A 24 -14.54 7.95 -35.92
CA ALA A 24 -15.16 7.75 -37.22
C ALA A 24 -16.42 8.60 -37.37
N ALA A 25 -17.21 8.68 -36.32
CA ALA A 25 -18.46 9.42 -36.30
C ALA A 25 -18.34 10.79 -36.96
N TYR A 26 -17.25 11.51 -36.70
CA TYR A 26 -17.04 12.81 -37.32
C TYR A 26 -15.87 12.86 -38.28
N ALA A 27 -15.06 11.79 -38.38
CA ALA A 27 -13.89 11.84 -39.23
C ALA A 27 -14.15 11.32 -40.65
N TRP A 28 -15.23 10.56 -40.84
CA TRP A 28 -15.38 9.82 -42.07
C TRP A 28 -15.45 10.69 -43.32
N PRO A 29 -15.95 11.93 -43.29
CA PRO A 29 -15.96 12.74 -44.54
C PRO A 29 -14.57 13.07 -45.06
N PHE A 30 -13.51 12.77 -44.32
CA PHE A 30 -12.15 13.07 -44.75
C PHE A 30 -11.34 11.82 -45.04
N TYR A 31 -11.98 10.65 -45.06
CA TYR A 31 -11.24 9.40 -45.26
C TYR A 31 -10.67 9.33 -46.67
N LYS A 32 -11.52 9.46 -47.68
CA LYS A 32 -11.10 9.37 -49.07
C LYS A 32 -11.27 10.74 -49.74
N PRO A 33 -10.67 10.95 -50.92
CA PRO A 33 -10.72 12.28 -51.54
C PRO A 33 -12.14 12.68 -51.88
N VAL A 34 -12.36 13.99 -51.96
CA VAL A 34 -13.69 14.52 -52.25
C VAL A 34 -14.06 14.16 -53.69
N ASP A 35 -15.09 13.33 -53.87
CA ASP A 35 -15.52 13.04 -55.23
C ASP A 35 -16.51 14.10 -55.65
N ALA A 36 -16.02 15.14 -56.33
CA ALA A 36 -16.87 16.27 -56.68
C ALA A 36 -18.03 15.84 -57.58
N GLU A 37 -17.77 14.88 -58.49
CA GLU A 37 -18.84 14.46 -59.41
C GLU A 37 -19.92 13.68 -58.68
N ALA A 38 -19.53 12.69 -57.86
CA ALA A 38 -20.53 11.91 -57.11
C ALA A 38 -21.31 12.80 -56.17
N LEU A 39 -20.66 13.80 -55.61
CA LEU A 39 -21.32 14.70 -54.68
C LEU A 39 -21.99 15.87 -55.40
N GLU A 40 -21.94 15.90 -56.74
CA GLU A 40 -22.55 16.97 -57.53
C GLU A 40 -22.13 18.35 -57.04
N LEU A 41 -20.82 18.55 -56.88
CA LEU A 41 -20.23 19.81 -56.44
C LEU A 41 -19.51 20.45 -57.61
N HIS A 42 -20.26 21.17 -58.44
CA HIS A 42 -19.70 21.58 -59.71
C HIS A 42 -18.65 22.68 -59.57
N ASP A 43 -18.54 23.30 -58.41
CA ASP A 43 -17.61 24.39 -58.19
C ASP A 43 -16.43 23.97 -57.32
N TYR A 44 -16.36 22.70 -56.91
CA TYR A 44 -15.34 22.29 -55.96
C TYR A 44 -13.94 22.61 -56.46
N HIS A 45 -13.63 22.21 -57.70
CA HIS A 45 -12.28 22.40 -58.20
C HIS A 45 -12.03 23.83 -58.67
N ASP A 46 -13.04 24.67 -58.70
CA ASP A 46 -12.77 26.08 -58.87
C ASP A 46 -12.30 26.73 -57.58
N ILE A 47 -12.84 26.30 -56.45
CA ILE A 47 -12.50 26.91 -55.17
C ILE A 47 -11.32 26.22 -54.50
N ILE A 48 -11.30 24.90 -54.50
CA ILE A 48 -10.27 24.13 -53.85
C ILE A 48 -9.23 23.75 -54.91
N LYS A 49 -8.06 24.40 -54.88
CA LYS A 49 -7.03 24.11 -55.88
C LYS A 49 -6.01 23.04 -55.45
N HIS A 50 -5.99 22.64 -54.18
CA HIS A 50 -5.01 21.65 -53.70
C HIS A 50 -5.75 20.71 -52.80
N PRO A 51 -6.56 19.83 -53.39
CA PRO A 51 -7.33 18.88 -52.61
C PRO A 51 -6.43 18.06 -51.68
N MET A 52 -7.03 17.58 -50.61
CA MET A 52 -6.27 16.83 -49.64
C MET A 52 -7.25 16.06 -48.76
N ASP A 53 -6.82 14.87 -48.36
CA ASP A 53 -7.62 13.98 -47.54
C ASP A 53 -6.69 13.09 -46.74
N LEU A 54 -7.29 12.29 -45.86
CA LEU A 54 -6.51 11.48 -44.94
C LEU A 54 -5.77 10.36 -45.67
N SER A 55 -6.38 9.77 -46.69
CA SER A 55 -5.69 8.70 -47.41
C SER A 55 -4.46 9.23 -48.14
N THR A 56 -4.57 10.40 -48.79
CA THR A 56 -3.39 10.99 -49.43
C THR A 56 -2.28 11.20 -48.40
N VAL A 57 -2.66 11.61 -47.19
CA VAL A 57 -1.67 11.81 -46.14
C VAL A 57 -1.03 10.49 -45.76
N LYS A 58 -1.82 9.41 -45.69
CA LYS A 58 -1.23 8.11 -45.43
C LYS A 58 -0.24 7.72 -46.53
N ARG A 59 -0.62 7.94 -47.80
CA ARG A 59 0.30 7.66 -48.90
C ARG A 59 1.62 8.38 -48.68
N LYS A 60 1.54 9.69 -48.51
CA LYS A 60 2.75 10.48 -48.33
C LYS A 60 3.54 10.04 -47.10
N MET A 61 2.85 9.58 -46.07
CA MET A 61 3.50 9.14 -44.81
C MET A 61 4.14 7.76 -45.03
N ASP A 62 3.42 6.86 -45.71
CA ASP A 62 3.91 5.48 -45.97
C ASP A 62 5.06 5.51 -46.98
N GLY A 63 5.07 6.51 -47.87
CA GLY A 63 6.12 6.62 -48.90
C GLY A 63 7.26 7.52 -48.42
N ARG A 64 7.28 7.86 -47.14
CA ARG A 64 8.34 8.73 -46.55
C ARG A 64 8.48 9.98 -47.43
N GLU A 65 7.37 10.70 -47.64
CA GLU A 65 7.37 11.89 -48.51
C GLU A 65 7.39 13.18 -47.67
N TYR A 66 7.29 13.10 -46.35
CA TYR A 66 7.29 14.37 -45.60
C TYR A 66 8.69 14.69 -45.09
N PRO A 67 9.21 15.89 -45.37
CA PRO A 67 10.55 16.23 -44.85
C PRO A 67 10.62 16.30 -43.33
N ASP A 68 9.54 16.70 -42.68
CA ASP A 68 9.52 16.86 -41.23
C ASP A 68 8.07 16.96 -40.79
N ALA A 69 7.86 17.01 -39.47
CA ALA A 69 6.48 17.07 -38.96
C ALA A 69 5.73 18.29 -39.49
N GLN A 70 6.44 19.39 -39.77
CA GLN A 70 5.76 20.61 -40.19
C GLN A 70 5.12 20.46 -41.57
N GLY A 71 5.71 19.69 -42.48
CA GLY A 71 5.03 19.43 -43.73
C GLY A 71 3.80 18.56 -43.52
N PHE A 72 3.91 17.59 -42.63
CA PHE A 72 2.75 16.78 -42.28
C PHE A 72 1.60 17.66 -41.85
N ALA A 73 1.88 18.55 -40.87
CA ALA A 73 0.85 19.45 -40.37
C ALA A 73 0.32 20.33 -41.49
N ALA A 74 1.19 20.79 -42.38
CA ALA A 74 0.73 21.62 -43.48
C ALA A 74 -0.35 20.90 -44.27
N ASP A 75 -0.13 19.63 -44.61
CA ASP A 75 -1.12 18.88 -45.38
C ASP A 75 -2.41 18.62 -44.58
N VAL A 76 -2.28 18.28 -43.29
CA VAL A 76 -3.49 18.06 -42.48
C VAL A 76 -4.32 19.32 -42.37
N ARG A 77 -3.66 20.43 -41.99
CA ARG A 77 -4.35 21.72 -41.87
C ARG A 77 -4.92 22.15 -43.21
N LEU A 78 -4.21 21.86 -44.31
CA LEU A 78 -4.72 22.19 -45.63
C LEU A 78 -6.05 21.50 -45.87
N MET A 79 -6.11 20.20 -45.54
CA MET A 79 -7.37 19.44 -45.63
C MET A 79 -8.50 20.16 -44.89
N PHE A 80 -8.23 20.54 -43.65
CA PHE A 80 -9.23 21.22 -42.85
C PHE A 80 -9.62 22.56 -43.48
N SER A 81 -8.62 23.35 -43.88
CA SER A 81 -8.89 24.67 -44.45
C SER A 81 -9.76 24.54 -45.68
N ASN A 82 -9.49 23.53 -46.51
CA ASN A 82 -10.32 23.32 -47.69
C ASN A 82 -11.76 23.09 -47.30
N CYS A 83 -12.00 22.27 -46.27
CA CYS A 83 -13.38 22.07 -45.88
C CYS A 83 -14.04 23.39 -45.48
N TYR A 84 -13.32 24.20 -44.67
CA TYR A 84 -13.87 25.47 -44.23
C TYR A 84 -14.06 26.44 -45.38
N LYS A 85 -13.09 26.51 -46.31
CA LYS A 85 -13.21 27.39 -47.46
C LYS A 85 -14.46 27.05 -48.27
N TYR A 86 -14.69 25.75 -48.52
CA TYR A 86 -15.75 25.39 -49.46
C TYR A 86 -17.15 25.50 -48.85
N ASN A 87 -17.33 25.10 -47.55
CA ASN A 87 -18.71 25.13 -47.04
C ASN A 87 -19.01 26.43 -46.31
N PRO A 88 -20.28 26.83 -46.24
CA PRO A 88 -20.66 27.92 -45.36
C PRO A 88 -20.59 27.47 -43.91
N PRO A 89 -20.38 28.39 -42.96
CA PRO A 89 -19.99 28.00 -41.61
C PRO A 89 -21.12 27.43 -40.76
N ASP A 90 -22.32 27.21 -41.33
CA ASP A 90 -23.41 26.60 -40.59
C ASP A 90 -23.67 25.16 -41.04
N HIS A 91 -22.86 24.64 -41.96
CA HIS A 91 -22.96 23.26 -42.38
C HIS A 91 -22.40 22.34 -41.29
N GLU A 92 -23.08 21.20 -41.08
CA GLU A 92 -22.63 20.26 -40.05
C GLU A 92 -21.24 19.69 -40.37
N VAL A 93 -20.91 19.54 -41.66
CA VAL A 93 -19.59 19.05 -42.02
C VAL A 93 -18.50 19.94 -41.44
N VAL A 94 -18.76 21.25 -41.32
CA VAL A 94 -17.77 22.14 -40.74
C VAL A 94 -17.60 21.85 -39.26
N ALA A 95 -18.70 21.53 -38.56
CA ALA A 95 -18.61 21.13 -37.16
C ALA A 95 -17.80 19.85 -37.00
N MET A 96 -18.03 18.86 -37.88
CA MET A 96 -17.22 17.65 -37.82
C MET A 96 -15.75 17.95 -38.10
N ALA A 97 -15.47 18.72 -39.16
CA ALA A 97 -14.11 19.17 -39.43
C ALA A 97 -13.48 19.78 -38.19
N ARG A 98 -14.23 20.61 -37.46
CA ARG A 98 -13.68 21.25 -36.26
C ARG A 98 -13.38 20.21 -35.18
N LYS A 99 -14.31 19.28 -34.92
CA LYS A 99 -14.03 18.21 -33.96
C LYS A 99 -12.72 17.51 -34.32
N LEU A 100 -12.59 17.07 -35.56
CA LEU A 100 -11.42 16.30 -35.94
C LEU A 100 -10.16 17.15 -35.83
N GLN A 101 -10.24 18.43 -36.21
CA GLN A 101 -9.06 19.26 -36.08
C GLN A 101 -8.69 19.50 -34.61
N ASP A 102 -9.69 19.52 -33.73
CA ASP A 102 -9.40 19.57 -32.29
C ASP A 102 -8.53 18.39 -31.91
N VAL A 103 -8.93 17.19 -32.32
CA VAL A 103 -8.10 16.02 -32.04
C VAL A 103 -6.68 16.22 -32.58
N PHE A 104 -6.57 16.59 -33.86
CA PHE A 104 -5.24 16.69 -34.47
C PHE A 104 -4.37 17.72 -33.75
N GLU A 105 -4.91 18.93 -33.53
CA GLU A 105 -4.11 19.99 -32.93
C GLU A 105 -3.73 19.63 -31.50
N MET A 106 -4.64 19.00 -30.75
CA MET A 106 -4.28 18.55 -29.41
C MET A 106 -3.14 17.55 -29.46
N ARG A 107 -3.27 16.50 -30.26
CA ARG A 107 -2.21 15.49 -30.25
C ARG A 107 -0.89 16.10 -30.75
N PHE A 108 -0.96 16.98 -31.75
CA PHE A 108 0.25 17.59 -32.31
C PHE A 108 0.94 18.53 -31.32
N ALA A 109 0.15 19.32 -30.58
CA ALA A 109 0.71 20.20 -29.55
C ALA A 109 1.42 19.41 -28.46
N LYS A 110 0.86 18.24 -28.10
CA LYS A 110 1.45 17.42 -27.06
C LYS A 110 2.63 16.57 -27.56
N MET A 111 3.11 16.80 -28.79
CA MET A 111 4.28 16.08 -29.29
C MET A 111 5.45 16.24 -28.32
N PRO A 112 6.14 15.15 -27.95
CA PRO A 112 7.27 15.32 -27.03
C PRO A 112 8.34 16.24 -27.58
N SER B 5 13.20 22.19 -8.54
CA SER B 5 13.72 21.46 -9.71
C SER B 5 12.65 21.40 -10.81
N GLU B 6 13.09 21.10 -12.04
CA GLU B 6 12.15 21.07 -13.17
C GLU B 6 10.96 20.15 -12.87
N HIS B 7 11.25 18.89 -12.55
CA HIS B 7 10.18 17.95 -12.25
C HIS B 7 9.33 18.45 -11.08
N LEU B 8 9.97 19.03 -10.06
CA LEU B 8 9.20 19.50 -8.92
C LEU B 8 8.33 20.69 -9.31
N ARG B 9 8.74 21.48 -10.30
CA ARG B 9 7.87 22.57 -10.77
C ARG B 9 6.65 22.01 -11.49
N TYR B 10 6.83 20.95 -12.28
CA TYR B 10 5.64 20.31 -12.86
C TYR B 10 4.73 19.78 -11.75
N CYS B 11 5.33 19.21 -10.70
CA CYS B 11 4.53 18.72 -9.58
C CYS B 11 3.72 19.83 -8.96
N ASP B 12 4.33 21.02 -8.81
CA ASP B 12 3.56 22.16 -8.30
C ASP B 12 2.33 22.40 -9.16
N SER B 13 2.50 22.36 -10.49
CA SER B 13 1.33 22.55 -11.35
C SER B 13 0.27 21.47 -11.11
N ILE B 14 0.68 20.21 -10.97
CA ILE B 14 -0.29 19.15 -10.66
C ILE B 14 -1.06 19.50 -9.39
N LEU B 15 -0.33 19.96 -8.36
CA LEU B 15 -0.97 20.38 -7.13
C LEU B 15 -1.98 21.49 -7.38
N ARG B 16 -1.62 22.48 -8.21
CA ARG B 16 -2.57 23.52 -8.57
C ARG B 16 -3.87 22.92 -9.09
N GLU B 17 -3.75 22.00 -10.05
CA GLU B 17 -4.96 21.41 -10.61
C GLU B 17 -5.79 20.68 -9.56
N MET B 18 -5.15 19.91 -8.68
CA MET B 18 -5.97 19.18 -7.71
C MET B 18 -6.72 20.13 -6.77
N LEU B 19 -6.17 21.31 -6.49
CA LEU B 19 -6.81 22.23 -5.57
C LEU B 19 -7.81 23.17 -6.23
N SER B 20 -7.97 23.06 -7.54
CA SER B 20 -8.83 23.97 -8.29
C SER B 20 -10.30 23.57 -8.17
N LYS B 21 -11.17 24.55 -8.47
CA LYS B 21 -12.62 24.29 -8.47
C LYS B 21 -12.97 23.15 -9.42
N LYS B 22 -12.18 22.98 -10.49
CA LYS B 22 -12.47 21.99 -11.52
C LYS B 22 -12.82 20.63 -10.95
N HIS B 23 -12.16 20.22 -9.87
CA HIS B 23 -12.32 18.90 -9.27
C HIS B 23 -12.94 18.94 -7.89
N ALA B 24 -13.36 20.13 -7.44
CA ALA B 24 -13.81 20.32 -6.06
C ALA B 24 -14.89 19.31 -5.69
N ALA B 25 -15.81 19.02 -6.61
CA ALA B 25 -16.91 18.09 -6.40
C ALA B 25 -16.44 16.83 -5.67
N TYR B 26 -15.30 16.27 -6.09
CA TYR B 26 -14.79 15.08 -5.44
C TYR B 26 -13.48 15.30 -4.69
N ALA B 27 -12.87 16.47 -4.78
CA ALA B 27 -11.56 16.64 -4.15
C ALA B 27 -11.63 17.17 -2.73
N TRP B 28 -12.74 17.78 -2.32
CA TRP B 28 -12.73 18.52 -1.07
C TRP B 28 -12.47 17.68 0.18
N PRO B 29 -12.85 16.40 0.25
CA PRO B 29 -12.56 15.64 1.47
C PRO B 29 -11.08 15.47 1.75
N PHE B 30 -10.22 15.87 0.80
CA PHE B 30 -8.79 15.71 0.94
C PHE B 30 -8.09 17.05 1.12
N TYR B 31 -8.87 18.12 1.30
CA TYR B 31 -8.30 19.45 1.44
C TYR B 31 -7.58 19.62 2.76
N LYS B 32 -8.27 19.41 3.87
CA LYS B 32 -7.67 19.60 5.18
C LYS B 32 -7.51 18.24 5.86
N PRO B 33 -6.68 18.13 6.89
CA PRO B 33 -6.44 16.82 7.50
C PRO B 33 -7.73 16.24 8.05
N VAL B 34 -7.73 14.92 8.17
CA VAL B 34 -8.91 14.20 8.63
C VAL B 34 -9.12 14.55 10.09
N ASP B 35 -10.24 15.21 10.40
CA ASP B 35 -10.56 15.57 11.78
C ASP B 35 -11.26 14.40 12.46
N ALA B 36 -10.47 13.55 13.13
CA ALA B 36 -11.04 12.33 13.69
C ALA B 36 -12.08 12.62 14.76
N GLU B 37 -11.81 13.61 15.61
CA GLU B 37 -12.76 13.93 16.69
C GLU B 37 -14.00 14.59 16.11
N ALA B 38 -13.82 15.56 15.22
CA ALA B 38 -14.96 16.23 14.62
C ALA B 38 -15.83 15.26 13.81
N LEU B 39 -15.24 14.27 13.16
CA LEU B 39 -16.00 13.29 12.40
C LEU B 39 -16.37 12.07 13.23
N GLU B 40 -16.03 12.08 14.52
CA GLU B 40 -16.34 10.99 15.45
C GLU B 40 -15.86 9.65 14.90
N LEU B 41 -14.59 9.59 14.50
CA LEU B 41 -13.95 8.38 13.95
C LEU B 41 -12.97 7.88 14.99
N HIS B 42 -13.46 7.06 15.92
CA HIS B 42 -12.67 6.78 17.10
C HIS B 42 -11.47 5.92 16.80
N ASP B 43 -11.44 5.25 15.66
CA ASP B 43 -10.37 4.33 15.31
C ASP B 43 -9.45 4.86 14.22
N TYR B 44 -9.66 6.11 13.76
CA TYR B 44 -8.93 6.58 12.60
C TYR B 44 -7.43 6.51 12.82
N HIS B 45 -6.94 7.04 13.95
CA HIS B 45 -5.51 7.01 14.18
C HIS B 45 -5.04 5.64 14.68
N ASP B 46 -5.98 4.72 14.93
CA ASP B 46 -5.64 3.32 15.15
C ASP B 46 -5.25 2.64 13.85
N ILE B 47 -5.95 2.96 12.77
CA ILE B 47 -5.71 2.31 11.49
C ILE B 47 -4.71 3.07 10.63
N ILE B 48 -4.83 4.39 10.60
CA ILE B 48 -3.96 5.24 9.78
C ILE B 48 -2.84 5.77 10.66
N LYS B 49 -1.62 5.26 10.47
CA LYS B 49 -0.46 5.71 11.23
C LYS B 49 0.31 6.85 10.56
N HIS B 50 -0.02 7.22 9.32
CA HIS B 50 0.69 8.27 8.60
C HIS B 50 -0.30 9.14 7.85
N PRO B 51 -1.04 9.99 8.55
CA PRO B 51 -2.03 10.86 7.88
C PRO B 51 -1.39 11.72 6.80
N MET B 52 -2.21 12.09 5.82
CA MET B 52 -1.72 12.92 4.73
C MET B 52 -2.89 13.54 3.98
N ASP B 53 -2.73 14.80 3.56
CA ASP B 53 -3.78 15.47 2.81
C ASP B 53 -3.15 16.53 1.91
N LEU B 54 -4.01 17.14 1.10
CA LEU B 54 -3.53 18.11 0.12
C LEU B 54 -2.91 19.32 0.80
N SER B 55 -3.40 19.70 1.98
CA SER B 55 -2.82 20.84 2.67
C SER B 55 -1.39 20.56 3.09
N THR B 56 -1.16 19.42 3.73
CA THR B 56 0.21 19.00 4.08
C THR B 56 1.11 18.91 2.84
N VAL B 57 0.58 18.40 1.72
CA VAL B 57 1.40 18.34 0.51
C VAL B 57 1.75 19.75 0.01
N LYS B 58 0.78 20.68 0.01
CA LYS B 58 1.06 22.07 -0.39
C LYS B 58 2.07 22.72 0.55
N ARG B 59 1.89 22.53 1.86
CA ARG B 59 2.85 23.02 2.83
C ARG B 59 4.25 22.51 2.49
N LYS B 60 4.39 21.19 2.32
CA LYS B 60 5.71 20.64 2.03
C LYS B 60 6.26 21.20 0.73
N MET B 61 5.41 21.46 -0.26
CA MET B 61 5.90 21.96 -1.54
C MET B 61 6.41 23.39 -1.42
N ASP B 62 5.62 24.26 -0.77
CA ASP B 62 6.05 25.64 -0.61
C ASP B 62 7.25 25.74 0.30
N GLY B 63 7.37 24.84 1.28
CA GLY B 63 8.58 24.83 2.05
C GLY B 63 9.73 24.08 1.41
N ARG B 64 9.61 23.76 0.13
CA ARG B 64 10.68 23.07 -0.65
C ARG B 64 11.24 21.86 0.11
N GLU B 65 10.37 21.08 0.73
CA GLU B 65 10.73 19.92 1.53
C GLU B 65 10.88 18.62 0.73
N TYR B 66 10.45 18.58 -0.53
CA TYR B 66 10.51 17.35 -1.29
C TYR B 66 11.86 17.21 -1.97
N PRO B 67 12.60 16.13 -1.74
CA PRO B 67 13.87 15.94 -2.45
C PRO B 67 13.69 15.73 -3.94
N ASP B 68 12.54 15.20 -4.39
CA ASP B 68 12.32 14.95 -5.80
C ASP B 68 10.83 14.72 -6.04
N ALA B 69 10.47 14.64 -7.32
CA ALA B 69 9.07 14.42 -7.67
C ALA B 69 8.56 13.11 -7.08
N GLN B 70 9.41 12.10 -6.96
CA GLN B 70 8.91 10.81 -6.51
C GLN B 70 8.46 10.88 -5.06
N GLY B 71 9.09 11.72 -4.23
CA GLY B 71 8.58 11.90 -2.88
C GLY B 71 7.23 12.60 -2.87
N PHE B 72 7.05 13.59 -3.75
CA PHE B 72 5.75 14.21 -3.91
C PHE B 72 4.69 13.16 -4.24
N ALA B 73 4.99 12.33 -5.26
CA ALA B 73 4.09 11.26 -5.63
C ALA B 73 3.86 10.30 -4.46
N ALA B 74 4.91 10.03 -3.69
CA ALA B 74 4.77 9.18 -2.51
C ALA B 74 3.74 9.77 -1.55
N ASP B 75 3.80 11.09 -1.32
CA ASP B 75 2.87 11.72 -0.38
C ASP B 75 1.44 11.70 -0.89
N VAL B 76 1.25 12.00 -2.18
CA VAL B 76 -0.10 12.00 -2.76
C VAL B 76 -0.68 10.59 -2.72
N ARG B 77 0.10 9.63 -3.18
CA ARG B 77 -0.35 8.25 -3.15
C ARG B 77 -0.64 7.82 -1.73
N LEU B 78 0.14 8.27 -0.76
CA LEU B 78 -0.16 7.94 0.62
C LEU B 78 -1.53 8.45 1.02
N MET B 79 -1.86 9.69 0.65
CA MET B 79 -3.19 10.24 0.93
C MET B 79 -4.29 9.32 0.42
N PHE B 80 -4.17 8.91 -0.85
CA PHE B 80 -5.16 8.01 -1.42
C PHE B 80 -5.17 6.66 -0.70
N SER B 81 -3.98 6.07 -0.47
CA SER B 81 -3.88 4.76 0.17
C SER B 81 -4.55 4.77 1.53
N ASN B 82 -4.38 5.86 2.30
CA ASN B 82 -5.07 5.99 3.57
C ASN B 82 -6.56 5.91 3.35
N CYS B 83 -7.06 6.60 2.33
CA CYS B 83 -8.51 6.59 2.12
C CYS B 83 -9.00 5.18 1.79
N TYR B 84 -8.27 4.48 0.93
CA TYR B 84 -8.65 3.12 0.58
C TYR B 84 -8.52 2.18 1.78
N LYS B 85 -7.47 2.37 2.59
CA LYS B 85 -7.26 1.53 3.76
C LYS B 85 -8.40 1.67 4.76
N TYR B 86 -8.76 2.90 5.09
CA TYR B 86 -9.64 3.11 6.24
C TYR B 86 -11.09 2.71 5.91
N ASN B 87 -11.57 3.01 4.65
CA ASN B 87 -12.96 2.83 4.23
C ASN B 87 -13.18 1.52 3.51
N PRO B 88 -14.39 0.99 3.55
CA PRO B 88 -14.71 -0.17 2.72
C PRO B 88 -14.78 0.25 1.26
N PRO B 89 -14.58 -0.68 0.32
CA PRO B 89 -14.35 -0.25 -1.06
C PRO B 89 -15.60 0.23 -1.79
N ASP B 90 -16.78 0.09 -1.16
CA ASP B 90 -18.04 0.52 -1.80
C ASP B 90 -18.47 1.89 -1.25
N HIS B 91 -17.60 2.52 -0.47
CA HIS B 91 -17.90 3.86 0.11
C HIS B 91 -17.84 4.93 -0.98
N GLU B 92 -18.69 5.95 -0.89
CA GLU B 92 -18.72 7.03 -1.90
C GLU B 92 -17.41 7.82 -1.84
N VAL B 93 -16.83 7.96 -0.64
CA VAL B 93 -15.57 8.68 -0.52
C VAL B 93 -14.49 7.96 -1.33
N VAL B 94 -14.57 6.64 -1.42
CA VAL B 94 -13.56 5.90 -2.19
C VAL B 94 -13.71 6.21 -3.69
N ALA B 95 -14.94 6.34 -4.18
CA ALA B 95 -15.12 6.73 -5.58
C ALA B 95 -14.54 8.11 -5.84
N MET B 96 -14.73 9.05 -4.89
CA MET B 96 -14.14 10.37 -5.06
C MET B 96 -12.62 10.32 -5.04
N ALA B 97 -12.06 9.65 -4.03
CA ALA B 97 -10.62 9.43 -4.00
C ALA B 97 -10.12 8.89 -5.33
N ARG B 98 -10.85 7.94 -5.92
CA ARG B 98 -10.42 7.36 -7.20
C ARG B 98 -10.48 8.39 -8.32
N LYS B 99 -11.56 9.17 -8.40
CA LYS B 99 -11.63 10.24 -9.41
C LYS B 99 -10.39 11.13 -9.31
N LEU B 100 -10.09 11.59 -8.08
CA LEU B 100 -8.98 12.52 -7.90
C LEU B 100 -7.65 11.85 -8.22
N GLN B 101 -7.49 10.58 -7.86
CA GLN B 101 -6.25 9.90 -8.20
C GLN B 101 -6.13 9.69 -9.70
N ASP B 102 -7.24 9.54 -10.42
CA ASP B 102 -7.16 9.53 -11.88
C ASP B 102 -6.52 10.82 -12.37
N VAL B 103 -7.02 11.95 -11.87
CA VAL B 103 -6.42 13.21 -12.29
C VAL B 103 -4.92 13.19 -12.02
N PHE B 104 -4.56 12.88 -10.77
CA PHE B 104 -3.15 12.98 -10.36
C PHE B 104 -2.26 12.09 -11.22
N GLU B 105 -2.65 10.83 -11.39
CA GLU B 105 -1.83 9.88 -12.10
C GLU B 105 -1.69 10.25 -13.57
N MET B 106 -2.77 10.76 -14.18
CA MET B 106 -2.64 11.21 -15.55
C MET B 106 -1.65 12.36 -15.65
N ARG B 107 -1.82 13.40 -14.84
CA ARG B 107 -0.94 14.55 -14.97
C ARG B 107 0.49 14.19 -14.58
N PHE B 108 0.66 13.35 -13.56
CA PHE B 108 2.01 12.99 -13.14
C PHE B 108 2.72 12.17 -14.19
N ALA B 109 1.99 11.26 -14.84
CA ALA B 109 2.56 10.44 -15.90
C ALA B 109 3.02 11.27 -17.09
N LYS B 110 2.27 12.34 -17.42
CA LYS B 110 2.58 13.17 -18.58
C LYS B 110 3.67 14.19 -18.30
N MET B 111 4.31 14.13 -17.14
CA MET B 111 5.44 14.99 -16.87
C MET B 111 6.49 14.84 -17.97
N PRO B 112 7.00 15.95 -18.53
CA PRO B 112 8.04 16.00 -19.58
C PRO B 112 9.39 15.41 -19.16
N SER C 5 -16.87 -41.68 11.78
CA SER C 5 -17.19 -42.90 12.52
C SER C 5 -16.21 -43.09 13.70
N GLU C 6 -16.62 -43.93 14.64
CA GLU C 6 -15.82 -44.20 15.84
C GLU C 6 -14.39 -44.62 15.48
N HIS C 7 -14.27 -45.65 14.63
CA HIS C 7 -12.96 -46.16 14.27
C HIS C 7 -12.12 -45.08 13.60
N LEU C 8 -12.72 -44.27 12.72
CA LEU C 8 -11.91 -43.25 12.07
C LEU C 8 -11.41 -42.20 13.06
N ARG C 9 -12.20 -41.91 14.10
CA ARG C 9 -11.73 -40.98 15.13
C ARG C 9 -10.57 -41.57 15.91
N TYR C 10 -10.61 -42.88 16.18
CA TYR C 10 -9.45 -43.53 16.79
C TYR C 10 -8.22 -43.41 15.89
N CYS C 11 -8.40 -43.61 14.59
CA CYS C 11 -7.27 -43.45 13.68
C CYS C 11 -6.72 -42.03 13.75
N ASP C 12 -7.61 -41.04 13.88
CA ASP C 12 -7.16 -39.67 14.04
C ASP C 12 -6.19 -39.56 15.23
N SER C 13 -6.54 -40.18 16.34
CA SER C 13 -5.65 -40.14 17.50
C SER C 13 -4.31 -40.81 17.21
N ILE C 14 -4.33 -41.96 16.51
CA ILE C 14 -3.08 -42.61 16.16
C ILE C 14 -2.18 -41.65 15.39
N LEU C 15 -2.76 -41.01 14.37
CA LEU C 15 -1.99 -40.08 13.56
C LEU C 15 -1.38 -38.98 14.42
N ARG C 16 -2.17 -38.43 15.35
CA ARG C 16 -1.63 -37.45 16.28
C ARG C 16 -0.39 -37.99 16.96
N GLU C 17 -0.47 -39.20 17.51
CA GLU C 17 0.67 -39.73 18.24
C GLU C 17 1.89 -39.81 17.35
N MET C 18 1.72 -40.32 16.13
CA MET C 18 2.86 -40.47 15.23
C MET C 18 3.49 -39.12 14.89
N LEU C 19 2.70 -38.04 14.92
CA LEU C 19 3.22 -36.72 14.63
C LEU C 19 3.77 -35.99 15.85
N SER C 20 3.70 -36.60 17.04
CA SER C 20 4.10 -35.95 18.29
C SER C 20 5.61 -35.97 18.49
N LYS C 21 6.09 -35.06 19.36
CA LYS C 21 7.52 -35.00 19.69
C LYS C 21 8.00 -36.31 20.27
N LYS C 22 7.11 -37.05 20.95
CA LYS C 22 7.51 -38.28 21.60
C LYS C 22 8.26 -39.21 20.65
N HIS C 23 7.85 -39.24 19.37
CA HIS C 23 8.43 -40.13 18.37
C HIS C 23 9.23 -39.38 17.32
N ALA C 24 9.36 -38.05 17.45
CA ALA C 24 10.01 -37.28 16.39
C ALA C 24 11.39 -37.84 16.06
N ALA C 25 12.12 -38.30 17.08
CA ALA C 25 13.46 -38.87 16.91
C ALA C 25 13.54 -39.81 15.71
N TYR C 26 12.55 -40.69 15.54
CA TYR C 26 12.55 -41.59 14.40
C TYR C 26 11.42 -41.33 13.42
N ALA C 27 10.51 -40.40 13.69
CA ALA C 27 9.41 -40.24 12.75
C ALA C 27 9.66 -39.16 11.70
N TRP C 28 10.63 -38.28 11.90
CA TRP C 28 10.73 -37.11 11.03
C TRP C 28 10.93 -37.41 9.55
N PRO C 29 11.56 -38.50 9.10
CA PRO C 29 11.67 -38.73 7.65
C PRO C 29 10.33 -38.96 6.99
N PHE C 30 9.26 -39.18 7.74
CA PHE C 30 7.97 -39.46 7.14
C PHE C 30 7.00 -38.31 7.29
N TYR C 31 7.48 -37.14 7.75
CA TYR C 31 6.60 -35.99 7.99
C TYR C 31 6.08 -35.41 6.68
N LYS C 32 6.97 -35.09 5.76
CA LYS C 32 6.64 -34.48 4.47
C LYS C 32 6.96 -35.45 3.32
N PRO C 33 6.48 -35.17 2.11
CA PRO C 33 6.73 -36.10 1.01
C PRO C 33 8.22 -36.22 0.71
N VAL C 34 8.62 -37.34 0.12
CA VAL C 34 10.01 -37.52 -0.26
C VAL C 34 10.30 -36.58 -1.40
N ASP C 35 11.22 -35.64 -1.19
CA ASP C 35 11.67 -34.72 -2.23
C ASP C 35 12.86 -35.36 -2.93
N ALA C 36 12.58 -36.08 -4.01
CA ALA C 36 13.62 -36.88 -4.66
C ALA C 36 14.75 -36.01 -5.21
N GLU C 37 14.41 -34.83 -5.77
CA GLU C 37 15.44 -33.98 -6.36
C GLU C 37 16.31 -33.37 -5.28
N ALA C 38 15.70 -32.91 -4.20
CA ALA C 38 16.49 -32.26 -3.15
C ALA C 38 17.39 -33.28 -2.46
N LEU C 39 17.14 -34.55 -2.68
CA LEU C 39 17.91 -35.59 -1.97
C LEU C 39 18.77 -36.38 -2.95
N GLU C 40 18.76 -35.97 -4.21
CA GLU C 40 19.53 -36.63 -5.29
C GLU C 40 19.19 -38.11 -5.33
N LEU C 41 17.91 -38.44 -5.41
CA LEU C 41 17.44 -39.84 -5.53
C LEU C 41 16.88 -39.93 -6.93
N HIS C 42 17.74 -40.14 -7.92
CA HIS C 42 17.35 -40.13 -9.34
C HIS C 42 16.43 -41.30 -9.67
N ASP C 43 16.49 -42.35 -8.88
CA ASP C 43 15.68 -43.51 -9.22
C ASP C 43 14.47 -43.66 -8.31
N TYR C 44 14.24 -42.72 -7.40
CA TYR C 44 13.17 -42.90 -6.42
C TYR C 44 11.84 -43.15 -7.10
N HIS C 45 11.49 -42.31 -8.07
CA HIS C 45 10.17 -42.48 -8.67
C HIS C 45 10.13 -43.58 -9.71
N ASP C 46 11.26 -44.20 -10.04
CA ASP C 46 11.23 -45.46 -10.78
C ASP C 46 10.80 -46.62 -9.89
N ILE C 47 11.25 -46.65 -8.64
CA ILE C 47 10.96 -47.77 -7.75
C ILE C 47 9.66 -47.56 -6.99
N ILE C 48 9.39 -46.36 -6.51
CA ILE C 48 8.16 -46.06 -5.78
C ILE C 48 7.19 -45.44 -6.78
N LYS C 49 6.16 -46.19 -7.17
CA LYS C 49 5.13 -45.65 -8.05
C LYS C 49 3.98 -45.00 -7.30
N HIS C 50 3.92 -45.15 -5.96
CA HIS C 50 2.82 -44.61 -5.16
C HIS C 50 3.34 -43.99 -3.87
N PRO C 51 3.98 -42.84 -3.96
CA PRO C 51 4.51 -42.19 -2.76
C PRO C 51 3.41 -41.93 -1.74
N MET C 52 3.83 -41.81 -0.49
CA MET C 52 2.93 -41.58 0.64
C MET C 52 3.74 -41.13 1.82
N ASP C 53 3.17 -40.23 2.63
CA ASP C 53 3.83 -39.72 3.83
C ASP C 53 2.80 -39.25 4.84
N LEU C 54 3.27 -38.91 6.03
CA LEU C 54 2.34 -38.60 7.11
C LEU C 54 1.55 -37.32 6.83
N SER C 55 2.17 -36.32 6.20
CA SER C 55 1.45 -35.10 5.89
C SER C 55 0.28 -35.38 4.94
N THR C 56 0.53 -36.15 3.87
CA THR C 56 -0.56 -36.58 2.98
C THR C 56 -1.64 -37.35 3.74
N VAL C 57 -1.24 -38.18 4.72
CA VAL C 57 -2.26 -38.88 5.51
C VAL C 57 -3.08 -37.88 6.33
N LYS C 58 -2.44 -36.87 6.93
CA LYS C 58 -3.19 -35.87 7.68
C LYS C 58 -4.13 -35.13 6.74
N ARG C 59 -3.66 -34.76 5.56
CA ARG C 59 -4.52 -34.08 4.59
C ARG C 59 -5.76 -34.91 4.31
N LYS C 60 -5.57 -36.16 3.87
CA LYS C 60 -6.72 -37.01 3.56
C LYS C 60 -7.62 -37.19 4.77
N MET C 61 -7.04 -37.25 5.97
CA MET C 61 -7.85 -37.47 7.17
C MET C 61 -8.70 -36.24 7.48
N ASP C 62 -8.07 -35.07 7.48
CA ASP C 62 -8.76 -33.82 7.80
C ASP C 62 -9.86 -33.52 6.79
N GLY C 63 -9.68 -33.95 5.53
CA GLY C 63 -10.71 -33.87 4.52
C GLY C 63 -11.68 -35.04 4.53
N ARG C 64 -11.66 -35.84 5.59
CA ARG C 64 -12.59 -36.99 5.76
C ARG C 64 -12.63 -37.85 4.49
N GLU C 65 -11.48 -38.08 3.91
CA GLU C 65 -11.35 -38.81 2.65
C GLU C 65 -11.25 -40.32 2.81
N TYR C 66 -11.08 -40.83 4.02
CA TYR C 66 -10.98 -42.28 4.15
C TYR C 66 -12.36 -42.86 4.39
N PRO C 67 -12.79 -43.84 3.58
CA PRO C 67 -14.11 -44.45 3.80
C PRO C 67 -14.22 -45.21 5.11
N ASP C 68 -13.11 -45.72 5.65
CA ASP C 68 -13.12 -46.52 6.87
C ASP C 68 -11.68 -46.59 7.41
N ALA C 69 -11.53 -47.20 8.59
CA ALA C 69 -10.19 -47.30 9.18
C ALA C 69 -9.23 -48.13 8.31
N GLN C 70 -9.74 -49.11 7.57
CA GLN C 70 -8.83 -49.96 6.80
C GLN C 70 -8.13 -49.18 5.69
N GLY C 71 -8.76 -48.14 5.15
CA GLY C 71 -8.09 -47.28 4.19
C GLY C 71 -6.98 -46.45 4.81
N PHE C 72 -7.24 -45.93 6.01
CA PHE C 72 -6.19 -45.25 6.75
C PHE C 72 -4.99 -46.17 6.92
N ALA C 73 -5.23 -47.40 7.41
CA ALA C 73 -4.16 -48.36 7.63
C ALA C 73 -3.43 -48.69 6.33
N ALA C 74 -4.18 -48.88 5.25
CA ALA C 74 -3.58 -49.15 3.96
C ALA C 74 -2.57 -48.07 3.59
N ASP C 75 -2.96 -46.79 3.73
CA ASP C 75 -2.05 -45.70 3.36
C ASP C 75 -0.83 -45.65 4.28
N VAL C 76 -1.01 -45.84 5.59
CA VAL C 76 0.13 -45.81 6.49
C VAL C 76 1.11 -46.92 6.15
N ARG C 77 0.58 -48.13 6.00
CA ARG C 77 1.41 -49.26 5.65
C ARG C 77 2.13 -49.03 4.35
N LEU C 78 1.47 -48.35 3.40
CA LEU C 78 2.12 -48.00 2.15
C LEU C 78 3.35 -47.13 2.39
N MET C 79 3.23 -46.12 3.25
CA MET C 79 4.38 -45.29 3.56
C MET C 79 5.56 -46.15 4.03
N PHE C 80 5.28 -47.06 4.97
CA PHE C 80 6.37 -47.92 5.46
C PHE C 80 6.91 -48.83 4.35
N SER C 81 6.00 -49.49 3.62
CA SER C 81 6.43 -50.40 2.58
C SER C 81 7.29 -49.69 1.55
N ASN C 82 7.03 -48.41 1.34
CA ASN C 82 7.84 -47.66 0.35
C ASN C 82 9.28 -47.54 0.83
N CYS C 83 9.46 -47.36 2.13
CA CYS C 83 10.80 -47.18 2.74
C CYS C 83 11.57 -48.48 2.61
N TYR C 84 10.95 -49.58 3.03
CA TYR C 84 11.59 -50.91 2.99
C TYR C 84 11.94 -51.30 1.55
N LYS C 85 11.11 -50.92 0.61
CA LYS C 85 11.35 -51.26 -0.80
C LYS C 85 12.48 -50.42 -1.38
N TYR C 86 12.54 -49.13 -1.08
CA TYR C 86 13.60 -48.28 -1.69
C TYR C 86 14.97 -48.51 -1.05
N ASN C 87 15.05 -48.42 0.28
CA ASN C 87 16.36 -48.54 0.97
C ASN C 87 16.68 -50.01 1.29
N PRO C 88 17.98 -50.37 1.45
CA PRO C 88 18.37 -51.73 1.83
C PRO C 88 18.02 -51.95 3.31
N PRO C 89 17.83 -53.21 3.77
CA PRO C 89 17.44 -53.49 5.16
C PRO C 89 18.40 -53.06 6.29
N ASP C 90 19.66 -52.73 5.99
CA ASP C 90 20.61 -52.33 7.07
C ASP C 90 20.69 -50.81 7.18
N HIS C 91 19.86 -50.06 6.44
CA HIS C 91 19.89 -48.61 6.54
C HIS C 91 19.20 -48.14 7.82
N GLU C 92 19.78 -47.12 8.47
CA GLU C 92 19.19 -46.65 9.71
C GLU C 92 17.77 -46.10 9.49
N VAL C 93 17.51 -45.53 8.31
CA VAL C 93 16.15 -45.05 8.07
C VAL C 93 15.17 -46.20 8.17
N VAL C 94 15.60 -47.41 7.82
CA VAL C 94 14.70 -48.53 7.89
C VAL C 94 14.41 -48.86 9.35
N ALA C 95 15.42 -48.76 10.21
CA ALA C 95 15.18 -48.96 11.64
C ALA C 95 14.22 -47.90 12.20
N MET C 96 14.38 -46.65 11.75
CA MET C 96 13.49 -45.56 12.22
C MET C 96 12.06 -45.88 11.78
N ALA C 97 11.88 -46.33 10.53
CA ALA C 97 10.54 -46.66 10.00
C ALA C 97 9.97 -47.86 10.76
N ARG C 98 10.82 -48.82 11.12
CA ARG C 98 10.38 -50.03 11.85
C ARG C 98 9.93 -49.63 13.26
N LYS C 99 10.60 -48.63 13.85
CA LYS C 99 10.26 -48.15 15.21
C LYS C 99 8.89 -47.46 15.17
N LEU C 100 8.64 -46.67 14.11
CA LEU C 100 7.36 -45.93 13.96
C LEU C 100 6.22 -46.91 13.63
N GLN C 101 6.50 -47.98 12.90
CA GLN C 101 5.43 -48.94 12.54
C GLN C 101 4.98 -49.71 13.78
N ASP C 102 5.90 -49.95 14.69
CA ASP C 102 5.59 -50.65 15.96
C ASP C 102 4.58 -49.80 16.68
N VAL C 103 4.84 -48.51 16.78
CA VAL C 103 3.89 -47.58 17.42
C VAL C 103 2.58 -47.69 16.66
N PHE C 104 2.62 -47.54 15.35
CA PHE C 104 1.36 -47.57 14.61
C PHE C 104 0.64 -48.90 14.81
N GLU C 105 1.34 -50.03 14.61
CA GLU C 105 0.66 -51.32 14.69
C GLU C 105 0.14 -51.61 16.10
N MET C 106 0.88 -51.19 17.13
CA MET C 106 0.36 -51.36 18.48
C MET C 106 -0.93 -50.57 18.66
N ARG C 107 -0.89 -49.29 18.29
CA ARG C 107 -2.04 -48.42 18.51
C ARG C 107 -3.19 -48.82 17.59
N PHE C 108 -2.90 -49.21 16.36
CA PHE C 108 -3.98 -49.61 15.46
C PHE C 108 -4.60 -50.89 15.97
N ALA C 109 -3.80 -51.83 16.44
CA ALA C 109 -4.31 -53.12 16.93
C ALA C 109 -5.16 -52.98 18.20
N LYS C 110 -4.96 -51.94 18.99
CA LYS C 110 -5.73 -51.84 20.26
C LYS C 110 -7.00 -51.01 20.09
N MET C 111 -7.34 -50.67 18.86
CA MET C 111 -8.56 -49.89 18.55
C MET C 111 -9.75 -50.57 19.19
N PRO C 112 -10.50 -49.93 20.10
CA PRO C 112 -11.67 -50.55 20.69
C PRO C 112 -12.65 -50.92 19.59
N SER D 5 46.90 20.86 -1.49
CA SER D 5 47.86 21.82 -0.99
C SER D 5 48.03 21.63 0.53
N GLU D 6 49.17 22.11 1.04
CA GLU D 6 49.49 21.92 2.45
C GLU D 6 48.34 22.36 3.35
N HIS D 7 47.88 23.60 3.13
CA HIS D 7 46.81 24.14 3.95
C HIS D 7 45.56 23.27 3.87
N LEU D 8 45.23 22.79 2.68
CA LEU D 8 44.02 21.98 2.55
C LEU D 8 44.15 20.64 3.27
N ARG D 9 45.36 20.09 3.38
CA ARG D 9 45.53 18.86 4.17
C ARG D 9 45.33 19.14 5.66
N TYR D 10 45.80 20.30 6.13
CA TYR D 10 45.49 20.65 7.52
C TYR D 10 43.97 20.77 7.71
N CYS D 11 43.28 21.32 6.73
CA CYS D 11 41.80 21.44 6.82
C CYS D 11 41.19 20.05 6.85
N ASP D 12 41.74 19.13 6.07
CA ASP D 12 41.25 17.77 6.10
C ASP D 12 41.27 17.26 7.53
N SER D 13 42.41 17.44 8.19
CA SER D 13 42.50 17.00 9.60
C SER D 13 41.47 17.71 10.48
N ILE D 14 41.28 19.02 10.33
CA ILE D 14 40.27 19.71 11.14
C ILE D 14 38.91 19.03 11.02
N LEU D 15 38.50 18.75 9.77
CA LEU D 15 37.25 18.04 9.52
C LEU D 15 37.24 16.68 10.21
N ARG D 16 38.36 15.98 10.15
CA ARG D 16 38.52 14.66 10.81
C ARG D 16 38.15 14.83 12.28
N GLU D 17 38.77 15.79 12.95
CA GLU D 17 38.53 16.01 14.37
C GLU D 17 37.08 16.38 14.65
N MET D 18 36.51 17.27 13.84
CA MET D 18 35.13 17.69 14.06
C MET D 18 34.17 16.51 13.92
N LEU D 19 34.52 15.52 13.10
CA LEU D 19 33.66 14.36 12.87
C LEU D 19 33.86 13.23 13.87
N SER D 20 34.82 13.36 14.79
CA SER D 20 35.21 12.32 15.73
C SER D 20 34.23 12.21 16.91
N LYS D 21 34.32 11.07 17.61
CA LYS D 21 33.57 10.87 18.86
C LYS D 21 33.94 11.91 19.89
N LYS D 22 35.19 12.42 19.84
CA LYS D 22 35.68 13.38 20.83
C LYS D 22 34.65 14.49 21.07
N HIS D 23 33.99 14.93 20.01
CA HIS D 23 33.05 16.05 20.05
C HIS D 23 31.61 15.63 19.73
N ALA D 24 31.36 14.32 19.61
CA ALA D 24 30.06 13.86 19.11
C ALA D 24 28.89 14.46 19.88
N ALA D 25 29.01 14.54 21.21
CA ALA D 25 27.97 15.08 22.08
C ALA D 25 27.34 16.35 21.54
N TYR D 26 28.16 17.27 21.00
CA TYR D 26 27.59 18.48 20.45
C TYR D 26 27.75 18.62 18.94
N ALA D 27 28.46 17.72 18.28
CA ALA D 27 28.64 17.95 16.86
C ALA D 27 27.57 17.28 16.01
N TRP D 28 26.83 16.32 16.57
CA TRP D 28 26.01 15.44 15.75
C TRP D 28 24.89 16.13 14.95
N PRO D 29 24.29 17.25 15.37
CA PRO D 29 23.28 17.87 14.49
C PRO D 29 23.84 18.40 13.18
N PHE D 30 25.16 18.42 13.00
CA PHE D 30 25.79 18.91 11.77
C PHE D 30 26.41 17.79 10.93
N TYR D 31 26.16 16.52 11.30
CA TYR D 31 26.73 15.38 10.56
C TYR D 31 26.16 15.26 9.16
N LYS D 32 24.82 15.21 9.05
CA LYS D 32 24.11 15.08 7.78
C LYS D 32 23.33 16.35 7.49
N PRO D 33 22.88 16.54 6.25
CA PRO D 33 22.16 17.78 5.90
C PRO D 33 20.87 17.94 6.67
N VAL D 34 20.43 19.19 6.79
CA VAL D 34 19.22 19.46 7.56
C VAL D 34 18.03 18.88 6.81
N ASP D 35 17.38 17.89 7.44
CA ASP D 35 16.18 17.25 6.84
C ASP D 35 14.97 18.07 7.24
N ALA D 36 14.58 19.03 6.41
CA ALA D 36 13.43 19.89 6.73
C ALA D 36 12.15 19.07 6.82
N GLU D 37 12.00 18.11 5.91
CA GLU D 37 10.82 17.22 5.84
C GLU D 37 10.67 16.46 7.15
N ALA D 38 11.69 15.71 7.54
CA ALA D 38 11.63 14.87 8.75
C ALA D 38 11.51 15.73 10.00
N LEU D 39 12.15 16.89 10.01
CA LEU D 39 12.12 17.73 11.22
C LEU D 39 10.91 18.64 11.20
N GLU D 40 10.15 18.63 10.12
CA GLU D 40 8.93 19.42 9.97
C GLU D 40 9.22 20.91 10.24
N LEU D 41 10.22 21.43 9.53
CA LEU D 41 10.65 22.83 9.60
C LEU D 41 10.21 23.50 8.30
N HIS D 42 8.96 23.99 8.29
CA HIS D 42 8.35 24.41 7.04
C HIS D 42 8.93 25.69 6.48
N ASP D 43 9.69 26.45 7.27
CA ASP D 43 10.25 27.71 6.79
C ASP D 43 11.76 27.64 6.60
N TYR D 44 12.37 26.49 6.89
CA TYR D 44 13.82 26.39 6.92
C TYR D 44 14.43 26.80 5.57
N HIS D 45 13.82 26.33 4.49
CA HIS D 45 14.36 26.60 3.12
C HIS D 45 13.98 28.00 2.62
N ASP D 46 13.38 28.81 3.47
CA ASP D 46 13.15 30.24 3.12
C ASP D 46 14.10 31.12 3.91
N ILE D 47 14.48 30.68 5.11
CA ILE D 47 15.44 31.44 5.95
C ILE D 47 16.86 31.04 5.52
N ILE D 48 17.04 29.77 5.16
CA ILE D 48 18.38 29.33 4.76
C ILE D 48 18.40 29.15 3.24
N LYS D 49 19.08 30.04 2.52
CA LYS D 49 19.17 29.93 1.07
C LYS D 49 20.38 29.11 0.59
N HIS D 50 21.30 28.73 1.46
CA HIS D 50 22.51 27.98 1.08
C HIS D 50 22.84 26.97 2.16
N PRO D 51 22.07 25.88 2.26
CA PRO D 51 22.34 24.86 3.29
C PRO D 51 23.77 24.35 3.32
N MET D 52 24.23 23.88 4.47
CA MET D 52 25.60 23.40 4.60
C MET D 52 25.71 22.49 5.83
N ASP D 53 26.51 21.41 5.70
CA ASP D 53 26.70 20.44 6.78
C ASP D 53 28.05 19.76 6.61
N LEU D 54 28.42 18.96 7.62
CA LEU D 54 29.75 18.37 7.62
C LEU D 54 29.95 17.34 6.51
N SER D 55 28.91 16.55 6.19
CA SER D 55 29.03 15.59 5.10
C SER D 55 29.21 16.27 3.74
N THR D 56 28.45 17.34 3.46
CA THR D 56 28.69 18.10 2.23
C THR D 56 30.11 18.67 2.20
N VAL D 57 30.64 19.10 3.35
CA VAL D 57 32.02 19.58 3.38
C VAL D 57 32.99 18.42 3.10
N LYS D 58 32.75 17.23 3.66
CA LYS D 58 33.60 16.07 3.33
C LYS D 58 33.51 15.74 1.86
N ARG D 59 32.30 15.70 1.29
CA ARG D 59 32.17 15.43 -0.14
C ARG D 59 33.02 16.42 -0.91
N LYS D 60 32.80 17.72 -0.65
CA LYS D 60 33.53 18.80 -1.35
C LYS D 60 35.05 18.67 -1.12
N MET D 61 35.44 18.09 0.02
CA MET D 61 36.88 17.95 0.34
C MET D 61 37.47 16.72 -0.37
N ASP D 62 36.72 15.62 -0.39
CA ASP D 62 37.18 14.35 -1.03
C ASP D 62 37.17 14.51 -2.56
N GLY D 63 36.30 15.38 -3.08
CA GLY D 63 36.20 15.62 -4.54
C GLY D 63 37.11 16.76 -4.99
N ARG D 64 37.98 17.25 -4.10
CA ARG D 64 38.93 18.35 -4.41
C ARG D 64 38.15 19.50 -5.07
N GLU D 65 37.11 20.00 -4.39
CA GLU D 65 36.26 21.09 -4.93
C GLU D 65 36.67 22.43 -4.31
N TYR D 66 37.57 22.43 -3.33
CA TYR D 66 37.97 23.67 -2.68
C TYR D 66 39.27 24.19 -3.29
N PRO D 67 39.30 25.42 -3.83
CA PRO D 67 40.56 25.95 -4.36
C PRO D 67 41.63 26.19 -3.30
N ASP D 68 41.25 26.44 -2.06
CA ASP D 68 42.22 26.74 -1.00
C ASP D 68 41.52 26.62 0.35
N ALA D 69 42.31 26.72 1.42
CA ALA D 69 41.77 26.55 2.77
C ALA D 69 40.64 27.52 3.09
N GLN D 70 40.68 28.73 2.51
CA GLN D 70 39.68 29.74 2.86
C GLN D 70 38.29 29.35 2.38
N GLY D 71 38.19 28.65 1.26
CA GLY D 71 36.89 28.14 0.83
C GLY D 71 36.35 27.08 1.78
N PHE D 72 37.24 26.23 2.29
CA PHE D 72 36.84 25.29 3.34
C PHE D 72 36.27 26.04 4.54
N ALA D 73 37.02 27.02 5.04
CA ALA D 73 36.56 27.77 6.19
C ALA D 73 35.23 28.45 5.88
N ALA D 74 35.09 28.97 4.67
CA ALA D 74 33.84 29.63 4.28
C ALA D 74 32.66 28.69 4.43
N ASP D 75 32.80 27.44 3.96
CA ASP D 75 31.67 26.50 4.07
C ASP D 75 31.38 26.12 5.53
N VAL D 76 32.44 25.90 6.33
CA VAL D 76 32.19 25.53 7.72
C VAL D 76 31.48 26.66 8.46
N ARG D 77 31.99 27.89 8.29
CA ARG D 77 31.36 29.02 8.92
C ARG D 77 29.93 29.19 8.42
N LEU D 78 29.69 28.91 7.13
CA LEU D 78 28.33 28.97 6.63
C LEU D 78 27.42 27.98 7.37
N MET D 79 27.90 26.77 7.64
CA MET D 79 27.13 25.81 8.42
C MET D 79 26.70 26.41 9.77
N PHE D 80 27.67 26.96 10.50
CA PHE D 80 27.36 27.57 11.81
C PHE D 80 26.40 28.75 11.64
N SER D 81 26.67 29.62 10.66
CA SER D 81 25.85 30.80 10.42
C SER D 81 24.41 30.43 10.14
N ASN D 82 24.19 29.37 9.35
CA ASN D 82 22.83 28.93 9.12
C ASN D 82 22.17 28.57 10.44
N CYS D 83 22.91 27.85 11.31
CA CYS D 83 22.30 27.46 12.58
C CYS D 83 21.93 28.66 13.43
N TYR D 84 22.82 29.67 13.48
CA TYR D 84 22.48 30.89 14.23
C TYR D 84 21.32 31.66 13.56
N LYS D 85 21.28 31.69 12.21
CA LYS D 85 20.16 32.31 11.49
C LYS D 85 18.84 31.75 11.95
N TYR D 86 18.69 30.41 11.88
CA TYR D 86 17.38 29.77 11.97
C TYR D 86 16.84 29.76 13.40
N ASN D 87 17.69 29.54 14.37
CA ASN D 87 17.20 29.34 15.72
C ASN D 87 17.23 30.62 16.53
N PRO D 88 16.41 30.69 17.58
CA PRO D 88 16.57 31.77 18.55
C PRO D 88 17.86 31.54 19.34
N PRO D 89 18.48 32.58 19.85
CA PRO D 89 19.82 32.43 20.41
C PRO D 89 19.86 31.74 21.77
N ASP D 90 18.74 31.27 22.31
CA ASP D 90 18.72 30.54 23.57
C ASP D 90 18.42 29.05 23.40
N HIS D 91 18.30 28.58 22.16
CA HIS D 91 18.13 27.17 21.89
C HIS D 91 19.43 26.41 22.13
N GLU D 92 19.31 25.19 22.67
CA GLU D 92 20.51 24.40 22.96
C GLU D 92 21.27 24.07 21.69
N VAL D 93 20.58 23.94 20.57
CA VAL D 93 21.29 23.67 19.33
C VAL D 93 22.33 24.76 19.10
N VAL D 94 22.03 25.98 19.49
CA VAL D 94 22.97 27.07 19.28
C VAL D 94 24.18 26.91 20.18
N ALA D 95 23.96 26.51 21.44
CA ALA D 95 25.09 26.29 22.34
C ALA D 95 26.01 25.21 21.79
N MET D 96 25.43 24.16 21.19
CA MET D 96 26.23 23.13 20.56
C MET D 96 27.02 23.68 19.38
N ALA D 97 26.34 24.36 18.47
CA ALA D 97 27.04 25.02 17.38
C ALA D 97 28.20 25.84 17.89
N ARG D 98 28.01 26.53 19.03
CA ARG D 98 29.08 27.36 19.58
C ARG D 98 30.26 26.51 20.08
N LYS D 99 29.99 25.43 20.83
CA LYS D 99 31.06 24.52 21.24
C LYS D 99 31.87 24.07 20.03
N LEU D 100 31.17 23.61 19.00
CA LEU D 100 31.85 23.08 17.83
C LEU D 100 32.61 24.16 17.08
N GLN D 101 32.02 25.35 16.96
CA GLN D 101 32.77 26.41 16.30
C GLN D 101 33.98 26.81 17.14
N ASP D 102 33.90 26.68 18.47
CA ASP D 102 35.07 26.87 19.32
C ASP D 102 36.21 26.00 18.82
N VAL D 103 35.92 24.71 18.68
CA VAL D 103 36.91 23.75 18.17
C VAL D 103 37.43 24.20 16.81
N PHE D 104 36.52 24.46 15.87
CA PHE D 104 36.96 24.76 14.51
C PHE D 104 37.81 26.02 14.45
N GLU D 105 37.37 27.12 15.09
CA GLU D 105 38.12 28.36 15.01
C GLU D 105 39.47 28.24 15.70
N MET D 106 39.55 27.50 16.82
CA MET D 106 40.85 27.28 17.43
C MET D 106 41.79 26.51 16.49
N ARG D 107 41.34 25.35 15.98
CA ARG D 107 42.23 24.53 15.13
C ARG D 107 42.56 25.25 13.84
N PHE D 108 41.58 25.92 13.24
CA PHE D 108 41.84 26.61 11.96
C PHE D 108 42.85 27.74 12.13
N ALA D 109 42.85 28.38 13.30
CA ALA D 109 43.73 29.53 13.57
C ALA D 109 45.16 29.07 13.88
N LYS D 110 45.34 27.84 14.31
CA LYS D 110 46.68 27.34 14.66
C LYS D 110 47.33 26.62 13.49
N MET D 111 46.75 26.76 12.30
CA MET D 111 47.28 26.16 11.06
C MET D 111 48.70 26.68 10.91
N PRO D 112 49.71 25.81 10.70
CA PRO D 112 51.09 26.25 10.60
C PRO D 112 51.26 27.33 9.53
N SER E 5 -26.25 -32.89 24.16
CA SER E 5 -27.37 -32.13 24.72
C SER E 5 -28.43 -31.87 23.65
N GLU E 6 -29.63 -31.51 24.11
CA GLU E 6 -30.75 -31.24 23.22
C GLU E 6 -30.36 -30.22 22.14
N HIS E 7 -29.89 -29.04 22.56
CA HIS E 7 -29.51 -28.03 21.59
C HIS E 7 -28.42 -28.55 20.67
N LEU E 8 -27.48 -29.32 21.21
CA LEU E 8 -26.44 -29.84 20.35
C LEU E 8 -26.99 -30.86 19.35
N ARG E 9 -28.05 -31.58 19.71
CA ARG E 9 -28.67 -32.49 18.75
C ARG E 9 -29.29 -31.69 17.61
N TYR E 10 -29.90 -30.54 17.93
CA TYR E 10 -30.39 -29.66 16.87
C TYR E 10 -29.23 -29.16 16.00
N CYS E 11 -28.10 -28.84 16.63
CA CYS E 11 -26.93 -28.42 15.85
C CYS E 11 -26.43 -29.51 14.91
N ASP E 12 -26.40 -30.76 15.38
CA ASP E 12 -26.04 -31.85 14.48
C ASP E 12 -26.91 -31.80 13.24
N SER E 13 -28.21 -31.61 13.43
CA SER E 13 -29.09 -31.52 12.27
C SER E 13 -28.70 -30.35 11.36
N ILE E 14 -28.36 -29.19 11.94
CA ILE E 14 -27.89 -28.07 11.13
C ILE E 14 -26.69 -28.49 10.31
N LEU E 15 -25.73 -29.17 10.94
CA LEU E 15 -24.55 -29.65 10.21
C LEU E 15 -24.95 -30.55 9.05
N ARG E 16 -25.88 -31.46 9.31
CA ARG E 16 -26.37 -32.41 8.27
C ARG E 16 -26.83 -31.61 7.07
N GLU E 17 -27.67 -30.62 7.28
CA GLU E 17 -28.20 -29.83 6.18
C GLU E 17 -27.08 -29.07 5.48
N MET E 18 -26.18 -28.45 6.24
CA MET E 18 -25.12 -27.66 5.64
C MET E 18 -24.23 -28.52 4.74
N LEU E 19 -24.07 -29.80 5.07
CA LEU E 19 -23.22 -30.70 4.29
C LEU E 19 -23.95 -31.43 3.17
N SER E 20 -25.26 -31.23 3.05
CA SER E 20 -26.10 -31.97 2.12
C SER E 20 -25.95 -31.43 0.68
N LYS E 21 -26.37 -32.28 -0.28
CA LYS E 21 -26.31 -31.89 -1.68
C LYS E 21 -27.12 -30.64 -1.98
N LYS E 22 -28.19 -30.41 -1.21
CA LYS E 22 -29.06 -29.28 -1.46
C LYS E 22 -28.27 -27.99 -1.68
N HIS E 23 -27.19 -27.79 -0.94
CA HIS E 23 -26.42 -26.56 -0.95
C HIS E 23 -25.02 -26.74 -1.54
N ALA E 24 -24.71 -27.94 -2.06
CA ALA E 24 -23.35 -28.22 -2.52
C ALA E 24 -22.86 -27.18 -3.51
N ALA E 25 -23.75 -26.71 -4.38
CA ALA E 25 -23.42 -25.75 -5.41
C ALA E 25 -22.53 -24.65 -4.85
N TYR E 26 -22.88 -24.14 -3.66
CA TYR E 26 -22.10 -23.07 -3.05
C TYR E 26 -21.39 -23.47 -1.76
N ALA E 27 -21.63 -24.67 -1.21
CA ALA E 27 -21.01 -24.98 0.07
C ALA E 27 -19.65 -25.65 -0.07
N TRP E 28 -19.35 -26.21 -1.23
CA TRP E 28 -18.19 -27.09 -1.33
C TRP E 28 -16.87 -26.41 -0.96
N PRO E 29 -16.67 -25.10 -1.13
CA PRO E 29 -15.38 -24.52 -0.71
C PRO E 29 -15.14 -24.61 0.79
N PHE E 30 -16.17 -24.97 1.57
CA PHE E 30 -16.05 -25.04 3.02
C PHE E 30 -16.05 -26.47 3.54
N TYR E 31 -15.99 -27.43 2.63
CA TYR E 31 -16.06 -28.83 3.02
C TYR E 31 -14.80 -29.25 3.78
N LYS E 32 -13.63 -29.04 3.21
CA LYS E 32 -12.36 -29.49 3.77
C LYS E 32 -11.51 -28.31 4.17
N PRO E 33 -10.46 -28.51 4.97
CA PRO E 33 -9.61 -27.37 5.35
C PRO E 33 -8.98 -26.77 4.13
N VAL E 34 -8.70 -25.47 4.19
CA VAL E 34 -8.13 -24.73 3.06
C VAL E 34 -6.70 -25.19 2.84
N ASP E 35 -6.44 -25.78 1.67
CA ASP E 35 -5.07 -26.18 1.35
C ASP E 35 -4.32 -25.01 0.74
N ALA E 36 -3.62 -24.26 1.59
CA ALA E 36 -2.90 -23.07 1.14
C ALA E 36 -1.79 -23.42 0.17
N GLU E 37 -1.16 -24.59 0.34
CA GLU E 37 -0.07 -24.93 -0.58
C GLU E 37 -0.60 -25.23 -1.98
N ALA E 38 -1.62 -26.07 -2.09
CA ALA E 38 -2.19 -26.40 -3.41
C ALA E 38 -2.85 -25.20 -4.09
N LEU E 39 -3.42 -24.29 -3.33
CA LEU E 39 -4.10 -23.14 -3.93
C LEU E 39 -3.16 -21.98 -4.19
N GLU E 40 -1.87 -22.17 -3.93
CA GLU E 40 -0.85 -21.15 -4.14
C GLU E 40 -1.27 -19.83 -3.46
N LEU E 41 -1.63 -19.95 -2.19
CA LEU E 41 -2.05 -18.83 -1.33
C LEU E 41 -0.94 -18.61 -0.31
N HIS E 42 0.07 -17.85 -0.72
CA HIS E 42 1.28 -17.82 0.09
C HIS E 42 1.07 -17.06 1.40
N ASP E 43 0.00 -16.27 1.50
CA ASP E 43 -0.24 -15.46 2.69
C ASP E 43 -1.42 -15.94 3.52
N TYR E 44 -2.08 -17.05 3.15
CA TYR E 44 -3.30 -17.44 3.86
C TYR E 44 -3.05 -17.62 5.36
N HIS E 45 -1.98 -18.30 5.73
CA HIS E 45 -1.73 -18.51 7.14
C HIS E 45 -1.07 -17.32 7.82
N ASP E 46 -0.74 -16.27 7.07
CA ASP E 46 -0.39 -15.00 7.71
C ASP E 46 -1.62 -14.27 8.19
N ILE E 47 -2.71 -14.33 7.44
CA ILE E 47 -3.90 -13.58 7.78
C ILE E 47 -4.86 -14.39 8.64
N ILE E 48 -5.07 -15.66 8.32
CA ILE E 48 -5.97 -16.51 9.07
C ILE E 48 -5.13 -17.29 10.07
N LYS E 49 -5.21 -16.92 11.34
CA LYS E 49 -4.47 -17.62 12.39
C LYS E 49 -5.26 -18.76 12.99
N HIS E 50 -6.53 -18.94 12.65
CA HIS E 50 -7.38 -19.98 13.21
C HIS E 50 -8.27 -20.59 12.12
N PRO E 51 -7.69 -21.43 11.26
CA PRO E 51 -8.45 -22.06 10.19
C PRO E 51 -9.65 -22.83 10.71
N MET E 52 -10.65 -23.00 9.85
CA MET E 52 -11.86 -23.73 10.21
C MET E 52 -12.65 -24.10 8.95
N ASP E 53 -13.26 -25.27 8.97
CA ASP E 53 -14.02 -25.79 7.85
C ASP E 53 -15.08 -26.73 8.38
N LEU E 54 -15.94 -27.17 7.45
CA LEU E 54 -17.09 -27.98 7.86
C LEU E 54 -16.63 -29.37 8.33
N SER E 55 -15.55 -29.88 7.78
CA SER E 55 -15.06 -31.19 8.22
C SER E 55 -14.62 -31.15 9.67
N THR E 56 -13.82 -30.14 10.05
CA THR E 56 -13.43 -29.97 11.44
C THR E 56 -14.63 -29.82 12.37
N VAL E 57 -15.67 -29.10 11.94
CA VAL E 57 -16.85 -28.98 12.78
C VAL E 57 -17.54 -30.34 12.93
N LYS E 58 -17.65 -31.11 11.85
CA LYS E 58 -18.24 -32.45 11.98
C LYS E 58 -17.39 -33.33 12.90
N ARG E 59 -16.07 -33.26 12.75
CA ARG E 59 -15.17 -34.01 13.61
C ARG E 59 -15.43 -33.67 15.07
N LYS E 60 -15.41 -32.37 15.40
CA LYS E 60 -15.65 -31.90 16.77
C LYS E 60 -17.02 -32.32 17.30
N MET E 61 -18.03 -32.36 16.43
CA MET E 61 -19.36 -32.75 16.89
C MET E 61 -19.43 -34.24 17.19
N ASP E 62 -18.92 -35.07 16.27
CA ASP E 62 -19.00 -36.51 16.46
C ASP E 62 -18.16 -36.95 17.66
N GLY E 63 -17.06 -36.24 17.94
CA GLY E 63 -16.32 -36.46 19.15
C GLY E 63 -16.86 -35.76 20.36
N ARG E 64 -18.09 -35.25 20.28
CA ARG E 64 -18.81 -34.58 21.40
C ARG E 64 -17.90 -33.60 22.15
N GLU E 65 -17.13 -32.85 21.39
CA GLU E 65 -16.16 -31.88 21.86
C GLU E 65 -16.74 -30.50 22.14
N TYR E 66 -17.98 -30.22 21.74
CA TYR E 66 -18.52 -28.87 21.94
C TYR E 66 -19.16 -28.78 23.31
N PRO E 67 -18.78 -27.79 24.12
CA PRO E 67 -19.41 -27.65 25.43
C PRO E 67 -20.88 -27.25 25.37
N ASP E 68 -21.29 -26.53 24.34
CA ASP E 68 -22.69 -26.13 24.22
C ASP E 68 -22.91 -25.65 22.79
N ALA E 69 -24.18 -25.38 22.45
CA ALA E 69 -24.48 -24.96 21.09
C ALA E 69 -23.73 -23.69 20.70
N GLN E 70 -23.49 -22.78 21.64
CA GLN E 70 -22.86 -21.53 21.23
C GLN E 70 -21.41 -21.75 20.79
N GLY E 71 -20.72 -22.77 21.33
CA GLY E 71 -19.38 -23.06 20.83
C GLY E 71 -19.38 -23.57 19.39
N PHE E 72 -20.35 -24.42 19.07
CA PHE E 72 -20.58 -24.83 17.70
C PHE E 72 -20.82 -23.62 16.78
N ALA E 73 -21.73 -22.73 17.20
CA ALA E 73 -22.02 -21.54 16.40
C ALA E 73 -20.78 -20.68 16.22
N ALA E 74 -19.98 -20.55 17.28
CA ALA E 74 -18.72 -19.83 17.20
C ALA E 74 -17.81 -20.42 16.13
N ASP E 75 -17.70 -21.74 16.09
CA ASP E 75 -16.82 -22.34 15.08
C ASP E 75 -17.33 -22.10 13.67
N VAL E 76 -18.64 -22.27 13.44
CA VAL E 76 -19.17 -22.07 12.08
C VAL E 76 -18.97 -20.63 11.63
N ARG E 77 -19.32 -19.68 12.51
CA ARG E 77 -19.12 -18.29 12.19
C ARG E 77 -17.65 -17.98 11.98
N LEU E 78 -16.76 -18.64 12.72
CA LEU E 78 -15.34 -18.43 12.50
C LEU E 78 -14.97 -18.81 11.08
N MET E 79 -15.48 -19.96 10.60
CA MET E 79 -15.26 -20.36 9.22
C MET E 79 -15.68 -19.27 8.25
N PHE E 80 -16.90 -18.76 8.42
CA PHE E 80 -17.36 -17.69 7.53
C PHE E 80 -16.49 -16.42 7.65
N SER E 81 -16.23 -16.00 8.88
CA SER E 81 -15.44 -14.79 9.11
C SER E 81 -14.06 -14.94 8.49
N ASN E 82 -13.47 -16.14 8.55
CA ASN E 82 -12.18 -16.34 7.90
C ASN E 82 -12.29 -16.06 6.43
N CYS E 83 -13.36 -16.55 5.81
CA CYS E 83 -13.49 -16.34 4.37
C CYS E 83 -13.64 -14.85 4.05
N TYR E 84 -14.44 -14.13 4.83
CA TYR E 84 -14.59 -12.70 4.57
C TYR E 84 -13.29 -11.95 4.88
N LYS E 85 -12.59 -12.32 5.95
CA LYS E 85 -11.35 -11.64 6.24
C LYS E 85 -10.38 -11.80 5.09
N TYR E 86 -10.21 -13.03 4.60
CA TYR E 86 -9.13 -13.27 3.67
C TYR E 86 -9.39 -12.69 2.28
N ASN E 87 -10.64 -12.78 1.79
CA ASN E 87 -11.01 -12.40 0.44
C ASN E 87 -11.54 -10.98 0.36
N PRO E 88 -11.47 -10.34 -0.80
CA PRO E 88 -12.17 -9.07 -0.99
C PRO E 88 -13.67 -9.29 -1.10
N PRO E 89 -14.48 -8.29 -0.77
CA PRO E 89 -15.91 -8.53 -0.57
C PRO E 89 -16.72 -8.70 -1.85
N ASP E 90 -16.09 -8.64 -3.02
CA ASP E 90 -16.78 -8.84 -4.29
C ASP E 90 -16.37 -10.17 -4.93
N HIS E 91 -15.63 -10.99 -4.21
CA HIS E 91 -15.27 -12.31 -4.69
C HIS E 91 -16.50 -13.23 -4.73
N GLU E 92 -16.57 -14.09 -5.76
CA GLU E 92 -17.70 -15.00 -5.82
C GLU E 92 -17.70 -15.93 -4.60
N VAL E 93 -16.52 -16.27 -4.07
CA VAL E 93 -16.45 -17.10 -2.88
C VAL E 93 -17.12 -16.42 -1.69
N VAL E 94 -17.06 -15.10 -1.60
CA VAL E 94 -17.72 -14.41 -0.51
C VAL E 94 -19.24 -14.48 -0.67
N ALA E 95 -19.73 -14.39 -1.91
CA ALA E 95 -21.16 -14.55 -2.13
C ALA E 95 -21.61 -15.96 -1.72
N MET E 96 -20.81 -16.98 -2.04
CA MET E 96 -21.14 -18.34 -1.63
C MET E 96 -21.11 -18.49 -0.10
N ALA E 97 -20.02 -18.04 0.53
CA ALA E 97 -19.98 -18.04 1.99
C ALA E 97 -21.24 -17.43 2.55
N ARG E 98 -21.72 -16.34 1.93
CA ARG E 98 -22.92 -15.69 2.41
C ARG E 98 -24.17 -16.55 2.21
N LYS E 99 -24.34 -17.15 1.04
CA LYS E 99 -25.46 -18.05 0.84
C LYS E 99 -25.50 -19.11 1.95
N LEU E 100 -24.36 -19.73 2.21
CA LEU E 100 -24.31 -20.79 3.21
C LEU E 100 -24.58 -20.23 4.60
N GLN E 101 -24.06 -19.03 4.91
CA GLN E 101 -24.34 -18.46 6.22
C GLN E 101 -25.82 -18.13 6.37
N ASP E 102 -26.48 -17.78 5.28
CA ASP E 102 -27.92 -17.63 5.35
C ASP E 102 -28.55 -18.93 5.83
N VAL E 103 -28.16 -20.04 5.22
CA VAL E 103 -28.69 -21.32 5.67
C VAL E 103 -28.42 -21.52 7.16
N PHE E 104 -27.17 -21.35 7.57
CA PHE E 104 -26.79 -21.61 8.96
C PHE E 104 -27.53 -20.71 9.95
N GLU E 105 -27.53 -19.38 9.69
CA GLU E 105 -28.13 -18.46 10.65
C GLU E 105 -29.62 -18.69 10.76
N MET E 106 -30.28 -18.98 9.63
CA MET E 106 -31.69 -19.30 9.69
C MET E 106 -31.94 -20.53 10.54
N ARG E 107 -31.25 -21.64 10.25
CA ARG E 107 -31.59 -22.87 10.99
C ARG E 107 -31.23 -22.74 12.48
N PHE E 108 -30.11 -22.08 12.77
CA PHE E 108 -29.69 -21.91 14.16
C PHE E 108 -30.69 -21.05 14.92
N ALA E 109 -31.22 -20.02 14.25
CA ALA E 109 -32.24 -19.15 14.84
C ALA E 109 -33.51 -19.90 15.22
N LYS E 110 -33.92 -20.86 14.40
CA LYS E 110 -35.15 -21.61 14.63
C LYS E 110 -35.00 -22.76 15.63
N MET E 111 -33.87 -22.86 16.30
CA MET E 111 -33.69 -23.90 17.31
C MET E 111 -34.78 -23.80 18.38
N PRO E 112 -35.42 -24.92 18.73
CA PRO E 112 -36.45 -24.97 19.79
C PRO E 112 -35.89 -24.60 21.17
N LEU F 4 -12.93 3.73 25.15
CA LEU F 4 -13.17 2.35 24.69
C LEU F 4 -11.85 1.60 24.37
N SER F 5 -11.91 0.27 24.39
CA SER F 5 -10.80 -0.56 23.92
C SER F 5 -10.59 -0.37 22.42
N GLU F 6 -9.40 -0.76 21.94
CA GLU F 6 -9.08 -0.60 20.52
C GLU F 6 -10.10 -1.30 19.62
N HIS F 7 -10.29 -2.61 19.83
CA HIS F 7 -11.27 -3.37 19.06
C HIS F 7 -12.66 -2.76 19.20
N LEU F 8 -13.00 -2.26 20.39
CA LEU F 8 -14.29 -1.62 20.61
C LEU F 8 -14.42 -0.32 19.84
N ARG F 9 -13.31 0.40 19.60
CA ARG F 9 -13.37 1.60 18.76
C ARG F 9 -13.67 1.23 17.32
N TYR F 10 -13.05 0.13 16.85
CA TYR F 10 -13.41 -0.35 15.52
C TYR F 10 -14.88 -0.74 15.46
N CYS F 11 -15.38 -1.40 16.52
CA CYS F 11 -16.79 -1.75 16.54
C CYS F 11 -17.67 -0.51 16.47
N ASP F 12 -17.29 0.54 17.18
CA ASP F 12 -18.03 1.79 17.10
C ASP F 12 -18.15 2.25 15.66
N SER F 13 -17.05 2.14 14.90
CA SER F 13 -17.14 2.54 13.49
C SER F 13 -18.12 1.66 12.73
N ILE F 14 -18.11 0.35 13.00
CA ILE F 14 -19.05 -0.58 12.37
C ILE F 14 -20.49 -0.14 12.63
N LEU F 15 -20.79 0.20 13.89
CA LEU F 15 -22.11 0.72 14.23
C LEU F 15 -22.42 1.97 13.41
N ARG F 16 -21.44 2.87 13.30
CA ARG F 16 -21.62 4.07 12.47
C ARG F 16 -22.10 3.66 11.09
N GLU F 17 -21.39 2.74 10.44
CA GLU F 17 -21.79 2.37 9.09
C GLU F 17 -23.18 1.77 9.06
N MET F 18 -23.52 0.90 10.01
CA MET F 18 -24.86 0.31 9.94
C MET F 18 -25.94 1.36 10.08
N LEU F 19 -25.68 2.45 10.81
CA LEU F 19 -26.72 3.46 10.93
C LEU F 19 -26.70 4.49 9.81
N SER F 20 -25.76 4.44 8.89
CA SER F 20 -25.68 5.48 7.90
C SER F 20 -26.74 5.30 6.82
N LYS F 21 -27.02 6.39 6.09
CA LYS F 21 -28.00 6.38 4.99
C LYS F 21 -27.65 5.33 3.94
N LYS F 22 -26.36 5.02 3.81
CA LYS F 22 -25.88 4.08 2.81
C LYS F 22 -26.69 2.79 2.81
N HIS F 23 -27.11 2.34 3.98
CA HIS F 23 -27.83 1.07 4.13
C HIS F 23 -29.28 1.25 4.59
N ALA F 24 -29.75 2.50 4.69
CA ALA F 24 -31.07 2.77 5.24
C ALA F 24 -32.16 1.94 4.57
N ALA F 25 -32.09 1.81 3.24
CA ALA F 25 -33.09 1.06 2.49
C ALA F 25 -33.45 -0.26 3.15
N TYR F 26 -32.46 -0.99 3.66
CA TYR F 26 -32.73 -2.27 4.31
C TYR F 26 -32.41 -2.26 5.79
N ALA F 27 -31.86 -1.19 6.34
CA ALA F 27 -31.51 -1.25 7.76
C ALA F 27 -32.64 -0.78 8.67
N TRP F 28 -33.60 -0.02 8.14
CA TRP F 28 -34.48 0.75 9.00
C TRP F 28 -35.33 -0.09 9.95
N PRO F 29 -35.70 -1.35 9.64
CA PRO F 29 -36.47 -2.15 10.63
C PRO F 29 -35.69 -2.50 11.87
N PHE F 30 -34.39 -2.26 11.90
CA PHE F 30 -33.58 -2.59 13.06
C PHE F 30 -33.10 -1.35 13.80
N TYR F 31 -33.62 -0.17 13.42
CA TYR F 31 -33.17 1.07 14.06
C TYR F 31 -33.62 1.15 15.51
N LYS F 32 -34.91 1.01 15.75
CA LYS F 32 -35.53 1.11 17.06
C LYS F 32 -36.09 -0.24 17.48
N PRO F 33 -36.47 -0.41 18.74
CA PRO F 33 -36.94 -1.71 19.21
C PRO F 33 -38.23 -2.11 18.52
N VAL F 34 -38.44 -3.42 18.42
CA VAL F 34 -39.64 -3.90 17.76
C VAL F 34 -40.86 -3.58 18.61
N ASP F 35 -41.74 -2.73 18.08
CA ASP F 35 -42.96 -2.38 18.78
C ASP F 35 -44.01 -3.41 18.38
N ALA F 36 -44.10 -4.47 19.21
CA ALA F 36 -44.99 -5.57 18.92
C ALA F 36 -46.45 -5.12 18.93
N GLU F 37 -46.80 -4.20 19.83
CA GLU F 37 -48.20 -3.79 19.96
C GLU F 37 -48.62 -3.00 18.73
N ALA F 38 -47.80 -2.01 18.33
CA ALA F 38 -48.17 -1.24 17.15
C ALA F 38 -48.27 -2.14 15.92
N LEU F 39 -47.42 -3.15 15.82
CA LEU F 39 -47.41 -4.02 14.66
C LEU F 39 -48.43 -5.15 14.77
N GLU F 40 -49.24 -5.16 15.82
CA GLU F 40 -50.24 -6.19 16.02
C GLU F 40 -49.59 -7.57 15.91
N LEU F 41 -48.48 -7.74 16.64
CA LEU F 41 -47.70 -8.98 16.69
C LEU F 41 -47.88 -9.64 18.06
N HIS F 42 -48.98 -10.33 18.24
CA HIS F 42 -49.37 -10.74 19.58
C HIS F 42 -48.52 -11.86 20.14
N ASP F 43 -47.71 -12.52 19.33
CA ASP F 43 -46.89 -13.63 19.79
C ASP F 43 -45.43 -13.25 19.88
N TYR F 44 -45.08 -11.99 19.60
CA TYR F 44 -43.67 -11.62 19.51
C TYR F 44 -42.92 -11.91 20.80
N HIS F 45 -43.44 -11.49 21.95
CA HIS F 45 -42.71 -11.70 23.19
C HIS F 45 -42.86 -13.12 23.72
N ASP F 46 -43.69 -13.94 23.11
CA ASP F 46 -43.66 -15.36 23.45
C ASP F 46 -42.47 -16.05 22.79
N ILE F 47 -42.12 -15.63 21.58
CA ILE F 47 -41.07 -16.28 20.81
C ILE F 47 -39.70 -15.66 21.06
N ILE F 48 -39.59 -14.35 21.09
CA ILE F 48 -38.32 -13.67 21.29
C ILE F 48 -38.21 -13.26 22.77
N LYS F 49 -37.34 -13.92 23.52
CA LYS F 49 -37.17 -13.60 24.94
C LYS F 49 -36.12 -12.52 25.21
N HIS F 50 -35.34 -12.10 24.21
CA HIS F 50 -34.25 -11.14 24.41
C HIS F 50 -34.22 -10.16 23.25
N PRO F 51 -35.17 -9.22 23.22
CA PRO F 51 -35.20 -8.26 22.11
C PRO F 51 -33.90 -7.46 22.00
N MET F 52 -33.63 -6.98 20.79
CA MET F 52 -32.42 -6.22 20.55
C MET F 52 -32.57 -5.45 19.23
N ASP F 53 -32.04 -4.23 19.23
CA ASP F 53 -32.07 -3.37 18.06
C ASP F 53 -30.87 -2.45 18.13
N LEU F 54 -30.68 -1.68 17.04
CA LEU F 54 -29.49 -0.86 16.89
C LEU F 54 -29.46 0.30 17.88
N SER F 55 -30.61 0.87 18.26
CA SER F 55 -30.59 1.96 19.25
C SER F 55 -30.05 1.48 20.58
N THR F 56 -30.55 0.35 21.06
CA THR F 56 -30.02 -0.26 22.28
C THR F 56 -28.54 -0.56 22.17
N VAL F 57 -28.08 -0.99 21.00
CA VAL F 57 -26.66 -1.23 20.84
C VAL F 57 -25.89 0.09 20.96
N LYS F 58 -26.39 1.16 20.33
CA LYS F 58 -25.74 2.46 20.45
C LYS F 58 -25.71 2.91 21.91
N ARG F 59 -26.82 2.73 22.62
CA ARG F 59 -26.85 3.02 24.05
C ARG F 59 -25.74 2.29 24.77
N LYS F 60 -25.72 0.97 24.65
CA LYS F 60 -24.75 0.19 25.41
C LYS F 60 -23.33 0.59 25.06
N MET F 61 -23.09 1.01 23.81
CA MET F 61 -21.75 1.43 23.42
C MET F 61 -21.41 2.76 24.08
N ASP F 62 -22.34 3.71 24.02
CA ASP F 62 -22.10 5.04 24.59
C ASP F 62 -21.93 4.96 26.11
N GLY F 63 -22.65 4.05 26.75
CA GLY F 63 -22.49 3.82 28.17
C GLY F 63 -21.34 2.90 28.54
N ARG F 64 -20.42 2.71 27.60
CA ARG F 64 -19.21 1.85 27.77
C ARG F 64 -19.55 0.53 28.46
N GLU F 65 -20.68 -0.09 28.09
CA GLU F 65 -21.18 -1.31 28.70
C GLU F 65 -20.61 -2.59 28.11
N TYR F 66 -19.91 -2.53 26.97
CA TYR F 66 -19.43 -3.74 26.33
C TYR F 66 -18.05 -4.10 26.87
N PRO F 67 -17.87 -5.30 27.43
CA PRO F 67 -16.54 -5.69 27.93
C PRO F 67 -15.50 -5.86 26.83
N ASP F 68 -15.92 -6.25 25.65
CA ASP F 68 -14.98 -6.50 24.56
C ASP F 68 -15.80 -6.57 23.27
N ALA F 69 -15.09 -6.64 22.15
CA ALA F 69 -15.79 -6.68 20.88
C ALA F 69 -16.73 -7.87 20.78
N GLN F 70 -16.40 -8.98 21.44
CA GLN F 70 -17.24 -10.16 21.27
C GLN F 70 -18.63 -9.96 21.85
N GLY F 71 -18.76 -9.16 22.91
CA GLY F 71 -20.09 -8.89 23.45
C GLY F 71 -20.92 -8.02 22.53
N PHE F 72 -20.29 -7.00 21.95
CA PHE F 72 -20.95 -6.21 20.93
C PHE F 72 -21.47 -7.10 19.81
N ALA F 73 -20.60 -7.96 19.29
CA ALA F 73 -21.01 -8.85 18.22
C ALA F 73 -22.15 -9.76 18.65
N ALA F 74 -22.08 -10.26 19.88
CA ALA F 74 -23.15 -11.10 20.42
C ALA F 74 -24.50 -10.39 20.33
N ASP F 75 -24.53 -9.10 20.70
CA ASP F 75 -25.79 -8.35 20.64
C ASP F 75 -26.26 -8.13 19.19
N VAL F 76 -25.33 -7.78 18.29
CA VAL F 76 -25.74 -7.55 16.91
C VAL F 76 -26.33 -8.82 16.31
N ARG F 77 -25.60 -9.93 16.51
CA ARG F 77 -26.08 -11.20 16.01
C ARG F 77 -27.42 -11.54 16.62
N LEU F 78 -27.59 -11.26 17.91
CA LEU F 78 -28.86 -11.54 18.55
C LEU F 78 -30.00 -10.80 17.86
N MET F 79 -29.81 -9.52 17.52
CA MET F 79 -30.85 -8.81 16.79
C MET F 79 -31.19 -9.50 15.47
N PHE F 80 -30.16 -9.93 14.72
CA PHE F 80 -30.42 -10.64 13.46
C PHE F 80 -31.16 -11.96 13.71
N SER F 81 -30.67 -12.73 14.69
CA SER F 81 -31.27 -14.02 15.02
C SER F 81 -32.72 -13.85 15.40
N ASN F 82 -33.04 -12.80 16.16
CA ASN F 82 -34.44 -12.56 16.50
C ASN F 82 -35.25 -12.40 15.23
N CYS F 83 -34.71 -11.67 14.25
CA CYS F 83 -35.47 -11.50 13.02
C CYS F 83 -35.73 -12.85 12.35
N TYR F 84 -34.69 -13.68 12.24
CA TYR F 84 -34.86 -14.98 11.60
C TYR F 84 -35.77 -15.90 12.41
N LYS F 85 -35.66 -15.88 13.74
CA LYS F 85 -36.50 -16.75 14.54
C LYS F 85 -37.97 -16.41 14.31
N TYR F 86 -38.31 -15.12 14.38
CA TYR F 86 -39.73 -14.75 14.38
C TYR F 86 -40.34 -14.88 13.00
N ASN F 87 -39.60 -14.55 11.94
CA ASN F 87 -40.26 -14.51 10.64
C ASN F 87 -40.07 -15.82 9.89
N PRO F 88 -40.97 -16.15 8.97
CA PRO F 88 -40.70 -17.26 8.05
C PRO F 88 -39.62 -16.86 7.05
N PRO F 89 -38.92 -17.84 6.49
CA PRO F 89 -37.74 -17.53 5.68
C PRO F 89 -38.03 -16.98 4.29
N ASP F 90 -39.28 -16.71 3.94
CA ASP F 90 -39.64 -16.11 2.67
C ASP F 90 -40.15 -14.67 2.81
N HIS F 91 -40.11 -14.12 4.01
CA HIS F 91 -40.46 -12.73 4.24
C HIS F 91 -39.36 -11.78 3.76
N GLU F 92 -39.76 -10.66 3.16
CA GLU F 92 -38.76 -9.72 2.66
C GLU F 92 -37.91 -9.15 3.80
N VAL F 93 -38.48 -9.01 4.99
CA VAL F 93 -37.73 -8.48 6.13
C VAL F 93 -36.51 -9.35 6.41
N VAL F 94 -36.61 -10.66 6.17
CA VAL F 94 -35.47 -11.53 6.40
C VAL F 94 -34.37 -11.24 5.38
N ALA F 95 -34.74 -10.98 4.14
CA ALA F 95 -33.72 -10.61 3.15
C ALA F 95 -33.02 -9.34 3.57
N MET F 96 -33.77 -8.39 4.14
CA MET F 96 -33.15 -7.16 4.60
C MET F 96 -32.17 -7.43 5.73
N ALA F 97 -32.63 -8.16 6.75
CA ALA F 97 -31.74 -8.57 7.82
C ALA F 97 -30.47 -9.21 7.25
N ARG F 98 -30.61 -10.04 6.22
CA ARG F 98 -29.43 -10.70 5.68
C ARG F 98 -28.48 -9.70 5.03
N LYS F 99 -29.02 -8.77 4.23
CA LYS F 99 -28.16 -7.73 3.66
C LYS F 99 -27.39 -7.01 4.75
N LEU F 100 -28.09 -6.56 5.78
CA LEU F 100 -27.42 -5.78 6.82
C LEU F 100 -26.40 -6.64 7.56
N GLN F 101 -26.73 -7.89 7.83
CA GLN F 101 -25.77 -8.76 8.50
C GLN F 101 -24.57 -9.04 7.62
N ASP F 102 -24.77 -9.06 6.30
CA ASP F 102 -23.63 -9.15 5.40
C ASP F 102 -22.69 -7.99 5.65
N VAL F 103 -23.26 -6.78 5.74
CA VAL F 103 -22.42 -5.62 6.05
C VAL F 103 -21.67 -5.85 7.37
N PHE F 104 -22.42 -6.21 8.41
CA PHE F 104 -21.78 -6.32 9.72
C PHE F 104 -20.69 -7.38 9.72
N GLU F 105 -20.98 -8.57 9.18
CA GLU F 105 -20.02 -9.66 9.25
C GLU F 105 -18.78 -9.33 8.44
N MET F 106 -18.95 -8.66 7.29
CA MET F 106 -17.78 -8.25 6.52
C MET F 106 -16.91 -7.30 7.32
N ARG F 107 -17.51 -6.24 7.87
CA ARG F 107 -16.69 -5.23 8.55
C ARG F 107 -16.04 -5.81 9.80
N PHE F 108 -16.77 -6.66 10.53
CA PHE F 108 -16.23 -7.26 11.74
C PHE F 108 -15.06 -8.19 11.40
N ALA F 109 -15.19 -8.97 10.32
CA ALA F 109 -14.10 -9.86 9.90
C ALA F 109 -12.85 -9.07 9.54
N LYS F 110 -13.01 -7.90 8.93
CA LYS F 110 -11.89 -7.07 8.51
C LYS F 110 -11.29 -6.23 9.64
N MET F 111 -11.76 -6.44 10.86
CA MET F 111 -11.18 -5.75 12.00
C MET F 111 -9.69 -6.07 12.07
N PRO F 112 -8.83 -5.07 12.29
CA PRO F 112 -7.40 -5.38 12.37
C PRO F 112 -7.05 -6.36 13.51
N SER G 5 1.62 30.60 2.75
CA SER G 5 2.46 31.77 2.50
C SER G 5 3.74 31.69 3.32
N GLU G 6 4.72 32.51 2.97
CA GLU G 6 6.00 32.47 3.71
C GLU G 6 5.77 32.80 5.17
N HIS G 7 4.99 33.84 5.45
CA HIS G 7 4.71 34.24 6.84
C HIS G 7 4.03 33.10 7.55
N LEU G 8 3.00 32.52 6.93
CA LEU G 8 2.15 31.47 7.54
C LEU G 8 3.00 30.23 7.84
N ARG G 9 3.99 29.93 7.01
CA ARG G 9 4.92 28.80 7.25
C ARG G 9 5.88 29.17 8.39
N TYR G 10 6.14 30.46 8.60
CA TYR G 10 6.99 30.88 9.73
C TYR G 10 6.15 30.80 10.99
N CYS G 11 4.88 31.15 10.87
CA CYS G 11 3.97 31.07 12.03
C CYS G 11 3.90 29.62 12.48
N ASP G 12 3.87 28.69 11.54
CA ASP G 12 3.91 27.28 11.86
C ASP G 12 5.05 26.99 12.83
N SER G 13 6.24 27.54 12.53
CA SER G 13 7.38 27.35 13.44
C SER G 13 7.12 27.94 14.81
N ILE G 14 6.51 29.13 14.87
CA ILE G 14 6.20 29.73 16.16
C ILE G 14 5.34 28.77 16.98
N LEU G 15 4.29 28.25 16.36
CA LEU G 15 3.41 27.32 17.06
C LEU G 15 4.18 26.13 17.58
N ARG G 16 5.07 25.59 16.74
CA ARG G 16 5.92 24.49 17.17
C ARG G 16 6.66 24.84 18.45
N GLU G 17 7.34 25.99 18.45
CA GLU G 17 8.11 26.34 19.65
C GLU G 17 7.20 26.46 20.87
N MET G 18 6.03 27.07 20.71
CA MET G 18 5.14 27.22 21.85
C MET G 18 4.62 25.88 22.37
N LEU G 19 4.57 24.86 21.54
CA LEU G 19 4.11 23.56 22.01
C LEU G 19 5.24 22.66 22.52
N SER G 20 6.50 23.09 22.44
CA SER G 20 7.64 22.25 22.75
C SER G 20 7.89 22.13 24.27
N LYS G 21 8.64 21.07 24.64
CA LYS G 21 9.01 20.86 26.04
C LYS G 21 9.75 22.05 26.60
N LYS G 22 10.49 22.76 25.74
CA LYS G 22 11.28 23.90 26.21
C LYS G 22 10.45 24.86 27.04
N HIS G 23 9.17 25.00 26.69
CA HIS G 23 8.27 25.95 27.33
C HIS G 23 7.16 25.26 28.12
N ALA G 24 7.17 23.92 28.18
CA ALA G 24 6.06 23.19 28.79
C ALA G 24 5.78 23.68 30.20
N ALA G 25 6.84 23.94 30.97
CA ALA G 25 6.75 24.42 32.35
C ALA G 25 5.71 25.52 32.53
N TYR G 26 5.64 26.48 31.61
CA TYR G 26 4.65 27.54 31.74
C TYR G 26 3.59 27.52 30.65
N ALA G 27 3.69 26.62 29.67
CA ALA G 27 2.75 26.65 28.56
C ALA G 27 1.53 25.74 28.75
N TRP G 28 1.60 24.78 29.67
CA TRP G 28 0.62 23.69 29.67
C TRP G 28 -0.84 24.13 29.90
N PRO G 29 -1.14 25.21 30.62
CA PRO G 29 -2.56 25.62 30.75
C PRO G 29 -3.18 26.08 29.46
N PHE G 30 -2.40 26.28 28.41
CA PHE G 30 -2.94 26.77 27.17
C PHE G 30 -3.00 25.71 26.09
N TYR G 31 -2.67 24.45 26.45
CA TYR G 31 -2.66 23.35 25.48
C TYR G 31 -4.06 23.01 25.01
N LYS G 32 -4.97 22.74 25.95
CA LYS G 32 -6.34 22.32 25.67
C LYS G 32 -7.32 23.41 26.06
N PRO G 33 -8.57 23.30 25.62
CA PRO G 33 -9.56 24.34 25.97
C PRO G 33 -9.82 24.39 27.46
N VAL G 34 -10.25 25.56 27.93
CA VAL G 34 -10.55 25.71 29.34
C VAL G 34 -11.81 24.90 29.62
N ASP G 35 -11.67 23.85 30.42
CA ASP G 35 -12.84 23.05 30.78
C ASP G 35 -13.50 23.70 31.97
N ALA G 36 -14.51 24.54 31.68
CA ALA G 36 -15.11 25.35 32.74
C ALA G 36 -15.72 24.49 33.83
N GLU G 37 -16.34 23.36 33.47
CA GLU G 37 -16.99 22.51 34.46
C GLU G 37 -15.97 21.81 35.33
N ALA G 38 -14.94 21.23 34.70
CA ALA G 38 -13.94 20.49 35.48
C ALA G 38 -13.21 21.38 36.47
N LEU G 39 -12.94 22.63 36.11
CA LEU G 39 -12.17 23.52 36.96
C LEU G 39 -13.04 24.27 37.96
N GLU G 40 -14.34 23.96 38.00
CA GLU G 40 -15.28 24.62 38.91
C GLU G 40 -15.21 26.13 38.74
N LEU G 41 -15.29 26.57 37.48
CA LEU G 41 -15.26 27.98 37.11
C LEU G 41 -16.64 28.38 36.60
N HIS G 42 -17.53 28.72 37.55
CA HIS G 42 -18.94 28.88 37.20
C HIS G 42 -19.22 30.16 36.41
N ASP G 43 -18.29 31.10 36.35
CA ASP G 43 -18.51 32.35 35.64
C ASP G 43 -17.67 32.48 34.38
N TYR G 44 -16.88 31.48 34.02
CA TYR G 44 -15.93 31.62 32.92
C TYR G 44 -16.63 32.02 31.62
N HIS G 45 -17.71 31.34 31.26
CA HIS G 45 -18.35 31.66 29.99
C HIS G 45 -19.25 32.88 30.08
N ASP G 46 -19.41 33.46 31.27
CA ASP G 46 -19.97 34.79 31.37
C ASP G 46 -18.94 35.85 31.00
N ILE G 47 -17.69 35.64 31.39
CA ILE G 47 -16.65 36.64 31.18
C ILE G 47 -15.95 36.45 29.84
N ILE G 48 -15.61 35.21 29.47
CA ILE G 48 -14.92 34.91 28.22
C ILE G 48 -15.95 34.47 27.18
N LYS G 49 -16.23 35.32 26.19
CA LYS G 49 -17.16 34.95 25.13
C LYS G 49 -16.50 34.31 23.91
N HIS G 50 -15.17 34.30 23.82
CA HIS G 50 -14.46 33.77 22.65
C HIS G 50 -13.27 32.97 23.15
N PRO G 51 -13.52 31.78 23.70
CA PRO G 51 -12.44 30.93 24.21
C PRO G 51 -11.42 30.62 23.13
N MET G 52 -10.20 30.34 23.57
CA MET G 52 -9.13 30.03 22.64
C MET G 52 -7.99 29.35 23.37
N ASP G 53 -7.35 28.40 22.69
CA ASP G 53 -6.25 27.65 23.25
C ASP G 53 -5.37 27.20 22.10
N LEU G 54 -4.21 26.64 22.44
CA LEU G 54 -3.24 26.30 21.42
C LEU G 54 -3.71 25.16 20.53
N SER G 55 -4.52 24.19 21.05
CA SER G 55 -5.00 23.10 20.20
C SER G 55 -5.87 23.65 19.09
N THR G 56 -6.80 24.54 19.45
CA THR G 56 -7.60 25.20 18.44
C THR G 56 -6.74 25.93 17.43
N VAL G 57 -5.68 26.59 17.89
CA VAL G 57 -4.82 27.31 16.95
C VAL G 57 -4.14 26.32 16.00
N LYS G 58 -3.66 25.18 16.53
CA LYS G 58 -3.05 24.13 15.71
C LYS G 58 -4.05 23.56 14.72
N ARG G 59 -5.28 23.32 15.17
CA ARG G 59 -6.35 22.86 14.29
C ARG G 59 -6.55 23.85 13.14
N LYS G 60 -6.77 25.12 13.47
CA LYS G 60 -7.00 26.12 12.44
C LYS G 60 -5.82 26.20 11.49
N MET G 61 -4.60 26.04 12.01
CA MET G 61 -3.43 26.13 11.14
C MET G 61 -3.31 24.91 10.25
N ASP G 62 -3.51 23.71 10.80
CA ASP G 62 -3.40 22.50 9.99
C ASP G 62 -4.46 22.51 8.90
N GLY G 63 -5.66 23.00 9.22
CA GLY G 63 -6.71 23.14 8.23
C GLY G 63 -6.63 24.41 7.39
N ARG G 64 -5.47 25.06 7.41
CA ARG G 64 -5.17 26.31 6.66
C ARG G 64 -6.34 27.30 6.74
N GLU G 65 -6.93 27.46 7.92
CA GLU G 65 -8.06 28.36 8.14
C GLU G 65 -7.65 29.81 8.39
N TYR G 66 -6.35 30.10 8.54
CA TYR G 66 -5.95 31.49 8.74
C TYR G 66 -5.68 32.11 7.38
N PRO G 67 -6.29 33.25 7.07
CA PRO G 67 -6.00 33.91 5.79
C PRO G 67 -4.58 34.44 5.70
N ASP G 68 -3.98 34.80 6.82
CA ASP G 68 -2.64 35.41 6.82
C ASP G 68 -2.07 35.28 8.22
N ALA G 69 -0.79 35.67 8.35
CA ALA G 69 -0.14 35.57 9.64
C ALA G 69 -0.84 36.42 10.71
N GLN G 70 -1.44 37.55 10.32
CA GLN G 70 -2.08 38.43 11.30
C GLN G 70 -3.30 37.77 11.95
N GLY G 71 -4.03 36.94 11.22
CA GLY G 71 -5.14 36.22 11.84
C GLY G 71 -4.65 35.22 12.86
N PHE G 72 -3.53 34.55 12.56
CA PHE G 72 -2.88 33.67 13.52
C PHE G 72 -2.51 34.42 14.79
N ALA G 73 -1.80 35.54 14.63
CA ALA G 73 -1.40 36.31 15.80
C ALA G 73 -2.62 36.78 16.57
N ALA G 74 -3.68 37.18 15.84
CA ALA G 74 -4.91 37.61 16.50
C ALA G 74 -5.47 36.52 17.39
N ASP G 75 -5.49 35.27 16.90
CA ASP G 75 -6.03 34.18 17.69
C ASP G 75 -5.16 33.90 18.93
N VAL G 76 -3.83 33.92 18.76
CA VAL G 76 -2.92 33.64 19.88
C VAL G 76 -3.11 34.69 20.98
N ARG G 77 -3.09 35.96 20.58
CA ARG G 77 -3.32 37.04 21.51
C ARG G 77 -4.70 36.95 22.14
N LEU G 78 -5.71 36.47 21.41
CA LEU G 78 -7.01 36.29 22.05
C LEU G 78 -6.94 35.31 23.21
N MET G 79 -6.24 34.18 23.02
CA MET G 79 -6.03 33.23 24.11
C MET G 79 -5.35 33.88 25.32
N PHE G 80 -4.27 34.63 25.07
CA PHE G 80 -3.60 35.32 26.18
C PHE G 80 -4.52 36.34 26.84
N SER G 81 -5.22 37.13 26.03
CA SER G 81 -6.09 38.16 26.56
C SER G 81 -7.14 37.56 27.45
N ASN G 82 -7.70 36.40 27.04
CA ASN G 82 -8.70 35.75 27.86
C ASN G 82 -8.11 35.41 29.22
N CYS G 83 -6.85 34.95 29.23
CA CYS G 83 -6.24 34.63 30.52
C CYS G 83 -6.13 35.87 31.41
N TYR G 84 -5.72 37.00 30.83
CA TYR G 84 -5.65 38.25 31.62
C TYR G 84 -7.04 38.79 32.01
N LYS G 85 -8.03 38.62 31.14
CA LYS G 85 -9.39 39.13 31.49
C LYS G 85 -9.97 38.32 32.65
N TYR G 86 -9.81 37.00 32.66
CA TYR G 86 -10.50 36.22 33.67
C TYR G 86 -9.79 36.25 35.01
N ASN G 87 -8.46 36.21 35.01
CA ASN G 87 -7.77 36.07 36.29
C ASN G 87 -7.38 37.43 36.85
N PRO G 88 -7.26 37.52 38.17
CA PRO G 88 -6.69 38.73 38.76
C PRO G 88 -5.20 38.76 38.51
N PRO G 89 -4.59 39.94 38.50
CA PRO G 89 -3.24 40.08 37.96
C PRO G 89 -2.12 39.56 38.87
N ASP G 90 -2.45 38.91 39.98
CA ASP G 90 -1.45 38.32 40.85
C ASP G 90 -1.50 36.79 40.85
N HIS G 91 -2.34 36.18 40.02
CA HIS G 91 -2.36 34.73 39.90
C HIS G 91 -1.12 34.23 39.15
N GLU G 92 -0.54 33.12 39.62
CA GLU G 92 0.66 32.61 38.96
C GLU G 92 0.36 32.29 37.50
N VAL G 93 -0.89 31.91 37.20
CA VAL G 93 -1.27 31.61 35.82
C VAL G 93 -1.03 32.83 34.93
N VAL G 94 -1.18 34.03 35.48
CA VAL G 94 -0.98 35.22 34.67
C VAL G 94 0.50 35.39 34.34
N ALA G 95 1.39 35.13 35.31
CA ALA G 95 2.82 35.19 35.03
C ALA G 95 3.21 34.12 34.00
N MET G 96 2.60 32.95 34.08
CA MET G 96 2.89 31.93 33.08
C MET G 96 2.50 32.41 31.68
N ALA G 97 1.25 32.85 31.53
CA ALA G 97 0.79 33.42 30.27
C ALA G 97 1.73 34.51 29.78
N ARG G 98 2.26 35.32 30.69
CA ARG G 98 3.13 36.42 30.29
C ARG G 98 4.46 35.90 29.76
N LYS G 99 5.05 34.91 30.45
CA LYS G 99 6.25 34.24 29.93
C LYS G 99 6.00 33.71 28.51
N LEU G 100 4.87 33.03 28.33
CA LEU G 100 4.60 32.45 27.03
C LEU G 100 4.38 33.52 25.97
N GLN G 101 3.69 34.59 26.33
CA GLN G 101 3.49 35.65 25.37
C GLN G 101 4.79 36.36 25.04
N ASP G 102 5.71 36.44 25.99
CA ASP G 102 7.04 36.96 25.68
C ASP G 102 7.68 36.14 24.58
N VAL G 103 7.68 34.82 24.76
CA VAL G 103 8.21 33.95 23.70
C VAL G 103 7.53 34.26 22.37
N PHE G 104 6.20 34.21 22.35
CA PHE G 104 5.47 34.42 21.07
C PHE G 104 5.75 35.77 20.46
N GLU G 105 5.71 36.83 21.25
CA GLU G 105 5.94 38.17 20.67
C GLU G 105 7.35 38.24 20.12
N MET G 106 8.35 37.75 20.85
CA MET G 106 9.68 37.80 20.29
C MET G 106 9.76 37.05 18.95
N ARG G 107 9.26 35.81 18.91
CA ARG G 107 9.42 35.06 17.67
C ARG G 107 8.59 35.66 16.55
N PHE G 108 7.36 36.06 16.85
CA PHE G 108 6.48 36.62 15.83
C PHE G 108 7.04 37.94 15.35
N ALA G 109 7.58 38.72 16.29
CA ALA G 109 8.22 39.96 15.92
C ALA G 109 9.37 39.70 14.96
N LYS G 110 10.19 38.68 15.25
CA LYS G 110 11.37 38.40 14.45
C LYS G 110 11.08 37.74 13.08
N MET G 111 9.83 37.64 12.65
CA MET G 111 9.50 37.10 11.33
C MET G 111 10.24 37.85 10.22
N PRO G 112 10.87 37.13 9.25
CA PRO G 112 11.57 37.76 8.11
C PRO G 112 10.67 38.60 7.21
N SER H 5 -18.78 -36.45 57.78
CA SER H 5 -18.47 -37.58 58.65
C SER H 5 -16.95 -37.60 58.94
N GLU H 6 -16.55 -38.34 59.98
CA GLU H 6 -15.14 -38.41 60.33
C GLU H 6 -14.28 -38.77 59.12
N HIS H 7 -14.61 -39.92 58.50
CA HIS H 7 -13.87 -40.35 57.32
C HIS H 7 -13.95 -39.32 56.18
N LEU H 8 -15.12 -38.71 55.97
CA LEU H 8 -15.22 -37.74 54.89
C LEU H 8 -14.35 -36.51 55.17
N ARG H 9 -14.17 -36.15 56.43
CA ARG H 9 -13.26 -35.06 56.74
C ARG H 9 -11.82 -35.47 56.48
N TYR H 10 -11.46 -36.71 56.76
CA TYR H 10 -10.12 -37.14 56.37
C TYR H 10 -9.95 -37.09 54.85
N CYS H 11 -10.98 -37.51 54.12
CA CYS H 11 -10.93 -37.44 52.66
C CYS H 11 -10.75 -36.01 52.20
N ASP H 12 -11.42 -35.08 52.87
CA ASP H 12 -11.19 -33.68 52.59
C ASP H 12 -9.71 -33.35 52.66
N SER H 13 -9.04 -33.80 53.73
CA SER H 13 -7.60 -33.53 53.84
C SER H 13 -6.81 -34.17 52.71
N ILE H 14 -7.16 -35.42 52.32
CA ILE H 14 -6.48 -36.04 51.18
C ILE H 14 -6.60 -35.16 49.94
N LEU H 15 -7.82 -34.74 49.63
CA LEU H 15 -8.05 -33.91 48.47
C LEU H 15 -7.24 -32.61 48.54
N ARG H 16 -7.20 -31.99 49.72
CA ARG H 16 -6.37 -30.80 49.88
C ARG H 16 -4.94 -31.08 49.47
N GLU H 17 -4.36 -32.18 49.98
CA GLU H 17 -2.98 -32.48 49.65
C GLU H 17 -2.77 -32.69 48.17
N MET H 18 -3.69 -33.42 47.52
CA MET H 18 -3.56 -33.71 46.10
C MET H 18 -3.59 -32.43 45.24
N LEU H 19 -4.27 -31.38 45.70
CA LEU H 19 -4.32 -30.13 44.96
C LEU H 19 -3.20 -29.17 45.36
N SER H 20 -2.36 -29.55 46.31
CA SER H 20 -1.35 -28.67 46.85
C SER H 20 -0.19 -28.49 45.89
N LYS H 21 0.59 -27.43 46.11
CA LYS H 21 1.77 -27.21 45.28
C LYS H 21 2.75 -28.37 45.34
N LYS H 22 2.86 -29.04 46.48
CA LYS H 22 3.88 -30.09 46.65
C LYS H 22 3.82 -31.17 45.55
N HIS H 23 2.64 -31.44 44.99
CA HIS H 23 2.53 -32.51 44.00
C HIS H 23 2.26 -31.95 42.62
N ALA H 24 2.33 -30.62 42.50
CA ALA H 24 1.92 -29.93 41.29
C ALA H 24 2.61 -30.51 40.04
N ALA H 25 3.92 -30.79 40.13
CA ALA H 25 4.69 -31.31 38.99
C ALA H 25 3.98 -32.43 38.24
N TYR H 26 3.34 -33.34 38.95
CA TYR H 26 2.64 -34.41 38.26
C TYR H 26 1.14 -34.36 38.45
N ALA H 27 0.59 -33.47 39.29
CA ALA H 27 -0.84 -33.53 39.51
C ALA H 27 -1.65 -32.63 38.57
N TRP H 28 -1.00 -31.68 37.91
CA TRP H 28 -1.76 -30.65 37.20
C TRP H 28 -2.64 -31.15 36.07
N PRO H 29 -2.31 -32.23 35.36
CA PRO H 29 -3.22 -32.72 34.30
C PRO H 29 -4.57 -33.19 34.82
N PHE H 30 -4.77 -33.28 36.14
CA PHE H 30 -6.04 -33.75 36.67
C PHE H 30 -6.82 -32.65 37.38
N TYR H 31 -6.34 -31.40 37.34
CA TYR H 31 -7.01 -30.32 38.08
C TYR H 31 -8.38 -30.02 37.50
N LYS H 32 -8.45 -29.78 36.20
CA LYS H 32 -9.69 -29.43 35.52
C LYS H 32 -10.09 -30.56 34.58
N PRO H 33 -11.34 -30.57 34.10
CA PRO H 33 -11.79 -31.68 33.24
C PRO H 33 -11.00 -31.76 31.94
N VAL H 34 -10.96 -32.96 31.37
CA VAL H 34 -10.21 -33.16 30.13
C VAL H 34 -10.90 -32.36 29.04
N ASP H 35 -10.20 -31.37 28.49
CA ASP H 35 -10.75 -30.49 27.47
C ASP H 35 -10.53 -31.13 26.10
N ALA H 36 -11.51 -31.92 25.68
CA ALA H 36 -11.36 -32.68 24.44
C ALA H 36 -11.19 -31.76 23.26
N GLU H 37 -11.83 -30.58 23.27
CA GLU H 37 -11.70 -29.68 22.13
C GLU H 37 -10.32 -29.07 22.09
N ALA H 38 -9.88 -28.48 23.20
CA ALA H 38 -8.56 -27.84 23.20
C ALA H 38 -7.44 -28.84 22.96
N LEU H 39 -7.62 -30.08 23.41
CA LEU H 39 -6.58 -31.07 23.25
C LEU H 39 -6.71 -31.86 21.94
N GLU H 40 -7.69 -31.53 21.10
CA GLU H 40 -7.84 -32.20 19.82
C GLU H 40 -7.80 -33.71 20.01
N LEU H 41 -8.70 -34.18 20.89
CA LEU H 41 -8.89 -35.60 21.24
C LEU H 41 -10.26 -36.06 20.75
N HIS H 42 -10.34 -36.47 19.49
CA HIS H 42 -11.62 -36.74 18.84
C HIS H 42 -12.23 -38.07 19.29
N ASP H 43 -11.48 -38.94 19.95
CA ASP H 43 -12.01 -40.21 20.44
C ASP H 43 -12.21 -40.24 21.94
N TYR H 44 -11.91 -39.14 22.64
CA TYR H 44 -11.90 -39.19 24.09
C TYR H 44 -13.25 -39.62 24.64
N HIS H 45 -14.33 -39.00 24.19
CA HIS H 45 -15.63 -39.35 24.75
C HIS H 45 -16.19 -40.64 24.18
N ASP H 46 -15.52 -41.24 23.21
CA ASP H 46 -15.87 -42.61 22.81
C ASP H 46 -15.31 -43.63 23.78
N ILE H 47 -14.12 -43.36 24.31
CA ILE H 47 -13.45 -44.31 25.18
C ILE H 47 -13.82 -44.08 26.64
N ILE H 48 -13.84 -42.83 27.08
CA ILE H 48 -14.12 -42.48 28.46
C ILE H 48 -15.61 -42.12 28.58
N LYS H 49 -16.40 -42.99 29.19
CA LYS H 49 -17.82 -42.68 29.31
C LYS H 49 -18.14 -41.87 30.57
N HIS H 50 -17.22 -41.76 31.51
CA HIS H 50 -17.49 -41.09 32.79
C HIS H 50 -16.26 -40.27 33.16
N PRO H 51 -16.05 -39.14 32.48
CA PRO H 51 -14.89 -38.29 32.79
C PRO H 51 -14.84 -37.93 34.26
N MET H 52 -13.65 -37.61 34.75
CA MET H 52 -13.50 -37.29 36.16
C MET H 52 -12.20 -36.52 36.34
N ASP H 53 -12.21 -35.55 37.23
CA ASP H 53 -11.03 -34.77 37.53
C ASP H 53 -11.16 -34.25 38.94
N LEU H 54 -10.07 -33.64 39.42
CA LEU H 54 -10.04 -33.19 40.81
C LEU H 54 -11.02 -32.04 41.04
N SER H 55 -11.26 -31.22 40.03
CA SER H 55 -12.23 -30.14 40.21
C SER H 55 -13.60 -30.71 40.53
N THR H 56 -14.03 -31.69 39.74
CA THR H 56 -15.30 -32.34 40.01
C THR H 56 -15.34 -32.99 41.39
N VAL H 57 -14.25 -33.63 41.82
CA VAL H 57 -14.23 -34.23 43.16
C VAL H 57 -14.33 -33.16 44.24
N LYS H 58 -13.60 -32.04 44.09
CA LYS H 58 -13.74 -30.95 45.07
C LYS H 58 -15.17 -30.44 45.10
N ARG H 59 -15.77 -30.24 43.92
CA ARG H 59 -17.16 -29.81 43.85
C ARG H 59 -18.07 -30.77 44.60
N LYS H 60 -17.99 -32.06 44.28
CA LYS H 60 -18.86 -33.02 44.94
C LYS H 60 -18.63 -33.07 46.45
N MET H 61 -17.38 -32.86 46.89
CA MET H 61 -17.08 -32.88 48.33
C MET H 61 -17.65 -31.66 49.04
N ASP H 62 -17.39 -30.45 48.50
CA ASP H 62 -17.89 -29.23 49.12
C ASP H 62 -19.40 -29.19 49.10
N GLY H 63 -19.98 -29.84 48.10
CA GLY H 63 -21.45 -29.94 48.04
C GLY H 63 -21.93 -31.16 48.79
N ARG H 64 -21.00 -31.89 49.40
CA ARG H 64 -21.31 -33.10 50.20
C ARG H 64 -22.21 -34.05 49.42
N GLU H 65 -21.80 -34.40 48.20
CA GLU H 65 -22.56 -35.31 47.33
C GLU H 65 -22.13 -36.77 47.56
N TYR H 66 -21.02 -36.98 48.26
CA TYR H 66 -20.51 -38.34 48.51
C TYR H 66 -21.17 -38.92 49.77
N PRO H 67 -21.75 -40.12 49.73
CA PRO H 67 -22.41 -40.68 50.89
C PRO H 67 -21.43 -41.31 51.88
N ASP H 68 -20.22 -41.63 51.42
CA ASP H 68 -19.20 -42.27 52.28
C ASP H 68 -17.84 -42.16 51.60
N ALA H 69 -16.79 -42.41 52.35
CA ALA H 69 -15.40 -42.33 51.84
C ALA H 69 -15.19 -43.27 50.66
N GLN H 70 -15.97 -44.33 50.55
CA GLN H 70 -15.78 -45.24 49.42
C GLN H 70 -16.24 -44.63 48.10
N GLY H 71 -17.29 -43.80 48.11
CA GLY H 71 -17.67 -43.09 46.89
C GLY H 71 -16.64 -42.07 46.47
N PHE H 72 -16.06 -41.37 47.45
CA PHE H 72 -14.93 -40.49 47.16
C PHE H 72 -13.81 -41.26 46.48
N ALA H 73 -13.42 -42.39 47.08
CA ALA H 73 -12.33 -43.19 46.53
C ALA H 73 -12.67 -43.71 45.16
N ALA H 74 -13.93 -44.12 44.96
CA ALA H 74 -14.41 -44.57 43.67
C ALA H 74 -14.19 -43.51 42.61
N ASP H 75 -14.56 -42.25 42.92
CA ASP H 75 -14.41 -41.17 41.94
C ASP H 75 -12.95 -40.87 41.64
N VAL H 76 -12.10 -40.82 42.68
CA VAL H 76 -10.68 -40.55 42.44
C VAL H 76 -10.07 -41.66 41.60
N ARG H 77 -10.36 -42.90 41.97
CA ARG H 77 -9.83 -44.02 41.20
C ARG H 77 -10.33 -43.95 39.77
N LEU H 78 -11.60 -43.57 39.57
CA LEU H 78 -12.11 -43.48 38.21
C LEU H 78 -11.30 -42.49 37.40
N MET H 79 -10.97 -41.34 37.97
CA MET H 79 -10.11 -40.37 37.29
C MET H 79 -8.80 -41.03 36.82
N PHE H 80 -8.13 -41.75 37.74
CA PHE H 80 -6.89 -42.42 37.33
C PHE H 80 -7.16 -43.50 36.28
N SER H 81 -8.21 -44.31 36.50
CA SER H 81 -8.50 -45.41 35.58
C SER H 81 -8.72 -44.87 34.19
N ASN H 82 -9.47 -43.76 34.06
CA ASN H 82 -9.69 -43.17 32.76
C ASN H 82 -8.37 -42.81 32.11
N CYS H 83 -7.46 -42.24 32.90
CA CYS H 83 -6.18 -41.89 32.30
C CYS H 83 -5.47 -43.13 31.78
N TYR H 84 -5.56 -44.23 32.53
CA TYR H 84 -4.95 -45.48 32.07
C TYR H 84 -5.68 -46.05 30.85
N LYS H 85 -7.02 -45.98 30.84
CA LYS H 85 -7.85 -46.42 29.73
C LYS H 85 -7.39 -45.81 28.44
N TYR H 86 -7.34 -44.48 28.44
CA TYR H 86 -7.19 -43.73 27.21
C TYR H 86 -5.75 -43.75 26.72
N ASN H 87 -4.80 -43.68 27.63
CA ASN H 87 -3.44 -43.49 27.12
C ASN H 87 -2.74 -44.83 26.98
N PRO H 88 -1.74 -44.91 26.11
CA PRO H 88 -0.87 -46.10 26.09
C PRO H 88 0.01 -46.10 27.32
N PRO H 89 0.46 -47.28 27.76
CA PRO H 89 1.09 -47.40 29.07
C PRO H 89 2.53 -46.89 29.15
N ASP H 90 3.07 -46.27 28.09
CA ASP H 90 4.40 -45.68 28.12
C ASP H 90 4.37 -44.16 28.00
N HIS H 91 3.18 -43.55 28.01
CA HIS H 91 3.08 -42.09 28.00
C HIS H 91 3.47 -41.49 29.35
N GLU H 92 4.16 -40.35 29.30
CA GLU H 92 4.58 -39.74 30.56
C GLU H 92 3.38 -39.38 31.44
N VAL H 93 2.25 -39.02 30.84
CA VAL H 93 1.07 -38.69 31.63
C VAL H 93 0.66 -39.88 32.49
N VAL H 94 0.90 -41.09 32.01
CA VAL H 94 0.57 -42.25 32.82
C VAL H 94 1.53 -42.36 34.01
N ALA H 95 2.79 -41.99 33.82
CA ALA H 95 3.70 -41.98 34.95
C ALA H 95 3.25 -40.97 36.00
N MET H 96 2.82 -39.79 35.56
CA MET H 96 2.34 -38.72 36.49
C MET H 96 1.11 -39.23 37.25
N ALA H 97 0.20 -39.91 36.56
CA ALA H 97 -1.03 -40.44 37.18
C ALA H 97 -0.66 -41.51 38.21
N ARG H 98 0.37 -42.31 37.91
CA ARG H 98 0.83 -43.38 38.85
C ARG H 98 1.42 -42.73 40.10
N LYS H 99 2.11 -41.60 39.91
CA LYS H 99 2.73 -40.85 41.03
C LYS H 99 1.63 -40.25 41.93
N LEU H 100 0.62 -39.63 41.32
CA LEU H 100 -0.48 -39.00 42.10
C LEU H 100 -1.30 -40.10 42.79
N GLN H 101 -1.52 -41.23 42.11
CA GLN H 101 -2.28 -42.31 42.75
C GLN H 101 -1.47 -42.94 43.87
N ASP H 102 -0.14 -42.94 43.78
CA ASP H 102 0.66 -43.36 44.93
C ASP H 102 0.33 -42.52 46.15
N VAL H 103 0.39 -41.20 46.00
CA VAL H 103 0.00 -40.30 47.09
C VAL H 103 -1.40 -40.64 47.61
N PHE H 104 -2.37 -40.70 46.69
CA PHE H 104 -3.75 -40.93 47.10
C PHE H 104 -3.91 -42.27 47.83
N GLU H 105 -3.36 -43.35 47.27
CA GLU H 105 -3.56 -44.67 47.87
C GLU H 105 -2.85 -44.78 49.23
N MET H 106 -1.67 -44.15 49.40
CA MET H 106 -1.09 -44.10 50.75
C MET H 106 -1.98 -43.34 51.73
N ARG H 107 -2.36 -42.10 51.39
CA ARG H 107 -3.12 -41.32 52.36
C ARG H 107 -4.47 -41.95 52.60
N PHE H 108 -5.11 -42.47 51.56
CA PHE H 108 -6.41 -43.09 51.74
C PHE H 108 -6.25 -44.35 52.56
N ALA H 109 -5.16 -45.06 52.30
CA ALA H 109 -4.88 -46.25 53.08
C ALA H 109 -4.74 -45.91 54.55
N LYS H 110 -3.94 -44.90 54.89
CA LYS H 110 -3.71 -44.58 56.30
C LYS H 110 -4.87 -43.87 56.97
N MET H 111 -6.03 -43.76 56.34
CA MET H 111 -7.16 -43.14 57.02
C MET H 111 -7.40 -43.86 58.34
N PRO H 112 -7.59 -43.14 59.46
CA PRO H 112 -7.82 -43.78 60.77
C PRO H 112 -9.08 -44.62 60.78
N SER I 5 9.19 -12.33 1.89
CA SER I 5 8.84 -11.57 3.09
C SER I 5 7.31 -11.55 3.28
N GLU I 6 6.87 -11.27 4.51
CA GLU I 6 5.44 -11.27 4.79
C GLU I 6 4.69 -10.36 3.83
N HIS I 7 5.08 -9.07 3.78
CA HIS I 7 4.42 -8.14 2.88
C HIS I 7 4.54 -8.64 1.44
N LEU I 8 5.68 -9.22 1.08
CA LEU I 8 5.84 -9.72 -0.28
C LEU I 8 4.91 -10.91 -0.55
N ARG I 9 4.58 -11.68 0.48
CA ARG I 9 3.61 -12.75 0.26
C ARG I 9 2.22 -12.19 0.00
N TYR I 10 1.85 -11.15 0.74
CA TYR I 10 0.58 -10.49 0.43
C TYR I 10 0.61 -9.95 -1.00
N CYS I 11 1.73 -9.37 -1.40
CA CYS I 11 1.86 -8.88 -2.78
C CYS I 11 1.66 -10.01 -3.80
N ASP I 12 2.21 -11.20 -3.53
CA ASP I 12 1.94 -12.32 -4.41
C ASP I 12 0.44 -12.53 -4.56
N SER I 13 -0.30 -12.44 -3.45
CA SER I 13 -1.75 -12.56 -3.57
C SER I 13 -2.34 -11.46 -4.46
N ILE I 14 -1.82 -10.23 -4.34
CA ILE I 14 -2.29 -9.14 -5.21
C ILE I 14 -2.09 -9.49 -6.67
N LEU I 15 -0.88 -9.95 -7.01
CA LEU I 15 -0.60 -10.39 -8.37
C LEU I 15 -1.57 -11.47 -8.79
N ARG I 16 -1.81 -12.44 -7.92
CA ARG I 16 -2.77 -13.49 -8.22
C ARG I 16 -4.09 -12.88 -8.64
N GLU I 17 -4.63 -11.97 -7.82
CA GLU I 17 -5.93 -11.39 -8.15
C GLU I 17 -5.90 -10.66 -9.48
N MET I 18 -4.84 -9.90 -9.74
CA MET I 18 -4.75 -9.13 -10.98
C MET I 18 -4.72 -10.02 -12.20
N LEU I 19 -4.16 -11.22 -12.10
CA LEU I 19 -4.10 -12.10 -13.25
C LEU I 19 -5.33 -13.01 -13.40
N SER I 20 -6.28 -12.96 -12.47
CA SER I 20 -7.42 -13.85 -12.50
C SER I 20 -8.47 -13.40 -13.53
N LYS I 21 -9.34 -14.34 -13.91
CA LYS I 21 -10.44 -14.03 -14.83
C LYS I 21 -11.34 -12.93 -14.28
N LYS I 22 -11.43 -12.80 -12.96
CA LYS I 22 -12.30 -11.78 -12.39
C LYS I 22 -12.16 -10.44 -13.10
N HIS I 23 -10.94 -10.10 -13.53
CA HIS I 23 -10.67 -8.80 -14.13
C HIS I 23 -10.30 -8.86 -15.61
N ALA I 24 -10.39 -10.05 -16.24
CA ALA I 24 -9.86 -10.19 -17.59
C ALA I 24 -10.42 -9.15 -18.56
N ALA I 25 -11.73 -8.87 -18.47
CA ALA I 25 -12.34 -7.90 -19.35
C ALA I 25 -11.51 -6.62 -19.48
N TYR I 26 -10.95 -6.13 -18.37
CA TYR I 26 -10.12 -4.92 -18.44
C TYR I 26 -8.66 -5.16 -18.14
N ALA I 27 -8.26 -6.36 -17.77
CA ALA I 27 -6.86 -6.50 -17.38
C ALA I 27 -5.94 -6.93 -18.52
N TRP I 28 -6.51 -7.51 -19.59
CA TRP I 28 -5.69 -8.22 -20.57
C TRP I 28 -4.66 -7.38 -21.31
N PRO I 29 -4.87 -6.10 -21.59
CA PRO I 29 -3.81 -5.34 -22.27
C PRO I 29 -2.52 -5.28 -21.48
N PHE I 30 -2.52 -5.73 -20.22
CA PHE I 30 -1.33 -5.64 -19.38
C PHE I 30 -0.75 -7.01 -19.07
N TYR I 31 -1.27 -8.07 -19.71
CA TYR I 31 -0.80 -9.43 -19.44
C TYR I 31 0.61 -9.63 -19.95
N LYS I 32 0.83 -9.37 -21.24
CA LYS I 32 2.13 -9.55 -21.87
C LYS I 32 2.68 -8.20 -22.28
N PRO I 33 3.97 -8.11 -22.57
CA PRO I 33 4.56 -6.80 -22.90
C PRO I 33 3.93 -6.20 -24.15
N VAL I 34 4.02 -4.87 -24.24
CA VAL I 34 3.42 -4.14 -25.35
C VAL I 34 4.20 -4.48 -26.62
N ASP I 35 3.54 -5.15 -27.56
CA ASP I 35 4.20 -5.52 -28.82
C ASP I 35 4.09 -4.34 -29.77
N ALA I 36 5.11 -3.48 -29.74
CA ALA I 36 5.04 -2.25 -30.53
C ALA I 36 4.90 -2.55 -32.01
N GLU I 37 5.54 -3.62 -32.49
CA GLU I 37 5.52 -3.92 -33.91
C GLU I 37 4.14 -4.39 -34.37
N ALA I 38 3.53 -5.33 -33.65
CA ALA I 38 2.22 -5.84 -34.06
C ALA I 38 1.14 -4.76 -34.03
N LEU I 39 1.23 -3.81 -33.10
CA LEU I 39 0.24 -2.74 -33.02
C LEU I 39 0.61 -1.53 -33.87
N GLU I 40 1.70 -1.62 -34.64
CA GLU I 40 2.11 -0.52 -35.52
C GLU I 40 2.14 0.78 -34.71
N LEU I 41 2.88 0.73 -33.61
CA LEU I 41 3.08 1.86 -32.70
C LEU I 41 4.51 2.33 -32.88
N HIS I 42 4.72 3.20 -33.87
CA HIS I 42 6.09 3.51 -34.29
C HIS I 42 6.83 4.38 -33.27
N ASP I 43 6.15 5.03 -32.35
CA ASP I 43 6.80 5.91 -31.39
C ASP I 43 6.82 5.37 -29.97
N TYR I 44 6.32 4.14 -29.74
CA TYR I 44 6.13 3.66 -28.37
C TYR I 44 7.43 3.68 -27.59
N HIS I 45 8.49 3.15 -28.17
CA HIS I 45 9.77 3.08 -27.47
C HIS I 45 10.51 4.41 -27.51
N ASP I 46 9.92 5.40 -28.20
CA ASP I 46 10.37 6.79 -28.09
C ASP I 46 9.85 7.43 -26.82
N ILE I 47 8.61 7.09 -26.44
CA ILE I 47 7.96 7.68 -25.28
C ILE I 47 8.18 6.87 -24.02
N ILE I 48 8.05 5.55 -24.12
CA ILE I 48 8.18 4.64 -22.98
C ILE I 48 9.62 4.11 -22.96
N LYS I 49 10.42 4.62 -22.03
CA LYS I 49 11.80 4.18 -21.88
C LYS I 49 11.97 3.03 -20.90
N HIS I 50 10.92 2.67 -20.13
CA HIS I 50 11.01 1.62 -19.11
C HIS I 50 9.73 0.80 -19.15
N PRO I 51 9.55 -0.02 -20.19
CA PRO I 51 8.31 -0.84 -20.31
C PRO I 51 8.10 -1.74 -19.10
N MET I 52 6.85 -2.15 -18.89
CA MET I 52 6.48 -2.96 -17.74
C MET I 52 5.13 -3.61 -17.96
N ASP I 53 4.99 -4.88 -17.55
CA ASP I 53 3.72 -5.59 -17.66
C ASP I 53 3.63 -6.68 -16.60
N LEU I 54 2.46 -7.30 -16.54
CA LEU I 54 2.19 -8.25 -15.46
C LEU I 54 3.05 -9.50 -15.55
N SER I 55 3.40 -9.96 -16.75
CA SER I 55 4.27 -11.13 -16.88
C SER I 55 5.65 -10.83 -16.30
N THR I 56 6.21 -9.68 -16.64
CA THR I 56 7.46 -9.26 -16.02
C THR I 56 7.34 -9.18 -14.51
N VAL I 57 6.19 -8.70 -14.01
CA VAL I 57 6.02 -8.64 -12.55
C VAL I 57 5.99 -10.04 -11.97
N LYS I 58 5.29 -10.97 -12.60
CA LYS I 58 5.30 -12.37 -12.16
C LYS I 58 6.70 -12.99 -12.10
N ARG I 59 7.49 -12.85 -13.18
CA ARG I 59 8.86 -13.34 -13.18
C ARG I 59 9.65 -12.75 -12.02
N LYS I 60 9.71 -11.42 -11.97
CA LYS I 60 10.50 -10.76 -10.93
C LYS I 60 10.06 -11.27 -9.57
N MET I 61 8.76 -11.56 -9.42
CA MET I 61 8.25 -12.05 -8.15
C MET I 61 8.76 -13.46 -7.89
N ASP I 62 8.64 -14.34 -8.89
CA ASP I 62 9.06 -15.72 -8.74
C ASP I 62 10.58 -15.86 -8.62
N GLY I 63 11.34 -15.01 -9.31
CA GLY I 63 12.78 -15.03 -9.15
C GLY I 63 13.22 -14.27 -7.91
N ARG I 64 12.27 -13.99 -7.02
CA ARG I 64 12.50 -13.31 -5.72
C ARG I 64 13.39 -12.07 -5.89
N GLU I 65 13.14 -11.30 -6.94
CA GLU I 65 13.90 -10.12 -7.31
C GLU I 65 13.44 -8.85 -6.62
N TYR I 66 12.30 -8.84 -5.95
CA TYR I 66 11.85 -7.61 -5.31
C TYR I 66 12.45 -7.54 -3.91
N PRO I 67 13.18 -6.48 -3.57
CA PRO I 67 13.72 -6.37 -2.21
C PRO I 67 12.65 -6.20 -1.14
N ASP I 68 11.51 -5.62 -1.51
CA ASP I 68 10.44 -5.35 -0.56
C ASP I 68 9.18 -5.04 -1.35
N ALA I 69 8.07 -4.91 -0.63
CA ALA I 69 6.78 -4.64 -1.29
C ALA I 69 6.79 -3.33 -2.08
N GLN I 70 7.54 -2.32 -1.63
CA GLN I 70 7.46 -1.04 -2.33
C GLN I 70 8.06 -1.14 -3.73
N GLY I 71 9.04 -2.02 -3.94
CA GLY I 71 9.53 -2.22 -5.31
C GLY I 71 8.47 -2.85 -6.19
N PHE I 72 7.75 -3.84 -5.67
CA PHE I 72 6.62 -4.43 -6.39
C PHE I 72 5.64 -3.34 -6.79
N ALA I 73 5.25 -2.51 -5.82
CA ALA I 73 4.29 -1.44 -6.09
C ALA I 73 4.80 -0.47 -7.13
N ALA I 74 6.08 -0.09 -7.03
CA ALA I 74 6.66 0.80 -8.03
C ALA I 74 6.54 0.19 -9.43
N ASP I 75 6.81 -1.11 -9.57
CA ASP I 75 6.71 -1.71 -10.90
C ASP I 75 5.28 -1.74 -11.41
N VAL I 76 4.33 -2.10 -10.55
CA VAL I 76 2.94 -2.11 -11.00
C VAL I 76 2.53 -0.70 -11.42
N ARG I 77 2.90 0.28 -10.59
CA ARG I 77 2.57 1.67 -10.86
C ARG I 77 3.21 2.12 -12.16
N LEU I 78 4.43 1.67 -12.44
CA LEU I 78 5.09 1.98 -13.70
C LEU I 78 4.29 1.42 -14.88
N MET I 79 3.85 0.16 -14.75
CA MET I 79 3.04 -0.44 -15.79
C MET I 79 1.87 0.47 -16.14
N PHE I 80 1.18 0.98 -15.10
CA PHE I 80 0.07 1.91 -15.29
C PHE I 80 0.52 3.27 -15.84
N SER I 81 1.62 3.80 -15.30
CA SER I 81 2.12 5.09 -15.70
C SER I 81 2.44 5.13 -17.17
N ASN I 82 3.07 4.07 -17.69
CA ASN I 82 3.35 4.01 -19.13
C ASN I 82 2.08 4.13 -19.94
N CYS I 83 1.02 3.42 -19.52
CA CYS I 83 -0.23 3.47 -20.26
C CYS I 83 -0.80 4.87 -20.25
N TYR I 84 -0.74 5.55 -19.10
CA TYR I 84 -1.23 6.92 -19.04
C TYR I 84 -0.36 7.85 -19.87
N LYS I 85 0.95 7.65 -19.81
CA LYS I 85 1.85 8.53 -20.56
C LYS I 85 1.59 8.42 -22.05
N TYR I 86 1.53 7.20 -22.57
CA TYR I 86 1.54 6.98 -24.01
C TYR I 86 0.20 7.34 -24.65
N ASN I 87 -0.90 7.05 -23.96
CA ASN I 87 -2.22 7.21 -24.57
C ASN I 87 -2.80 8.55 -24.21
N PRO I 88 -3.70 9.07 -25.05
CA PRO I 88 -4.46 10.27 -24.65
C PRO I 88 -5.49 9.90 -23.60
N PRO I 89 -5.92 10.86 -22.79
CA PRO I 89 -6.69 10.52 -21.59
C PRO I 89 -8.15 10.12 -21.83
N ASP I 90 -8.58 10.10 -23.10
CA ASP I 90 -9.99 9.75 -23.42
C ASP I 90 -10.02 8.36 -24.09
N HIS I 91 -8.87 7.70 -24.17
CA HIS I 91 -8.79 6.35 -24.77
C HIS I 91 -9.46 5.34 -23.85
N GLU I 92 -10.09 4.31 -24.40
CA GLU I 92 -10.78 3.28 -23.59
C GLU I 92 -9.72 2.46 -22.84
N VAL I 93 -8.55 2.26 -23.44
CA VAL I 93 -7.48 1.47 -22.78
C VAL I 93 -7.09 2.17 -21.47
N VAL I 94 -7.23 3.49 -21.41
CA VAL I 94 -6.90 4.22 -20.19
C VAL I 94 -7.92 3.93 -19.09
N ALA I 95 -9.21 3.88 -19.47
CA ALA I 95 -10.23 3.54 -18.49
C ALA I 95 -9.98 2.14 -17.93
N MET I 96 -9.56 1.21 -18.79
CA MET I 96 -9.25 -0.14 -18.32
C MET I 96 -8.06 -0.14 -17.35
N ALA I 97 -6.95 0.47 -17.77
CA ALA I 97 -5.82 0.63 -16.85
C ALA I 97 -6.28 1.19 -15.51
N ARG I 98 -7.21 2.15 -15.54
CA ARG I 98 -7.67 2.73 -14.28
C ARG I 98 -8.46 1.71 -13.46
N LYS I 99 -9.36 0.97 -14.08
CA LYS I 99 -10.08 -0.08 -13.35
C LYS I 99 -9.09 -1.02 -12.66
N LEU I 100 -8.10 -1.49 -13.41
CA LEU I 100 -7.15 -2.42 -12.83
C LEU I 100 -6.35 -1.78 -11.71
N GLN I 101 -5.99 -0.50 -11.89
CA GLN I 101 -5.26 0.20 -10.84
C GLN I 101 -6.14 0.39 -9.61
N ASP I 102 -7.45 0.57 -9.79
CA ASP I 102 -8.32 0.59 -8.63
C ASP I 102 -8.20 -0.72 -7.87
N VAL I 103 -8.26 -1.84 -8.59
CA VAL I 103 -8.09 -3.12 -7.91
C VAL I 103 -6.77 -3.13 -7.15
N PHE I 104 -5.68 -2.83 -7.86
CA PHE I 104 -4.36 -2.93 -7.24
C PHE I 104 -4.24 -2.02 -6.03
N GLU I 105 -4.61 -0.75 -6.17
CA GLU I 105 -4.43 0.21 -5.09
C GLU I 105 -5.28 -0.17 -3.89
N MET I 106 -6.50 -0.66 -4.13
CA MET I 106 -7.31 -1.14 -3.01
C MET I 106 -6.63 -2.30 -2.29
N ARG I 107 -6.22 -3.34 -3.03
CA ARG I 107 -5.65 -4.49 -2.33
C ARG I 107 -4.33 -4.12 -1.66
N PHE I 108 -3.54 -3.30 -2.33
CA PHE I 108 -2.23 -2.93 -1.75
C PHE I 108 -2.42 -2.09 -0.50
N ALA I 109 -3.46 -1.27 -0.47
CA ALA I 109 -3.74 -0.37 0.67
C ALA I 109 -4.27 -1.16 1.87
N LYS I 110 -4.87 -2.31 1.62
CA LYS I 110 -5.46 -3.13 2.70
C LYS I 110 -4.47 -4.16 3.22
N MET I 111 -3.21 -4.04 2.81
CA MET I 111 -2.15 -4.96 3.24
C MET I 111 -1.98 -4.83 4.75
N PRO I 112 -1.98 -5.92 5.52
CA PRO I 112 -1.84 -5.83 6.96
C PRO I 112 -0.62 -5.00 7.37
N SER J 5 43.38 -1.00 5.51
CA SER J 5 44.47 -1.91 5.86
C SER J 5 45.66 -1.71 4.91
N GLU J 6 46.83 -2.20 5.34
CA GLU J 6 48.04 -2.05 4.53
C GLU J 6 47.81 -2.51 3.09
N HIS J 7 47.34 -3.75 2.94
CA HIS J 7 47.08 -4.27 1.60
C HIS J 7 46.06 -3.42 0.85
N LEU J 8 45.03 -2.94 1.54
CA LEU J 8 44.03 -2.13 0.86
C LEU J 8 44.62 -0.81 0.37
N ARG J 9 45.64 -0.29 1.07
CA ARG J 9 46.35 0.90 0.58
C ARG J 9 47.16 0.56 -0.68
N TYR J 10 47.77 -0.63 -0.71
CA TYR J 10 48.43 -1.00 -1.96
C TYR J 10 47.42 -1.10 -3.10
N CYS J 11 46.26 -1.69 -2.84
CA CYS J 11 45.23 -1.75 -3.87
C CYS J 11 44.83 -0.37 -4.33
N ASP J 12 44.73 0.57 -3.41
CA ASP J 12 44.44 1.93 -3.81
C ASP J 12 45.45 2.38 -4.86
N SER J 13 46.74 2.14 -4.59
CA SER J 13 47.74 2.58 -5.57
C SER J 13 47.53 1.90 -6.91
N ILE J 14 47.22 0.60 -6.89
CA ILE J 14 46.98 -0.14 -8.11
C ILE J 14 45.86 0.53 -8.92
N LEU J 15 44.77 0.83 -8.24
CA LEU J 15 43.66 1.52 -8.90
C LEU J 15 44.11 2.86 -9.48
N ARG J 16 44.91 3.62 -8.72
CA ARG J 16 45.45 4.86 -9.26
C ARG J 16 46.14 4.59 -10.60
N GLU J 17 47.04 3.62 -10.63
CA GLU J 17 47.78 3.37 -11.87
C GLU J 17 46.85 2.93 -13.00
N MET J 18 45.89 2.06 -12.69
CA MET J 18 44.99 1.55 -13.72
C MET J 18 44.18 2.69 -14.32
N LEU J 19 43.90 3.74 -13.55
CA LEU J 19 43.15 4.89 -14.01
C LEU J 19 44.02 5.98 -14.60
N SER J 20 45.33 5.80 -14.59
CA SER J 20 46.27 6.81 -15.03
C SER J 20 46.28 6.90 -16.56
N LYS J 21 46.82 8.01 -17.06
CA LYS J 21 47.00 8.17 -18.51
C LYS J 21 47.90 7.09 -19.11
N LYS J 22 48.88 6.59 -18.33
CA LYS J 22 49.82 5.61 -18.85
C LYS J 22 49.14 4.46 -19.59
N HIS J 23 47.94 4.06 -19.14
CA HIS J 23 47.25 2.91 -19.71
C HIS J 23 45.94 3.29 -20.41
N ALA J 24 45.64 4.60 -20.51
CA ALA J 24 44.36 5.04 -21.08
C ALA J 24 44.15 4.46 -22.49
N ALA J 25 45.23 4.29 -23.25
CA ALA J 25 45.11 3.67 -24.56
C ALA J 25 44.25 2.42 -24.52
N TYR J 26 44.45 1.54 -23.52
CA TYR J 26 43.67 0.32 -23.44
C TYR J 26 42.72 0.23 -22.25
N ALA J 27 42.73 1.18 -21.32
CA ALA J 27 41.86 1.04 -20.17
C ALA J 27 40.50 1.73 -20.35
N TRP J 28 40.38 2.66 -21.30
CA TRP J 28 39.21 3.54 -21.30
C TRP J 28 37.88 2.81 -21.41
N PRO J 29 37.76 1.65 -22.04
CA PRO J 29 36.47 0.95 -22.07
C PRO J 29 36.00 0.51 -20.70
N PHE J 30 36.85 0.64 -19.67
CA PHE J 30 36.48 0.22 -18.34
C PHE J 30 36.30 1.37 -17.37
N TYR J 31 36.37 2.62 -17.84
CA TYR J 31 36.29 3.75 -16.91
C TYR J 31 34.89 3.85 -16.31
N LYS J 32 33.89 3.98 -17.17
CA LYS J 32 32.49 4.08 -16.70
C LYS J 32 31.77 2.78 -16.99
N PRO J 33 30.55 2.54 -16.44
CA PRO J 33 29.81 1.32 -16.69
C PRO J 33 29.32 1.15 -18.13
N VAL J 34 28.91 -0.07 -18.46
CA VAL J 34 28.45 -0.36 -19.84
C VAL J 34 27.04 0.21 -20.06
N ASP J 35 26.94 1.14 -21.00
CA ASP J 35 25.64 1.73 -21.40
C ASP J 35 25.11 0.88 -22.55
N ALA J 36 24.30 -0.11 -22.23
CA ALA J 36 23.75 -1.06 -23.21
C ALA J 36 22.79 -0.35 -24.17
N GLU J 37 22.17 0.72 -23.72
CA GLU J 37 21.22 1.46 -24.59
C GLU J 37 22.02 2.30 -25.57
N ALA J 38 23.05 2.98 -25.10
CA ALA J 38 23.84 3.84 -26.00
C ALA J 38 24.70 2.98 -26.94
N LEU J 39 25.16 1.83 -26.46
CA LEU J 39 26.06 0.99 -27.29
C LEU J 39 25.27 -0.03 -28.11
N GLU J 40 23.95 -0.01 -27.97
CA GLU J 40 23.03 -0.91 -28.72
C GLU J 40 23.44 -2.36 -28.48
N LEU J 41 23.42 -2.78 -27.22
CA LEU J 41 23.75 -4.17 -26.82
C LEU J 41 22.52 -4.68 -26.07
N HIS J 42 21.60 -5.31 -26.80
CA HIS J 42 20.30 -5.78 -26.26
C HIS J 42 20.44 -7.04 -25.41
N ASP J 43 21.58 -7.72 -25.47
CA ASP J 43 21.74 -8.97 -24.70
C ASP J 43 22.74 -8.77 -23.58
N TYR J 44 23.38 -7.59 -23.51
CA TYR J 44 24.44 -7.38 -22.48
C TYR J 44 23.95 -7.70 -21.06
N HIS J 45 22.69 -7.40 -20.76
CA HIS J 45 22.18 -7.66 -19.38
C HIS J 45 21.62 -9.07 -19.27
N ASP J 46 21.61 -9.83 -20.37
CA ASP J 46 21.12 -11.23 -20.37
C ASP J 46 22.32 -12.15 -20.14
N ILE J 47 23.52 -11.66 -20.45
CA ILE J 47 24.78 -12.43 -20.30
C ILE J 47 25.50 -11.94 -19.04
N ILE J 48 25.68 -10.62 -18.91
CA ILE J 48 26.37 -10.03 -17.73
C ILE J 48 25.33 -9.74 -16.65
N LYS J 49 25.31 -10.55 -15.59
CA LYS J 49 24.33 -10.38 -14.49
C LYS J 49 24.93 -9.50 -13.40
N HIS J 50 26.26 -9.40 -13.33
CA HIS J 50 26.93 -8.56 -12.30
C HIS J 50 27.89 -7.59 -12.97
N PRO J 51 27.39 -6.49 -13.57
CA PRO J 51 28.26 -5.49 -14.22
C PRO J 51 29.25 -4.87 -13.23
N MET J 52 30.46 -4.55 -13.71
CA MET J 52 31.50 -3.94 -12.85
C MET J 52 32.46 -3.14 -13.73
N ASP J 53 32.94 -2.00 -13.22
CA ASP J 53 33.90 -1.14 -13.96
C ASP J 53 34.85 -0.48 -12.97
N LEU J 54 35.76 0.34 -13.45
CA LEU J 54 36.72 0.98 -12.53
C LEU J 54 36.05 2.12 -11.75
N SER J 55 34.95 2.68 -12.25
CA SER J 55 34.27 3.73 -11.47
C SER J 55 33.68 3.08 -10.23
N THR J 56 32.94 1.99 -10.38
CA THR J 56 32.40 1.28 -9.22
C THR J 56 33.49 0.83 -8.26
N VAL J 57 34.64 0.39 -8.78
CA VAL J 57 35.70 0.00 -7.86
C VAL J 57 36.21 1.21 -7.08
N LYS J 58 36.36 2.37 -7.75
CA LYS J 58 36.73 3.58 -7.02
C LYS J 58 35.68 3.94 -5.98
N ARG J 59 34.40 3.83 -6.36
CA ARG J 59 33.33 4.08 -5.40
C ARG J 59 33.48 3.16 -4.19
N LYS J 60 33.53 1.86 -4.43
CA LYS J 60 33.60 0.91 -3.32
C LYS J 60 34.84 1.19 -2.46
N MET J 61 35.95 1.59 -3.09
CA MET J 61 37.19 1.83 -2.38
C MET J 61 37.13 3.07 -1.51
N ASP J 62 36.61 4.18 -2.04
CA ASP J 62 36.52 5.41 -1.25
C ASP J 62 35.54 5.24 -0.08
N GLY J 63 34.46 4.52 -0.29
CA GLY J 63 33.48 4.21 0.74
C GLY J 63 33.93 3.09 1.66
N ARG J 64 35.22 2.77 1.70
CA ARG J 64 35.69 1.63 2.49
C ARG J 64 34.77 0.41 2.43
N GLU J 65 34.39 -0.02 1.21
CA GLU J 65 33.47 -1.16 1.12
C GLU J 65 34.14 -2.52 1.02
N TYR J 66 35.44 -2.58 0.80
CA TYR J 66 36.13 -3.83 0.64
C TYR J 66 36.66 -4.32 1.99
N PRO J 67 36.28 -5.52 2.43
CA PRO J 67 36.82 -6.04 3.69
C PRO J 67 38.30 -6.29 3.64
N ASP J 68 38.85 -6.62 2.47
CA ASP J 68 40.27 -6.91 2.33
C ASP J 68 40.64 -6.83 0.86
N ALA J 69 41.94 -6.93 0.58
CA ALA J 69 42.43 -6.82 -0.79
C ALA J 69 41.79 -7.85 -1.72
N GLN J 70 41.45 -9.02 -1.20
CA GLN J 70 40.93 -10.05 -2.08
C GLN J 70 39.56 -9.70 -2.65
N GLY J 71 38.73 -8.99 -1.90
CA GLY J 71 37.45 -8.55 -2.47
C GLY J 71 37.67 -7.54 -3.57
N PHE J 72 38.66 -6.68 -3.39
CA PHE J 72 39.07 -5.77 -4.45
C PHE J 72 39.45 -6.56 -5.71
N ALA J 73 40.38 -7.52 -5.55
CA ALA J 73 40.83 -8.29 -6.71
C ALA J 73 39.67 -9.00 -7.36
N ALA J 74 38.73 -9.53 -6.57
CA ALA J 74 37.56 -10.18 -7.11
C ALA J 74 36.77 -9.24 -8.01
N ASP J 75 36.56 -8.00 -7.56
CA ASP J 75 35.80 -7.07 -8.41
C ASP J 75 36.57 -6.73 -9.69
N VAL J 76 37.87 -6.54 -9.58
CA VAL J 76 38.65 -6.20 -10.77
C VAL J 76 38.58 -7.36 -11.77
N ARG J 77 38.78 -8.57 -11.27
CA ARG J 77 38.68 -9.75 -12.12
C ARG J 77 37.28 -9.88 -12.69
N LEU J 78 36.25 -9.57 -11.89
CA LEU J 78 34.91 -9.64 -12.42
C LEU J 78 34.76 -8.74 -13.63
N MET J 79 35.28 -7.51 -13.53
CA MET J 79 35.24 -6.59 -14.66
C MET J 79 35.83 -7.23 -15.91
N PHE J 80 37.02 -7.81 -15.76
CA PHE J 80 37.66 -8.46 -16.90
C PHE J 80 36.85 -9.66 -17.38
N SER J 81 36.42 -10.51 -16.44
CA SER J 81 35.68 -11.73 -16.80
C SER J 81 34.43 -11.38 -17.56
N ASN J 82 33.73 -10.35 -17.12
CA ASN J 82 32.56 -9.90 -17.85
C ASN J 82 32.95 -9.58 -19.28
N CYS J 83 34.09 -8.94 -19.48
CA CYS J 83 34.52 -8.55 -20.85
C CYS J 83 34.79 -9.79 -21.70
N TYR J 84 35.39 -10.82 -21.12
CA TYR J 84 35.67 -12.05 -21.90
C TYR J 84 34.39 -12.85 -22.11
N LYS J 85 33.46 -12.77 -21.19
CA LYS J 85 32.22 -13.56 -21.34
C LYS J 85 31.34 -12.97 -22.44
N TYR J 86 31.20 -11.65 -22.49
CA TYR J 86 30.28 -11.04 -23.49
C TYR J 86 30.88 -11.01 -24.89
N ASN J 87 32.14 -10.59 -25.00
CA ASN J 87 32.78 -10.44 -26.34
C ASN J 87 33.46 -11.74 -26.79
N PRO J 88 33.54 -12.02 -28.10
CA PRO J 88 34.24 -13.18 -28.62
C PRO J 88 35.75 -12.90 -28.56
N PRO J 89 36.63 -13.92 -28.52
CA PRO J 89 38.08 -13.69 -28.39
C PRO J 89 38.83 -12.99 -29.53
N ASP J 90 38.19 -12.74 -30.67
CA ASP J 90 38.89 -12.07 -31.80
C ASP J 90 38.62 -10.55 -31.77
N HIS J 91 37.84 -10.07 -30.80
CA HIS J 91 37.54 -8.62 -30.69
C HIS J 91 38.74 -7.89 -30.12
N GLU J 92 39.01 -6.67 -30.57
CA GLU J 92 40.17 -5.94 -30.04
C GLU J 92 39.98 -5.57 -28.56
N VAL J 93 38.73 -5.28 -28.16
CA VAL J 93 38.46 -4.94 -26.75
C VAL J 93 38.94 -6.05 -25.85
N VAL J 94 38.89 -7.29 -26.31
CA VAL J 94 39.35 -8.37 -25.46
C VAL J 94 40.85 -8.27 -25.27
N ALA J 95 41.59 -7.90 -26.32
CA ALA J 95 43.03 -7.73 -26.17
C ALA J 95 43.35 -6.57 -25.25
N MET J 96 42.59 -5.47 -25.32
CA MET J 96 42.84 -4.38 -24.39
C MET J 96 42.59 -4.82 -22.95
N ALA J 97 41.42 -5.42 -22.67
CA ALA J 97 41.18 -5.98 -21.34
C ALA J 97 42.34 -6.83 -20.90
N ARG J 98 42.89 -7.58 -21.84
CA ARG J 98 43.98 -8.50 -21.55
C ARG J 98 45.22 -7.71 -21.11
N LYS J 99 45.57 -6.66 -21.86
CA LYS J 99 46.66 -5.75 -21.51
C LYS J 99 46.48 -5.16 -20.12
N LEU J 100 45.28 -4.63 -19.85
CA LEU J 100 45.03 -3.99 -18.56
C LEU J 100 45.11 -5.02 -17.45
N GLN J 101 44.66 -6.25 -17.70
CA GLN J 101 44.82 -7.30 -16.70
C GLN J 101 46.29 -7.70 -16.54
N ASP J 102 47.12 -7.58 -17.61
CA ASP J 102 48.57 -7.73 -17.45
C ASP J 102 49.04 -6.83 -16.33
N VAL J 103 48.69 -5.55 -16.46
CA VAL J 103 49.06 -4.56 -15.46
C VAL J 103 48.55 -4.96 -14.09
N PHE J 104 47.25 -5.20 -13.99
CA PHE J 104 46.64 -5.47 -12.69
C PHE J 104 47.26 -6.68 -12.02
N GLU J 105 47.36 -7.80 -12.75
CA GLU J 105 47.87 -9.03 -12.13
C GLU J 105 49.33 -8.88 -11.75
N MET J 106 50.08 -8.10 -12.49
CA MET J 106 51.51 -7.92 -12.14
C MET J 106 51.62 -7.08 -10.87
N ARG J 107 50.91 -5.97 -10.82
CA ARG J 107 51.01 -5.01 -9.70
C ARG J 107 50.42 -5.62 -8.43
N PHE J 108 49.40 -6.46 -8.55
CA PHE J 108 48.75 -7.04 -7.36
C PHE J 108 49.53 -8.24 -6.81
N ALA J 109 50.37 -8.84 -7.63
CA ALA J 109 51.18 -10.01 -7.21
C ALA J 109 52.50 -9.54 -6.62
N LYS J 110 52.85 -8.28 -6.85
CA LYS J 110 54.12 -7.71 -6.34
C LYS J 110 53.85 -6.96 -5.03
N MET J 111 52.66 -7.12 -4.48
CA MET J 111 52.19 -6.55 -3.21
C MET J 111 52.99 -7.18 -2.08
N PRO J 112 53.55 -6.39 -1.16
CA PRO J 112 54.36 -6.92 -0.07
C PRO J 112 53.57 -7.78 0.93
N SER K 5 0.80 43.60 -49.37
CA SER K 5 0.01 42.60 -50.15
C SER K 5 -1.44 42.62 -49.67
N GLU K 6 -2.37 42.26 -50.57
CA GLU K 6 -3.81 42.22 -50.23
C GLU K 6 -4.04 41.15 -49.17
N HIS K 7 -3.35 40.01 -49.31
CA HIS K 7 -3.47 38.87 -48.36
C HIS K 7 -3.22 39.35 -46.92
N LEU K 8 -2.21 40.18 -46.71
CA LEU K 8 -1.88 40.62 -45.37
C LEU K 8 -2.89 41.63 -44.84
N ARG K 9 -3.53 42.39 -45.75
CA ARG K 9 -4.59 43.30 -45.32
C ARG K 9 -5.81 42.51 -44.86
N TYR K 10 -6.12 41.41 -45.55
CA TYR K 10 -7.20 40.55 -45.07
C TYR K 10 -6.87 39.98 -43.70
N CYS K 11 -5.62 39.55 -43.52
CA CYS K 11 -5.19 39.06 -42.21
C CYS K 11 -5.37 40.12 -41.14
N ASP K 12 -5.02 41.38 -41.46
CA ASP K 12 -5.23 42.49 -40.54
C ASP K 12 -6.67 42.52 -40.07
N SER K 13 -7.60 42.34 -41.01
CA SER K 13 -9.02 42.30 -40.61
C SER K 13 -9.30 41.13 -39.67
N ILE K 14 -8.72 39.95 -39.94
CA ILE K 14 -8.93 38.81 -39.02
C ILE K 14 -8.48 39.16 -37.61
N LEU K 15 -7.29 39.78 -37.51
CA LEU K 15 -6.78 40.21 -36.21
C LEU K 15 -7.74 41.19 -35.54
N ARG K 16 -8.24 42.17 -36.30
CA ARG K 16 -9.22 43.08 -35.73
C ARG K 16 -10.37 42.29 -35.14
N GLU K 17 -10.92 41.35 -35.91
CA GLU K 17 -12.08 40.62 -35.43
C GLU K 17 -11.76 39.87 -34.15
N MET K 18 -10.61 39.18 -34.11
CA MET K 18 -10.25 38.44 -32.90
C MET K 18 -10.10 39.35 -31.70
N LEU K 19 -9.72 40.60 -31.93
CA LEU K 19 -9.56 41.54 -30.82
C LEU K 19 -10.85 42.25 -30.45
N SER K 20 -11.93 41.99 -31.18
CA SER K 20 -13.20 42.65 -30.99
C SER K 20 -13.96 42.12 -29.77
N LYS K 21 -14.91 42.93 -29.29
CA LYS K 21 -15.77 42.50 -28.20
C LYS K 21 -16.58 41.26 -28.56
N LYS K 22 -16.88 41.08 -29.85
CA LYS K 22 -17.74 39.97 -30.28
C LYS K 22 -17.30 38.66 -29.67
N HIS K 23 -16.00 38.44 -29.53
CA HIS K 23 -15.47 37.17 -29.04
C HIS K 23 -14.78 37.32 -27.68
N ALA K 24 -14.79 38.51 -27.08
CA ALA K 24 -13.97 38.75 -25.89
C ALA K 24 -14.18 37.68 -24.82
N ALA K 25 -15.43 37.23 -24.64
CA ALA K 25 -15.78 36.23 -23.63
C ALA K 25 -14.78 35.06 -23.58
N TYR K 26 -14.36 34.55 -24.74
CA TYR K 26 -13.40 33.45 -24.78
C TYR K 26 -12.07 33.86 -25.37
N ALA K 27 -11.93 35.07 -25.89
CA ALA K 27 -10.66 35.44 -26.50
C ALA K 27 -9.70 36.09 -25.50
N TRP K 28 -10.21 36.55 -24.36
CA TRP K 28 -9.41 37.41 -23.49
C TRP K 28 -8.17 36.75 -22.88
N PRO K 29 -8.12 35.44 -22.63
CA PRO K 29 -6.88 34.85 -22.09
C PRO K 29 -5.72 34.94 -23.04
N PHE K 30 -5.94 35.34 -24.28
CA PHE K 30 -4.89 35.41 -25.29
C PHE K 30 -4.52 36.83 -25.67
N TYR K 31 -5.03 37.84 -24.95
CA TYR K 31 -4.79 39.24 -25.30
C TYR K 31 -3.33 39.64 -25.08
N LYS K 32 -2.84 39.49 -23.86
CA LYS K 32 -1.48 39.89 -23.53
C LYS K 32 -0.63 38.65 -23.20
N PRO K 33 0.71 38.77 -23.17
CA PRO K 33 1.53 37.55 -23.00
C PRO K 33 1.23 36.87 -21.69
N VAL K 34 1.48 35.57 -21.66
CA VAL K 34 1.21 34.81 -20.45
C VAL K 34 2.21 35.26 -19.40
N ASP K 35 1.70 35.89 -18.33
CA ASP K 35 2.56 36.37 -17.25
C ASP K 35 2.74 35.22 -16.26
N ALA K 36 3.84 34.47 -16.44
CA ALA K 36 4.02 33.24 -15.67
C ALA K 36 4.12 33.51 -14.18
N GLU K 37 4.77 34.62 -13.78
CA GLU K 37 4.92 34.90 -12.35
C GLU K 37 3.58 35.29 -11.74
N ALA K 38 2.82 36.17 -12.41
CA ALA K 38 1.55 36.57 -11.83
C ALA K 38 0.60 35.39 -11.69
N LEU K 39 0.65 34.43 -12.62
CA LEU K 39 -0.26 33.29 -12.61
C LEU K 39 0.27 32.09 -11.82
N GLU K 40 1.41 32.22 -11.16
CA GLU K 40 1.95 31.14 -10.35
C GLU K 40 2.04 29.86 -11.18
N LEU K 41 2.63 29.99 -12.36
CA LEU K 41 2.85 28.88 -13.30
C LEU K 41 4.35 28.64 -13.36
N HIS K 42 4.85 27.83 -12.42
CA HIS K 42 6.29 27.72 -12.23
C HIS K 42 6.98 26.95 -13.35
N ASP K 43 6.23 26.21 -14.17
CA ASP K 43 6.82 25.41 -15.23
C ASP K 43 6.56 25.95 -16.63
N TYR K 44 5.93 27.12 -16.77
CA TYR K 44 5.51 27.56 -18.10
C TYR K 44 6.68 27.61 -19.08
N HIS K 45 7.78 28.25 -18.70
CA HIS K 45 8.89 28.39 -19.64
C HIS K 45 9.76 27.16 -19.72
N ASP K 46 9.46 26.13 -18.94
CA ASP K 46 10.07 24.83 -19.21
C ASP K 46 9.36 24.13 -20.38
N ILE K 47 8.04 24.30 -20.47
CA ILE K 47 7.24 23.62 -21.49
C ILE K 47 7.06 24.45 -22.74
N ILE K 48 6.75 25.74 -22.62
CA ILE K 48 6.55 26.61 -23.77
C ILE K 48 7.83 27.39 -23.97
N LYS K 49 8.57 27.04 -25.02
CA LYS K 49 9.82 27.70 -25.33
C LYS K 49 9.66 28.91 -26.24
N HIS K 50 8.49 29.13 -26.82
CA HIS K 50 8.26 30.24 -27.76
C HIS K 50 6.88 30.82 -27.49
N PRO K 51 6.74 31.59 -26.40
CA PRO K 51 5.41 32.18 -26.09
C PRO K 51 4.89 33.02 -27.23
N MET K 52 3.57 33.19 -27.26
CA MET K 52 2.94 33.94 -28.33
C MET K 52 1.55 34.36 -27.89
N ASP K 53 1.15 35.57 -28.28
CA ASP K 53 -0.14 36.09 -27.87
C ASP K 53 -0.63 37.08 -28.91
N LEU K 54 -1.87 37.53 -28.72
CA LEU K 54 -2.45 38.41 -29.73
C LEU K 54 -1.74 39.76 -29.77
N SER K 55 -1.23 40.25 -28.63
CA SER K 55 -0.55 41.55 -28.63
C SER K 55 0.67 41.51 -29.53
N THR K 56 1.51 40.49 -29.35
CA THR K 56 2.67 40.32 -30.22
C THR K 56 2.27 40.22 -31.69
N VAL K 57 1.16 39.53 -32.00
CA VAL K 57 0.75 39.41 -33.40
C VAL K 57 0.28 40.75 -33.95
N LYS K 58 -0.55 41.49 -33.21
CA LYS K 58 -0.90 42.82 -33.67
C LYS K 58 0.37 43.59 -33.86
N ARG K 59 1.29 43.43 -32.90
CA ARG K 59 2.43 44.34 -32.83
C ARG K 59 3.28 44.10 -34.08
N LYS K 60 3.66 42.82 -34.35
CA LYS K 60 4.43 42.44 -35.55
C LYS K 60 3.69 42.78 -36.86
N MET K 61 2.36 42.67 -36.84
CA MET K 61 1.55 42.94 -38.03
C MET K 61 1.61 44.40 -38.39
N ASP K 62 1.43 45.26 -37.38
CA ASP K 62 1.54 46.69 -37.58
C ASP K 62 2.95 47.05 -38.02
N GLY K 63 3.94 46.31 -37.53
CA GLY K 63 5.33 46.52 -37.89
C GLY K 63 5.81 45.91 -39.18
N ARG K 64 4.89 45.55 -40.08
CA ARG K 64 5.23 44.96 -41.38
C ARG K 64 6.34 43.94 -41.21
N GLU K 65 6.19 43.10 -40.19
CA GLU K 65 7.19 42.10 -39.87
C GLU K 65 6.93 40.75 -40.50
N TYR K 66 5.73 40.53 -41.07
CA TYR K 66 5.39 39.24 -41.66
C TYR K 66 5.69 39.22 -43.15
N PRO K 67 6.47 38.26 -43.63
CA PRO K 67 6.70 38.14 -45.08
C PRO K 67 5.45 37.80 -45.88
N ASP K 68 4.51 37.07 -45.29
CA ASP K 68 3.31 36.64 -46.00
C ASP K 68 2.27 36.20 -44.97
N ALA K 69 1.06 35.92 -45.47
CA ALA K 69 -0.02 35.47 -44.58
C ALA K 69 0.33 34.17 -43.87
N GLN K 70 1.16 33.34 -44.49
CA GLN K 70 1.43 32.05 -43.87
C GLN K 70 2.20 32.22 -42.56
N GLY K 71 3.06 33.24 -42.46
CA GLY K 71 3.73 33.53 -41.19
C GLY K 71 2.79 34.06 -40.11
N PHE K 72 1.87 34.92 -40.51
CA PHE K 72 0.84 35.38 -39.58
C PHE K 72 0.11 34.18 -39.00
N ALA K 73 -0.33 33.28 -39.88
CA ALA K 73 -1.01 32.07 -39.41
C ALA K 73 -0.09 31.22 -38.55
N ALA K 74 1.19 31.12 -38.93
CA ALA K 74 2.14 30.34 -38.16
C ALA K 74 2.15 30.80 -36.70
N ASP K 75 2.20 32.12 -36.49
CA ASP K 75 2.22 32.65 -35.12
C ASP K 75 0.88 32.44 -34.40
N VAL K 76 -0.24 32.67 -35.10
CA VAL K 76 -1.54 32.49 -34.42
C VAL K 76 -1.70 31.04 -33.98
N ARG K 77 -1.41 30.11 -34.89
CA ARG K 77 -1.46 28.70 -34.55
C ARG K 77 -0.49 28.39 -33.42
N LEU K 78 0.70 29.00 -33.42
CA LEU K 78 1.58 28.80 -32.29
C LEU K 78 0.93 29.21 -30.98
N MET K 79 0.23 30.34 -30.97
CA MET K 79 -0.51 30.78 -29.78
C MET K 79 -1.46 29.69 -29.29
N PHE K 80 -2.29 29.19 -30.20
CA PHE K 80 -3.22 28.15 -29.83
C PHE K 80 -2.49 26.87 -29.41
N SER K 81 -1.46 26.49 -30.18
CA SER K 81 -0.71 25.27 -29.90
C SER K 81 -0.07 25.32 -28.53
N ASN K 82 0.47 26.47 -28.13
CA ASN K 82 1.01 26.61 -26.79
C ASN K 82 -0.06 26.30 -25.77
N CYS K 83 -1.24 26.88 -25.98
CA CYS K 83 -2.29 26.68 -24.98
C CYS K 83 -2.67 25.20 -24.87
N TYR K 84 -2.77 24.52 -26.01
CA TYR K 84 -3.07 23.09 -25.97
C TYR K 84 -1.93 22.30 -25.33
N LYS K 85 -0.69 22.65 -25.63
CA LYS K 85 0.43 21.92 -25.06
C LYS K 85 0.42 22.02 -23.54
N TYR K 86 0.25 23.24 -23.04
CA TYR K 86 0.47 23.44 -21.62
C TYR K 86 -0.65 22.83 -20.78
N ASN K 87 -1.86 22.91 -21.26
CA ASN K 87 -2.99 22.55 -20.43
C ASN K 87 -3.45 21.13 -20.69
N PRO K 88 -4.14 20.51 -19.73
CA PRO K 88 -4.82 19.26 -20.01
C PRO K 88 -5.98 19.50 -20.93
N PRO K 89 -6.39 18.50 -21.70
CA PRO K 89 -7.34 18.75 -22.78
C PRO K 89 -8.79 18.94 -22.34
N ASP K 90 -9.09 18.90 -21.04
CA ASP K 90 -10.46 19.13 -20.57
C ASP K 90 -10.57 20.44 -19.81
N HIS K 91 -9.50 21.23 -19.82
CA HIS K 91 -9.47 22.55 -19.21
C HIS K 91 -10.35 23.53 -19.98
N GLU K 92 -11.03 24.43 -19.25
CA GLU K 92 -11.90 25.41 -19.89
C GLU K 92 -11.12 26.36 -20.79
N VAL K 93 -9.88 26.70 -20.40
CA VAL K 93 -9.07 27.56 -21.26
C VAL K 93 -8.87 26.89 -22.60
N VAL K 94 -8.76 25.56 -22.61
CA VAL K 94 -8.58 24.87 -23.87
C VAL K 94 -9.85 24.96 -24.71
N ALA K 95 -11.00 24.94 -24.03
CA ALA K 95 -12.31 25.05 -24.73
C ALA K 95 -12.41 26.44 -25.39
N MET K 96 -11.96 27.48 -24.67
CA MET K 96 -12.01 28.87 -25.18
C MET K 96 -11.05 29.01 -26.36
N ALA K 97 -9.85 28.43 -26.25
CA ALA K 97 -8.84 28.50 -27.33
C ALA K 97 -9.40 27.88 -28.62
N ARG K 98 -10.09 26.75 -28.49
CA ARG K 98 -10.68 26.05 -29.66
C ARG K 98 -11.78 26.93 -30.27
N LYS K 99 -12.53 27.64 -29.41
CA LYS K 99 -13.62 28.53 -29.89
C LYS K 99 -12.98 29.68 -30.67
N LEU K 100 -11.84 30.17 -30.20
CA LEU K 100 -11.13 31.29 -30.88
C LEU K 100 -10.50 30.75 -32.16
N GLN K 101 -9.86 29.58 -32.10
CA GLN K 101 -9.26 29.03 -33.30
C GLN K 101 -10.34 28.74 -34.34
N ASP K 102 -11.56 28.42 -33.90
CA ASP K 102 -12.65 28.28 -34.85
C ASP K 102 -12.81 29.55 -35.64
N VAL K 103 -12.91 30.68 -34.93
CA VAL K 103 -13.01 31.97 -35.60
C VAL K 103 -11.82 32.17 -36.55
N PHE K 104 -10.61 31.98 -36.05
CA PHE K 104 -9.44 32.27 -36.87
C PHE K 104 -9.40 31.40 -38.13
N GLU K 105 -9.52 30.07 -37.98
CA GLU K 105 -9.40 29.17 -39.14
C GLU K 105 -10.55 29.39 -40.13
N MET K 106 -11.76 29.66 -39.63
CA MET K 106 -12.87 29.98 -40.52
C MET K 106 -12.63 31.25 -41.32
N ARG K 107 -12.27 32.34 -40.66
CA ARG K 107 -12.04 33.56 -41.43
C ARG K 107 -10.81 33.42 -42.32
N PHE K 108 -9.79 32.71 -41.84
CA PHE K 108 -8.57 32.58 -42.62
C PHE K 108 -8.80 31.76 -43.89
N ALA K 109 -9.55 30.64 -43.75
CA ALA K 109 -9.89 29.81 -44.90
C ALA K 109 -10.62 30.62 -45.95
N LYS K 110 -11.46 31.56 -45.52
CA LYS K 110 -12.25 32.36 -46.43
C LYS K 110 -11.46 33.49 -47.06
N MET K 111 -10.14 33.45 -46.97
CA MET K 111 -9.37 34.53 -47.60
C MET K 111 -9.45 34.40 -49.12
N PRO K 112 -9.70 35.47 -49.89
CA PRO K 112 -9.77 35.39 -51.34
C PRO K 112 -8.41 35.09 -51.99
C 8L6 L . -20.30 20.23 -49.26
O 8L6 L . -17.76 19.22 -47.88
C1 8L6 L . -20.07 18.88 -48.63
C10 8L6 L . -22.48 18.38 -49.79
C11 8L6 L . -23.63 18.27 -48.77
C12 8L6 L . -22.96 17.74 -47.49
C13 8L6 L . -23.84 16.90 -46.52
C14 8L6 L . -25.06 17.69 -46.06
C15 8L6 L . -25.83 17.05 -44.96
C16 8L6 L . -25.24 15.94 -44.04
C17 8L6 L . -23.88 15.40 -44.39
C18 8L6 L . -23.89 14.08 -45.16
C19 8L6 L . -23.06 16.44 -45.26
C2 8L6 L . -18.53 18.44 -48.77
C20 8L6 L . -21.69 15.88 -45.64
C21 8L6 L . -21.03 16.59 -46.74
C22 8L6 L . -21.79 16.88 -47.97
C23 8L6 L . -22.23 15.51 -48.66
C24 8L6 L . -21.09 13.37 -48.50
C25 8L6 L . -19.83 12.53 -48.50
C26 8L6 L . -26.12 15.49 -42.88
C27 8L6 L . -25.30 15.73 -41.67
C28 8L6 L . -23.95 15.57 -41.75
C29 8L6 L . -23.29 15.16 -43.00
C3 8L6 L . -16.44 18.88 -47.77
C4 8L6 L . -15.95 17.52 -47.76
C5 8L6 L . -14.53 17.23 -47.37
C6 8L6 L . -16.82 16.57 -48.11
C7 8L6 L . -16.38 15.13 -48.12
C8 8L6 L . -18.26 16.94 -48.49
C9 8L6 L . -21.18 17.80 -49.11
O1 8L6 L . -15.73 19.89 -47.70
O2 8L6 L . -20.29 19.15 -47.18
O3 8L6 L . -20.49 16.97 -50.01
O4 8L6 L . -22.40 18.84 -46.81
O5 8L6 L . -21.11 14.65 -48.95
O6 8L6 L . -22.15 12.90 -48.09
O7 8L6 L . -26.17 15.63 -45.14
O8 8L6 L . -22.19 14.61 -42.92
CL CL M . 2.66 25.02 -35.18
C 8L6 N . -15.20 7.63 6.90
O 8L6 N . -13.09 8.99 4.96
C1 8L6 N . -15.29 8.90 6.09
C10 8L6 N . -17.68 9.07 7.40
C11 8L6 N . -18.98 9.19 6.58
C12 8L6 N . -18.51 9.70 5.21
C13 8L6 N . -19.56 10.48 4.35
C14 8L6 N . -20.80 9.63 4.11
C15 8L6 N . -21.79 10.27 3.22
C16 8L6 N . -21.41 11.36 2.17
C17 8L6 N . -19.98 11.87 2.16
C18 8L6 N . -19.81 13.29 2.72
C19 8L6 N . -18.98 10.90 2.98
C2 8L6 N . -13.83 9.60 5.98
C20 8L6 N . -17.59 11.52 3.14
C21 8L6 N . -16.75 10.91 4.19
C22 8L6 N . -17.33 10.65 5.52
C23 8L6 N . -17.78 12.05 6.16
C24 8L6 N . -16.80 14.26 5.87
C25 8L6 N . -15.59 15.07 5.46
C26 8L6 N . -22.55 11.88 1.29
C27 8L6 N . -22.08 11.78 -0.12
C28 8L6 N . -20.75 11.80 -0.38
C29 8L6 N . -19.71 11.91 0.66
C3 8L6 N . -11.87 9.54 4.67
C4 8L6 N . -11.65 10.97 4.61
C5 8L6 N . -10.39 11.52 3.97
C6 8L6 N . -12.60 11.76 5.14
C7 8L6 N . -12.43 13.26 5.11
C8 8L6 N . -13.85 11.14 5.76
C9 8L6 N . -16.52 9.83 6.62
O1 8L6 N . -11.01 8.68 4.51
O2 8L6 N . -15.65 8.42 4.73
O3 8L6 N . -15.91 10.75 7.48
O4 8L6 N . -18.01 8.62 4.49
O5 8L6 N . -16.70 12.98 6.33
O6 8L6 N . -17.91 14.76 5.81
O7 8L6 N . -22.02 11.71 3.46
O8 8L6 N . -18.55 12.03 0.26
CL CL O . 1.31 3.61 -1.25
C 8L6 P . 17.47 -43.03 0.97
O 8L6 P . 14.73 -43.00 2.34
C1 8L6 P . 17.03 -42.17 2.13
C10 8L6 P . 19.44 -40.99 1.67
C11 8L6 P . 20.51 -41.05 2.78
C12 8L6 P . 19.69 -41.27 4.07
C13 8L6 P . 20.32 -40.75 5.40
C14 8L6 P . 21.71 -41.37 5.61
C15 8L6 P . 22.30 -41.13 6.95
C16 8L6 P . 21.44 -40.73 8.19
C17 8L6 P . 19.97 -40.44 7.97
C18 8L6 P . 19.63 -38.95 7.90
C19 8L6 P . 19.45 -41.10 6.62
C2 8L6 P . 15.46 -41.85 2.02
C20 8L6 P . 17.98 -40.71 6.35
C21 8L6 P . 17.53 -40.94 4.97
C22 8L6 P . 18.39 -40.50 3.86
C23 8L6 P . 18.56 -38.93 3.92
C24 8L6 P . 17.01 -37.18 4.46
C25 8L6 P . 15.58 -36.69 4.58
C26 8L6 P . 22.18 -40.68 9.52
C27 8L6 P . 21.46 -41.65 10.38
C28 8L6 P . 20.12 -41.80 10.23
C29 8L6 P . 19.37 -41.02 9.23
C3 8L6 P . 13.38 -42.88 2.44
C4 8L6 P . 12.71 -41.68 2.90
C5 8L6 P . 11.22 -41.67 3.08
C6 8L6 P . 13.48 -40.59 3.14
C7 8L6 P . 12.85 -39.31 3.60
C8 8L6 P . 14.99 -40.69 2.92
C9 8L6 P . 18.02 -40.89 2.34
O1 8L6 P . 12.80 -43.92 2.10
O2 8L6 P . 17.17 -43.06 3.31
O3 8L6 P . 17.29 -39.83 1.79
O4 8L6 P . 19.39 -42.63 4.17
O5 8L6 P . 17.35 -38.22 3.66
O6 8L6 P . 17.90 -36.63 5.09
O7 8L6 P . 22.24 -39.74 7.46
O8 8L6 P . 18.17 -40.83 9.45
C 8L6 Q . 15.36 23.86 14.86
O 8L6 Q . 18.39 23.52 14.10
C1 8L6 Q . 16.31 22.73 15.20
C10 8L6 Q . 14.03 21.63 16.22
C11 8L6 Q . 14.02 21.28 17.72
C12 8L6 Q . 15.50 21.11 18.08
C13 8L6 Q . 15.82 20.18 19.31
C14 8L6 Q . 15.12 20.67 20.57
C15 8L6 Q . 15.46 19.89 21.78
C16 8L6 Q . 16.80 19.10 21.94
C17 8L6 Q . 17.71 19.02 20.74
C18 8L6 Q . 17.73 17.65 20.05
C19 8L6 Q . 17.34 20.11 19.61
C2 8L6 Q . 17.37 22.55 14.00
C20 8L6 Q . 18.13 19.88 18.30
C21 8L6 Q . 17.60 20.61 17.14
C22 8L6 Q . 16.17 20.52 16.83
C23 8L6 Q . 15.79 19.00 16.55
C24 8L6 Q . 16.92 17.12 15.57
C25 8L6 Q . 17.97 16.52 14.66
C26 8L6 Q . 17.04 18.45 23.29
C27 8L6 Q . 18.33 19.03 23.77
C28 8L6 Q . 19.26 19.40 22.87
C29 8L6 Q . 19.07 19.25 21.41
C3 8L6 Q . 19.39 23.45 13.20
C4 8L6 Q . 19.96 22.20 12.75
C5 8L6 Q . 21.23 22.19 11.94
C6 8L6 Q . 19.31 21.08 13.09
C7 8L6 Q . 19.86 19.74 12.64
C8 8L6 Q . 18.04 21.15 13.92
C9 8L6 Q . 15.51 21.40 15.67
O1 8L6 Q . 19.73 24.57 12.82
O2 8L6 Q . 17.06 23.25 16.37
O3 8L6 Q . 15.45 20.62 14.50
O4 8L6 Q . 16.04 22.38 18.30
O5 8L6 Q . 16.57 18.42 15.50
O6 8L6 Q . 16.36 16.42 16.41
O7 8L6 Q . 15.54 18.43 21.61
O8 8L6 Q . 20.08 19.34 20.71
CL CL R . 39.69 34.23 8.99
C 8L6 S . -8.98 -17.07 -2.16
O 8L6 S . -11.04 -18.39 -0.20
C1 8L6 S . -9.87 -18.27 -2.38
C10 8L6 S . -8.43 -18.38 -4.70
C11 8L6 S . -9.23 -18.15 -5.99
C12 8L6 S . -10.67 -18.55 -5.64
C13 8L6 S . -11.58 -19.05 -6.81
C14 8L6 S . -11.69 -17.99 -7.90
C15 8L6 S . -12.67 -18.29 -8.96
C16 8L6 S . -13.88 -19.26 -8.76
C17 8L6 S . -13.97 -20.01 -7.44
C18 8L6 S . -13.63 -21.50 -7.55
C19 8L6 S . -13.01 -19.37 -6.31
C2 8L6 S . -10.09 -19.06 -0.99
C20 8L6 S . -12.95 -20.27 -5.07
C21 8L6 S . -11.88 -19.92 -4.12
C22 8L6 S . -10.51 -19.70 -4.63
C23 8L6 S . -9.97 -21.05 -5.29
C24 8L6 S . -10.62 -23.27 -4.61
C25 8L6 S . -11.09 -24.20 -3.52
C26 8L6 S . -14.82 -19.42 -9.94
C27 8L6 S . -16.20 -19.25 -9.41
C28 8L6 S . -16.47 -19.46 -8.10
C29 8L6 S . -15.44 -19.86 -7.13
C3 8L6 S . -11.42 -19.00 0.95
C4 8L6 S . -11.67 -20.43 1.05
C5 8L6 S . -12.39 -20.99 2.24
C6 8L6 S . -11.23 -21.18 0.03
C7 8L6 S . -11.44 -22.67 0.05
C8 8L6 S . -10.52 -20.55 -1.16
C9 8L6 S . -9.36 -19.15 -3.67
O1 8L6 S . -11.53 -18.19 1.87
O2 8L6 S . -11.20 -17.70 -2.73
O3 8L6 S . -8.68 -20.25 -3.13
O4 8L6 S . -11.28 -17.50 -4.96
O5 8L6 S . -9.90 -22.15 -4.36
O6 8L6 S . -10.87 -23.54 -5.79
O7 8L6 S . -12.66 -19.69 -9.45
O8 8L6 S . -15.82 -20.07 -5.97
C 8L6 T . -43.43 -9.48 11.18
O 8L6 T . -40.38 -8.56 11.53
C1 8L6 T . -42.70 -8.25 10.68
C10 8L6 T . -45.17 -7.64 9.75
C11 8L6 T . -45.31 -7.46 8.21
C12 8L6 T . -43.89 -7.09 7.75
C13 8L6 T . -43.78 -6.22 6.46
C14 8L6 T . -44.44 -6.91 5.28
C15 8L6 T . -44.26 -6.21 3.98
C16 8L6 T . -43.08 -5.21 3.73
C17 8L6 T . -42.21 -4.84 4.90
C18 8L6 T . -42.51 -3.47 5.50
C19 8L6 T . -42.31 -5.91 6.08
C2 8L6 T . -41.56 -7.82 11.76
C20 8L6 T . -41.52 -5.46 7.30
C21 8L6 T . -41.88 -6.15 8.55
C22 8L6 T . -43.29 -6.27 8.91
C23 8L6 T . -43.91 -4.80 9.05
C24 8L6 T . -42.98 -2.73 9.85
C25 8L6 T . -42.04 -1.94 10.73
C26 8L6 T . -42.99 -4.65 2.32
C27 8L6 T . -41.57 -4.87 1.88
C28 8L6 T . -40.59 -4.94 2.80
C29 8L6 T . -40.84 -4.80 4.25
C3 8L6 T . -39.32 -8.24 12.32
C4 8L6 T . -38.96 -6.87 12.66
C5 8L6 T . -37.62 -6.57 13.30
C6 8L6 T . -39.88 -5.93 12.41
C7 8L6 T . -39.58 -4.50 12.75
C8 8L6 T . -41.21 -6.30 11.77
C9 8L6 T . -43.75 -7.11 10.18
O1 8L6 T . -38.71 -9.25 12.68
O2 8L6 T . -41.98 -8.74 9.46
O3 8L6 T . -43.87 -6.24 11.26
O4 8L6 T . -43.15 -8.26 7.61
O5 8L6 T . -43.28 -4.03 10.08
O6 8L6 T . -43.49 -2.20 8.86
O7 8L6 T . -44.44 -4.73 4.01
O8 8L6 T . -39.85 -4.67 4.98
CL CL U . -0.45 25.89 8.20
C 8L6 V . -8.68 30.22 36.98
O 8L6 V . -7.15 30.25 34.22
C1 8L6 V . -7.62 29.27 36.45
C10 8L6 V . -8.21 27.98 38.78
C11 8L6 V . -7.07 27.97 39.81
C12 8L6 V . -5.79 28.05 38.96
C13 8L6 V . -4.49 27.38 39.57
C14 8L6 V . -4.13 27.99 40.92
C15 8L6 V . -2.80 27.58 41.46
C16 8L6 V . -1.67 26.99 40.55
C17 8L6 V . -2.00 26.71 39.10
C18 8L6 V . -2.31 25.25 38.80
C19 8L6 V . -3.27 27.57 38.63
C2 8L6 V . -7.74 29.13 34.86
C20 8L6 V . -3.63 27.23 37.18
C21 8L6 V . -4.98 27.65 36.78
C22 8L6 V . -6.13 27.33 37.64
C23 8L6 V . -6.27 25.74 37.76
C24 8L6 V . -5.73 24.17 35.98
C25 8L6 V . -5.74 23.83 34.50
C26 8L6 V . -0.33 26.75 41.23
C27 8L6 V . 0.65 27.56 40.45
C28 8L6 V . 0.44 27.70 39.12
C29 8L6 V . -0.71 27.10 38.42
C3 8L6 V . -7.07 30.21 32.88
C4 8L6 V . -6.63 29.05 32.15
C5 8L6 V . -6.17 29.17 30.72
C6 8L6 V . -6.66 27.88 32.82
C7 8L6 V . -6.22 26.61 32.13
C8 8L6 V . -7.13 27.83 34.27
C9 8L6 V . -7.58 27.90 37.34
O1 8L6 V . -7.42 31.29 32.37
O2 8L6 V . -6.34 29.98 36.72
O3 8L6 V . -8.26 26.95 36.56
O4 8L6 V . -5.54 29.39 38.67
O5 8L6 V . -6.59 25.09 36.52
O6 8L6 V . -4.92 23.63 36.74
O7 8L6 V . -2.50 26.13 41.41
O8 8L6 V . -0.60 26.90 37.21
C 8L6 W . -3.80 -37.61 25.90
O 8L6 W . -4.41 -37.60 28.88
C1 8L6 W . -3.26 -36.65 26.92
C10 8L6 W . -2.21 -35.51 24.67
C11 8L6 W . -0.69 -35.36 24.58
C12 8L6 W . -0.23 -35.37 26.05
C13 8L6 W . 1.12 -34.64 26.38
C14 8L6 W . 2.27 -35.23 25.60
C15 8L6 W . 3.60 -34.71 25.97
C16 8L6 W . 3.91 -34.05 27.35
C17 8L6 W . 2.73 -33.83 28.30
C18 8L6 W . 2.26 -32.37 28.37
C19 8L6 W . 1.47 -34.72 27.89
C2 8L6 W . -4.34 -36.44 28.09
C20 8L6 W . 0.26 -34.40 28.75
C21 8L6 W . -1.01 -34.90 28.23
C22 8L6 W . -1.36 -34.67 26.82
C23 8L6 W . -1.42 -33.09 26.54
C24 8L6 W . -2.11 -31.44 28.13
C25 8L6 W . -2.97 -31.07 29.33
C26 8L6 W . 5.34 -33.61 27.58
C27 8L6 W . 5.73 -34.04 28.96
C28 8L6 W . 4.78 -34.31 29.89
C29 8L6 W . 3.34 -34.21 29.62
C3 8L6 W . -5.25 -37.58 29.94
C4 8L6 W . -5.52 -36.37 30.71
C5 8L6 W . -6.42 -36.43 31.92
C6 8L6 W . -4.96 -35.24 30.29
C7 8L6 W . -5.21 -33.96 31.03
C8 8L6 W . -4.07 -35.25 29.06
C9 8L6 W . -2.66 -35.32 26.17
O1 8L6 W . -5.75 -38.68 30.12
O2 8L6 W . -2.13 -37.39 27.56
O3 8L6 W . -3.70 -34.39 26.26
O4 8L6 W . -0.18 -36.69 26.48
O5 8L6 W . -2.46 -32.42 27.27
O6 8L6 W . -1.07 -30.83 27.92
O7 8L6 W . 3.67 -33.25 26.14
O8 8L6 W . 2.59 -34.48 30.56
CL CL X . -10.57 -49.80 49.29
C 8L6 Y . -2.25 2.40 -28.18
O 8L6 Y . -1.81 1.11 -25.43
C1 8L6 Y . -2.90 1.16 -27.64
C10 8L6 Y . -3.91 1.08 -30.18
C11 8L6 Y . -5.45 1.20 -30.34
C12 8L6 Y . -6.02 0.67 -29.01
C13 8L6 Y . -7.44 -0.02 -29.06
C14 8L6 Y . -8.51 0.92 -29.58
C15 8L6 Y . -9.89 0.38 -29.52
C16 8L6 Y . -10.31 -0.77 -28.54
C17 8L6 Y . -9.22 -1.43 -27.73
C18 8L6 Y . -8.79 -2.81 -28.25
C19 8L6 Y . -7.90 -0.52 -27.66
C2 8L6 Y . -1.89 0.39 -26.65
C20 8L6 Y . -6.76 -1.26 -26.93
C21 8L6 Y . -5.44 -0.67 -27.15
C22 8L6 Y . -5.02 -0.39 -28.53
C23 8L6 Y . -5.09 -1.75 -29.39
C24 8L6 Y . -4.30 -3.87 -28.55
C25 8L6 Y . -3.28 -4.67 -27.77
C26 8L6 Y . -11.78 -1.16 -28.57
C27 8L6 Y . -12.23 -1.16 -27.15
C28 8L6 Y . -11.34 -1.38 -26.14
C29 8L6 Y . -9.90 -1.63 -26.40
C3 8L6 Y . -1.13 0.54 -24.40
C4 8L6 Y . -1.11 -0.89 -24.14
C5 8L6 Y . -0.47 -1.44 -22.89
C6 8L6 Y . -1.65 -1.69 -25.08
C7 8L6 Y . -1.66 -3.18 -24.87
C8 8L6 Y . -2.28 -1.09 -26.33
C9 8L6 Y . -3.60 0.28 -28.84
O1 8L6 Y . -0.56 1.38 -23.71
O2 8L6 Y . -4.00 1.66 -26.77
O3 8L6 Y . -2.67 -0.73 -29.10
O4 8L6 Y . -6.03 1.72 -28.09
O5 8L6 Y . -4.02 -2.66 -29.09
O6 8L6 Y . -5.43 -4.33 -28.70
O7 8L6 Y . -10.04 -1.02 -29.97
O8 8L6 Y . -9.24 -2.00 -25.43
C 8L6 Z . 30.83 -5.16 -27.30
O 8L6 Z . 32.49 -4.75 -24.75
C1 8L6 Z . 31.74 -3.99 -26.97
C10 8L6 Z . 30.75 -3.08 -29.34
C11 8L6 Z . 31.74 -2.79 -30.49
C12 8L6 Z . 33.08 -2.54 -29.76
C13 8L6 Z . 34.11 -1.63 -30.49
C14 8L6 Z . 34.45 -2.19 -31.88
C15 8L6 Z . 35.51 -1.45 -32.57
C16 8L6 Z . 36.62 -0.65 -31.82
C17 8L6 Z . 36.48 -0.48 -30.33
C18 8L6 Z . 36.07 0.93 -29.89
C19 8L6 Z . 35.43 -1.52 -29.69
C2 8L6 Z . 31.73 -3.74 -25.37
C20 8L6 Z . 35.14 -1.19 -28.23
C21 8L6 Z . 33.96 -1.87 -27.68
C22 8L6 Z . 32.70 -1.86 -28.44
C23 8L6 Z . 32.21 -0.36 -28.63
C24 8L6 Z . 32.62 1.49 -27.14
C25 8L6 Z . 32.73 2.07 -25.74
C26 8L6 Z . 37.70 -0.04 -32.69
C27 8L6 Z . 39.00 -0.51 -32.12
C28 8L6 Z . 39.07 -0.83 -30.81
C29 8L6 Z . 37.92 -0.75 -29.89
C3 8L6 Z . 32.73 -4.63 -23.41
C4 8L6 Z . 33.01 -3.37 -22.76
C5 8L6 Z . 33.56 -3.35 -21.35
C6 8L6 Z . 32.78 -2.25 -23.46
C7 8L6 Z . 33.06 -0.90 -22.85
C8 8L6 Z . 32.23 -2.34 -24.90
C9 8L6 Z . 31.43 -2.72 -27.97
O1 8L6 Z . 32.66 -5.73 -22.86
O2 8L6 Z . 33.10 -4.50 -27.29
O3 8L6 Z . 30.59 -1.89 -27.23
O4 8L6 Z . 33.66 -3.78 -29.47
O5 8L6 Z . 31.99 0.32 -27.38
O6 8L6 Z . 33.12 2.09 -28.08
O7 8L6 Z . 35.46 0.01 -32.45
O8 8L6 Z . 38.15 -0.92 -28.70
CL CL AA . 45.21 -14.87 -5.91
C 8L6 BA . -3.19 27.28 -16.74
O 8L6 BA . -3.45 28.56 -19.57
C1 8L6 BA . -3.99 28.48 -17.16
C10 8L6 BA . -4.41 28.62 -14.48
C11 8L6 BA . -5.86 28.24 -14.08
C12 8L6 BA . -6.71 28.70 -15.30
C13 8L6 BA . -8.16 29.21 -14.99
C14 8L6 BA . -8.96 28.19 -14.19
C15 8L6 BA . -10.43 28.45 -14.12
C16 8L6 BA . -11.17 29.40 -15.11
C17 8L6 BA . -10.31 30.24 -16.03
C18 8L6 BA . -10.02 31.64 -15.51
C19 8L6 BA . -8.91 29.54 -16.30
C2 8L6 BA . -3.26 29.26 -18.36
C20 8L6 BA . -8.07 30.41 -17.23
C21 8L6 BA . -6.63 30.11 -17.20
C22 8L6 BA . -5.95 29.88 -15.90
C23 8L6 BA . -6.01 31.21 -15.02
C24 8L6 BA . -5.88 33.40 -16.09
C25 8L6 BA . -5.33 34.13 -17.29
C26 8L6 BA . -12.68 29.39 -15.03
C27 8L6 BA . -13.13 29.03 -16.40
C28 8L6 BA . -12.41 29.49 -17.45
C29 8L6 BA . -11.22 30.36 -17.24
C3 8L6 BA . -2.93 29.15 -20.68
C4 8L6 BA . -2.99 30.59 -20.93
C5 8L6 BA . -2.63 31.14 -22.28
C6 8L6 BA . -3.35 31.37 -19.89
C7 8L6 BA . -3.42 32.85 -20.07
C8 8L6 BA . -3.70 30.74 -18.54
C9 8L6 BA . -4.46 29.35 -15.87
O1 8L6 BA . -2.43 28.32 -21.44
O2 8L6 BA . -5.23 27.87 -17.75
O3 8L6 BA . -3.62 30.47 -15.86
O4 8L6 BA . -6.74 27.66 -16.23
O5 8L6 BA . -5.25 32.31 -15.56
O6 8L6 BA . -6.92 33.78 -15.58
O7 8L6 BA . -10.86 29.81 -13.72
O8 8L6 BA . -10.98 31.20 -18.09
#